data_5GUF
# 
_entry.id   5GUF 
# 
_audit_conform.dict_name       mmcif_pdbx.dic 
_audit_conform.dict_version    5.387 
_audit_conform.dict_location   http://mmcif.pdb.org/dictionaries/ascii/mmcif_pdbx.dic 
# 
loop_
_database_2.database_id 
_database_2.database_code 
_database_2.pdbx_database_accession 
_database_2.pdbx_DOI 
PDB   5GUF         pdb_00005guf 10.2210/pdb5guf/pdb 
WWPDB D_1300001393 ?            ?                   
# 
loop_
_pdbx_audit_revision_history.ordinal 
_pdbx_audit_revision_history.data_content_type 
_pdbx_audit_revision_history.major_revision 
_pdbx_audit_revision_history.minor_revision 
_pdbx_audit_revision_history.revision_date 
1 'Structure model' 1 0 2017-10-11 
2 'Structure model' 1 1 2017-12-06 
3 'Structure model' 1 2 2024-03-20 
# 
_pdbx_audit_revision_details.ordinal             1 
_pdbx_audit_revision_details.revision_ordinal    1 
_pdbx_audit_revision_details.data_content_type   'Structure model' 
_pdbx_audit_revision_details.provider            repository 
_pdbx_audit_revision_details.type                'Initial release' 
_pdbx_audit_revision_details.description         ? 
_pdbx_audit_revision_details.details             ? 
# 
loop_
_pdbx_audit_revision_group.ordinal 
_pdbx_audit_revision_group.revision_ordinal 
_pdbx_audit_revision_group.data_content_type 
_pdbx_audit_revision_group.group 
1 2 'Structure model' 'Database references'  
2 3 'Structure model' 'Data collection'      
3 3 'Structure model' 'Database references'  
4 3 'Structure model' 'Derived calculations' 
# 
loop_
_pdbx_audit_revision_category.ordinal 
_pdbx_audit_revision_category.revision_ordinal 
_pdbx_audit_revision_category.data_content_type 
_pdbx_audit_revision_category.category 
1 2 'Structure model' citation               
2 3 'Structure model' chem_comp_atom         
3 3 'Structure model' chem_comp_bond         
4 3 'Structure model' database_2             
5 3 'Structure model' pdbx_struct_conn_angle 
6 3 'Structure model' struct_conn            
# 
loop_
_pdbx_audit_revision_item.ordinal 
_pdbx_audit_revision_item.revision_ordinal 
_pdbx_audit_revision_item.data_content_type 
_pdbx_audit_revision_item.item 
1  2 'Structure model' '_citation.journal_volume'                  
2  2 'Structure model' '_citation.page_first'                      
3  2 'Structure model' '_citation.page_last'                       
4  3 'Structure model' '_database_2.pdbx_DOI'                      
5  3 'Structure model' '_database_2.pdbx_database_accession'       
6  3 'Structure model' '_pdbx_struct_conn_angle.ptnr1_auth_seq_id' 
7  3 'Structure model' '_pdbx_struct_conn_angle.ptnr3_auth_seq_id' 
8  3 'Structure model' '_pdbx_struct_conn_angle.value'             
9  3 'Structure model' '_struct_conn.pdbx_dist_value'              
10 3 'Structure model' '_struct_conn.ptnr1_label_atom_id'          
11 3 'Structure model' '_struct_conn.ptnr2_auth_comp_id'           
12 3 'Structure model' '_struct_conn.ptnr2_auth_seq_id'            
13 3 'Structure model' '_struct_conn.ptnr2_label_asym_id'          
14 3 'Structure model' '_struct_conn.ptnr2_label_atom_id'          
15 3 'Structure model' '_struct_conn.ptnr2_label_comp_id'          
# 
_pdbx_database_status.status_code                     REL 
_pdbx_database_status.status_code_sf                  REL 
_pdbx_database_status.status_code_mr                  ? 
_pdbx_database_status.entry_id                        5GUF 
_pdbx_database_status.recvd_initial_deposition_date   2016-08-29 
_pdbx_database_status.SG_entry                        N 
_pdbx_database_status.deposit_site                    PDBJ 
_pdbx_database_status.process_site                    PDBJ 
_pdbx_database_status.status_code_cs                  ? 
_pdbx_database_status.methods_development_category    ? 
_pdbx_database_status.pdb_format_compatible           Y 
_pdbx_database_status.status_code_nmr_data            ? 
# 
loop_
_audit_author.name 
_audit_author.pdbx_ordinal 
_audit_author.identifier_ORCID 
'Cheng, W.' 1 ? 
'Ren, S.'   2 ? 
# 
_citation.abstract                  ? 
_citation.abstract_id_CAS           ? 
_citation.book_id_ISBN              ? 
_citation.book_publisher            ? 
_citation.book_publisher_city       ? 
_citation.book_title                ? 
_citation.coordinate_linkage        ? 
_citation.country                   CN 
_citation.database_id_Medline       ? 
_citation.details                   ? 
_citation.id                        primary 
_citation.journal_abbrev            'Cell Res.' 
_citation.journal_id_ASTM           ? 
_citation.journal_id_CSD            ? 
_citation.journal_id_ISSN           1748-7838 
_citation.journal_full              ? 
_citation.journal_issue             ? 
_citation.journal_volume            27 
_citation.language                  ? 
_citation.page_first                1378 
_citation.page_last                 1391 
_citation.title                     'Structural and mechanistic insights into the biosynthesis of CDP-archaeol in membranes.' 
_citation.year                      2017 
_citation.database_id_CSD           ? 
_citation.pdbx_database_id_DOI      10.1038/cr.2017.122 
_citation.pdbx_database_id_PubMed   28961231 
_citation.unpublished_flag          ? 
# 
loop_
_citation_author.citation_id 
_citation_author.name 
_citation_author.ordinal 
_citation_author.identifier_ORCID 
primary 'Ren, S.'        1  ? 
primary 'Caforio, A.'    2  ? 
primary 'Yang, Q.'       3  ? 
primary 'Sun, B.'        4  ? 
primary 'Yu, F.'         5  ? 
primary 'Zhu, X.'        6  ? 
primary 'Wang, J.'       7  ? 
primary 'Dou, C.'        8  ? 
primary 'Fu, Q.'         9  ? 
primary 'Huang, N.'      10 ? 
primary 'Sun, Q.'        11 ? 
primary 'Nie, C.'        12 ? 
primary 'Qi, S.'         13 ? 
primary 'Gong, X.'       14 ? 
primary 'He, J.'         15 ? 
primary 'Wei, Y.'        16 ? 
primary 'Driessen, A.J.' 17 ? 
primary 'Cheng, W.'      18 ? 
# 
loop_
_entity.id 
_entity.type 
_entity.src_method 
_entity.pdbx_description 
_entity.formula_weight 
_entity.pdbx_number_of_molecules 
_entity.pdbx_ec 
_entity.pdbx_mutation 
_entity.pdbx_fragment 
_entity.details 
1 polymer     man 'CDP-archaeol synthase'    19040.424 1  2.7.7.67 ? ? ? 
2 non-polymer syn "CYTIDINE-5'-TRIPHOSPHATE" 483.156   1  ?        ? ? ? 
3 non-polymer syn 'MAGNESIUM ION'            24.305    3  ?        ? ? ? 
4 non-polymer syn 'POTASSIUM ION'            39.098    1  ?        ? ? ? 
5 water       nat water                      18.015    74 ?        ? ? ? 
# 
_entity_name_com.entity_id   1 
_entity_name_com.name        'CDP-2,3-bis-(O-geranylgeranyl)-sn-glycerol synthase' 
# 
_entity_poly.entity_id                      1 
_entity_poly.type                           'polypeptide(L)' 
_entity_poly.nstd_linkage                   no 
_entity_poly.nstd_monomer                   no 
_entity_poly.pdbx_seq_one_letter_code       
;MALELAVDWRIDNILEAIILMLPAMIANATPVVAGGRRPVDMGVVLPDGRRLLGDGKTIEGLLAGFAAGSAAGVLAALAS
GNMLLAVHSPAIALGALAGDMAGSFVKRRLGIERGRPAPLLDQLDFYLGALAVSIALGYTWTPRVAVEAAAAVLLLHLAA
NITAYLLGLKKVPWLEHHHHHH
;
_entity_poly.pdbx_seq_one_letter_code_can   
;MALELAVDWRIDNILEAIILMLPAMIANATPVVAGGRRPVDMGVVLPDGRRLLGDGKTIEGLLAGFAAGSAAGVLAALAS
GNMLLAVHSPAIALGALAGDMAGSFVKRRLGIERGRPAPLLDQLDFYLGALAVSIALGYTWTPRVAVEAAAAVLLLHLAA
NITAYLLGLKKVPWLEHHHHHH
;
_entity_poly.pdbx_strand_id                 A 
_entity_poly.pdbx_target_identifier         ? 
# 
loop_
_pdbx_entity_nonpoly.entity_id 
_pdbx_entity_nonpoly.name 
_pdbx_entity_nonpoly.comp_id 
2 "CYTIDINE-5'-TRIPHOSPHATE" CTP 
3 'MAGNESIUM ION'            MG  
4 'POTASSIUM ION'            K   
5 water                      HOH 
# 
loop_
_entity_poly_seq.entity_id 
_entity_poly_seq.num 
_entity_poly_seq.mon_id 
_entity_poly_seq.hetero 
1 1   MET n 
1 2   ALA n 
1 3   LEU n 
1 4   GLU n 
1 5   LEU n 
1 6   ALA n 
1 7   VAL n 
1 8   ASP n 
1 9   TRP n 
1 10  ARG n 
1 11  ILE n 
1 12  ASP n 
1 13  ASN n 
1 14  ILE n 
1 15  LEU n 
1 16  GLU n 
1 17  ALA n 
1 18  ILE n 
1 19  ILE n 
1 20  LEU n 
1 21  MET n 
1 22  LEU n 
1 23  PRO n 
1 24  ALA n 
1 25  MET n 
1 26  ILE n 
1 27  ALA n 
1 28  ASN n 
1 29  ALA n 
1 30  THR n 
1 31  PRO n 
1 32  VAL n 
1 33  VAL n 
1 34  ALA n 
1 35  GLY n 
1 36  GLY n 
1 37  ARG n 
1 38  ARG n 
1 39  PRO n 
1 40  VAL n 
1 41  ASP n 
1 42  MET n 
1 43  GLY n 
1 44  VAL n 
1 45  VAL n 
1 46  LEU n 
1 47  PRO n 
1 48  ASP n 
1 49  GLY n 
1 50  ARG n 
1 51  ARG n 
1 52  LEU n 
1 53  LEU n 
1 54  GLY n 
1 55  ASP n 
1 56  GLY n 
1 57  LYS n 
1 58  THR n 
1 59  ILE n 
1 60  GLU n 
1 61  GLY n 
1 62  LEU n 
1 63  LEU n 
1 64  ALA n 
1 65  GLY n 
1 66  PHE n 
1 67  ALA n 
1 68  ALA n 
1 69  GLY n 
1 70  SER n 
1 71  ALA n 
1 72  ALA n 
1 73  GLY n 
1 74  VAL n 
1 75  LEU n 
1 76  ALA n 
1 77  ALA n 
1 78  LEU n 
1 79  ALA n 
1 80  SER n 
1 81  GLY n 
1 82  ASN n 
1 83  MET n 
1 84  LEU n 
1 85  LEU n 
1 86  ALA n 
1 87  VAL n 
1 88  HIS n 
1 89  SER n 
1 90  PRO n 
1 91  ALA n 
1 92  ILE n 
1 93  ALA n 
1 94  LEU n 
1 95  GLY n 
1 96  ALA n 
1 97  LEU n 
1 98  ALA n 
1 99  GLY n 
1 100 ASP n 
1 101 MET n 
1 102 ALA n 
1 103 GLY n 
1 104 SER n 
1 105 PHE n 
1 106 VAL n 
1 107 LYS n 
1 108 ARG n 
1 109 ARG n 
1 110 LEU n 
1 111 GLY n 
1 112 ILE n 
1 113 GLU n 
1 114 ARG n 
1 115 GLY n 
1 116 ARG n 
1 117 PRO n 
1 118 ALA n 
1 119 PRO n 
1 120 LEU n 
1 121 LEU n 
1 122 ASP n 
1 123 GLN n 
1 124 LEU n 
1 125 ASP n 
1 126 PHE n 
1 127 TYR n 
1 128 LEU n 
1 129 GLY n 
1 130 ALA n 
1 131 LEU n 
1 132 ALA n 
1 133 VAL n 
1 134 SER n 
1 135 ILE n 
1 136 ALA n 
1 137 LEU n 
1 138 GLY n 
1 139 TYR n 
1 140 THR n 
1 141 TRP n 
1 142 THR n 
1 143 PRO n 
1 144 ARG n 
1 145 VAL n 
1 146 ALA n 
1 147 VAL n 
1 148 GLU n 
1 149 ALA n 
1 150 ALA n 
1 151 ALA n 
1 152 ALA n 
1 153 VAL n 
1 154 LEU n 
1 155 LEU n 
1 156 LEU n 
1 157 HIS n 
1 158 LEU n 
1 159 ALA n 
1 160 ALA n 
1 161 ASN n 
1 162 ILE n 
1 163 THR n 
1 164 ALA n 
1 165 TYR n 
1 166 LEU n 
1 167 LEU n 
1 168 GLY n 
1 169 LEU n 
1 170 LYS n 
1 171 LYS n 
1 172 VAL n 
1 173 PRO n 
1 174 TRP n 
1 175 LEU n 
1 176 GLU n 
1 177 HIS n 
1 178 HIS n 
1 179 HIS n 
1 180 HIS n 
1 181 HIS n 
1 182 HIS n 
# 
_entity_src_gen.entity_id                          1 
_entity_src_gen.pdbx_src_id                        1 
_entity_src_gen.pdbx_alt_source_flag               sample 
_entity_src_gen.pdbx_seq_type                      'Biological sequence' 
_entity_src_gen.pdbx_beg_seq_num                   1 
_entity_src_gen.pdbx_end_seq_num                   182 
_entity_src_gen.gene_src_common_name               ? 
_entity_src_gen.gene_src_genus                     ? 
_entity_src_gen.pdbx_gene_src_gene                 'carS, APE_0433' 
_entity_src_gen.gene_src_species                   ? 
_entity_src_gen.gene_src_strain                    'ATCC 700893 / DSM 11879 / JCM 9820 / NBRC 100138 / K1' 
_entity_src_gen.gene_src_tissue                    ? 
_entity_src_gen.gene_src_tissue_fraction           ? 
_entity_src_gen.gene_src_details                   ? 
_entity_src_gen.pdbx_gene_src_fragment             ? 
_entity_src_gen.pdbx_gene_src_scientific_name      'Aeropyrum pernix K1' 
_entity_src_gen.pdbx_gene_src_ncbi_taxonomy_id     272557 
_entity_src_gen.pdbx_gene_src_variant              ? 
_entity_src_gen.pdbx_gene_src_cell_line            ? 
_entity_src_gen.pdbx_gene_src_atcc                 ? 
_entity_src_gen.pdbx_gene_src_organ                ? 
_entity_src_gen.pdbx_gene_src_organelle            ? 
_entity_src_gen.pdbx_gene_src_cell                 ? 
_entity_src_gen.pdbx_gene_src_cellular_location    ? 
_entity_src_gen.host_org_common_name               ? 
_entity_src_gen.pdbx_host_org_scientific_name      'Escherichia coli-Pichia pastoris shuttle vector pPpARG4' 
_entity_src_gen.pdbx_host_org_ncbi_taxonomy_id     1182032 
_entity_src_gen.host_org_genus                     ? 
_entity_src_gen.pdbx_host_org_gene                 ? 
_entity_src_gen.pdbx_host_org_organ                ? 
_entity_src_gen.host_org_species                   ? 
_entity_src_gen.pdbx_host_org_tissue               ? 
_entity_src_gen.pdbx_host_org_tissue_fraction      ? 
_entity_src_gen.pdbx_host_org_strain               ? 
_entity_src_gen.pdbx_host_org_variant              ? 
_entity_src_gen.pdbx_host_org_cell_line            ? 
_entity_src_gen.pdbx_host_org_atcc                 ? 
_entity_src_gen.pdbx_host_org_culture_collection   ? 
_entity_src_gen.pdbx_host_org_cell                 ? 
_entity_src_gen.pdbx_host_org_organelle            ? 
_entity_src_gen.pdbx_host_org_cellular_location    ? 
_entity_src_gen.pdbx_host_org_vector_type          ? 
_entity_src_gen.pdbx_host_org_vector               ? 
_entity_src_gen.host_org_details                   ? 
_entity_src_gen.expression_system_id               ? 
_entity_src_gen.plasmid_name                       ? 
_entity_src_gen.plasmid_details                    ? 
_entity_src_gen.pdbx_description                   ? 
# 
loop_
_chem_comp.id 
_chem_comp.type 
_chem_comp.mon_nstd_flag 
_chem_comp.name 
_chem_comp.pdbx_synonyms 
_chem_comp.formula 
_chem_comp.formula_weight 
ALA 'L-peptide linking' y ALANINE                    ? 'C3 H7 N O2'       89.093  
ARG 'L-peptide linking' y ARGININE                   ? 'C6 H15 N4 O2 1'   175.209 
ASN 'L-peptide linking' y ASPARAGINE                 ? 'C4 H8 N2 O3'      132.118 
ASP 'L-peptide linking' y 'ASPARTIC ACID'            ? 'C4 H7 N O4'       133.103 
CTP non-polymer         . "CYTIDINE-5'-TRIPHOSPHATE" ? 'C9 H16 N3 O14 P3' 483.156 
GLN 'L-peptide linking' y GLUTAMINE                  ? 'C5 H10 N2 O3'     146.144 
GLU 'L-peptide linking' y 'GLUTAMIC ACID'            ? 'C5 H9 N O4'       147.129 
GLY 'peptide linking'   y GLYCINE                    ? 'C2 H5 N O2'       75.067  
HIS 'L-peptide linking' y HISTIDINE                  ? 'C6 H10 N3 O2 1'   156.162 
HOH non-polymer         . WATER                      ? 'H2 O'             18.015  
ILE 'L-peptide linking' y ISOLEUCINE                 ? 'C6 H13 N O2'      131.173 
K   non-polymer         . 'POTASSIUM ION'            ? 'K 1'              39.098  
LEU 'L-peptide linking' y LEUCINE                    ? 'C6 H13 N O2'      131.173 
LYS 'L-peptide linking' y LYSINE                     ? 'C6 H15 N2 O2 1'   147.195 
MET 'L-peptide linking' y METHIONINE                 ? 'C5 H11 N O2 S'    149.211 
MG  non-polymer         . 'MAGNESIUM ION'            ? 'Mg 2'             24.305  
PHE 'L-peptide linking' y PHENYLALANINE              ? 'C9 H11 N O2'      165.189 
PRO 'L-peptide linking' y PROLINE                    ? 'C5 H9 N O2'       115.130 
SER 'L-peptide linking' y SERINE                     ? 'C3 H7 N O3'       105.093 
THR 'L-peptide linking' y THREONINE                  ? 'C4 H9 N O3'       119.119 
TRP 'L-peptide linking' y TRYPTOPHAN                 ? 'C11 H12 N2 O2'    204.225 
TYR 'L-peptide linking' y TYROSINE                   ? 'C9 H11 N O3'      181.189 
VAL 'L-peptide linking' y VALINE                     ? 'C5 H11 N O2'      117.146 
# 
loop_
_pdbx_poly_seq_scheme.asym_id 
_pdbx_poly_seq_scheme.entity_id 
_pdbx_poly_seq_scheme.seq_id 
_pdbx_poly_seq_scheme.mon_id 
_pdbx_poly_seq_scheme.ndb_seq_num 
_pdbx_poly_seq_scheme.pdb_seq_num 
_pdbx_poly_seq_scheme.auth_seq_num 
_pdbx_poly_seq_scheme.pdb_mon_id 
_pdbx_poly_seq_scheme.auth_mon_id 
_pdbx_poly_seq_scheme.pdb_strand_id 
_pdbx_poly_seq_scheme.pdb_ins_code 
_pdbx_poly_seq_scheme.hetero 
A 1 1   MET 1   1   ?   ?   ?   A . n 
A 1 2   ALA 2   2   ?   ?   ?   A . n 
A 1 3   LEU 3   3   ?   ?   ?   A . n 
A 1 4   GLU 4   4   ?   ?   ?   A . n 
A 1 5   LEU 5   5   ?   ?   ?   A . n 
A 1 6   ALA 6   6   6   ALA ALA A . n 
A 1 7   VAL 7   7   7   VAL VAL A . n 
A 1 8   ASP 8   8   8   ASP ASP A . n 
A 1 9   TRP 9   9   9   TRP TRP A . n 
A 1 10  ARG 10  10  10  ARG ARG A . n 
A 1 11  ILE 11  11  11  ILE ILE A . n 
A 1 12  ASP 12  12  12  ASP ASP A . n 
A 1 13  ASN 13  13  13  ASN ASN A . n 
A 1 14  ILE 14  14  14  ILE ILE A . n 
A 1 15  LEU 15  15  15  LEU LEU A . n 
A 1 16  GLU 16  16  16  GLU GLU A . n 
A 1 17  ALA 17  17  17  ALA ALA A . n 
A 1 18  ILE 18  18  18  ILE ILE A . n 
A 1 19  ILE 19  19  19  ILE ILE A . n 
A 1 20  LEU 20  20  20  LEU LEU A . n 
A 1 21  MET 21  21  21  MET MET A . n 
A 1 22  LEU 22  22  22  LEU LEU A . n 
A 1 23  PRO 23  23  23  PRO PRO A . n 
A 1 24  ALA 24  24  24  ALA ALA A . n 
A 1 25  MET 25  25  25  MET MET A . n 
A 1 26  ILE 26  26  26  ILE ILE A . n 
A 1 27  ALA 27  27  27  ALA ALA A . n 
A 1 28  ASN 28  28  28  ASN ASN A . n 
A 1 29  ALA 29  29  29  ALA ALA A . n 
A 1 30  THR 30  30  30  THR THR A . n 
A 1 31  PRO 31  31  31  PRO PRO A . n 
A 1 32  VAL 32  32  32  VAL VAL A . n 
A 1 33  VAL 33  33  33  VAL VAL A . n 
A 1 34  ALA 34  34  34  ALA ALA A . n 
A 1 35  GLY 35  35  35  GLY GLY A . n 
A 1 36  GLY 36  36  36  GLY GLY A . n 
A 1 37  ARG 37  37  37  ARG ARG A . n 
A 1 38  ARG 38  38  38  ARG ARG A . n 
A 1 39  PRO 39  39  39  PRO PRO A . n 
A 1 40  VAL 40  40  40  VAL VAL A . n 
A 1 41  ASP 41  41  41  ASP ASP A . n 
A 1 42  MET 42  42  42  MET MET A . n 
A 1 43  GLY 43  43  43  GLY GLY A . n 
A 1 44  VAL 44  44  44  VAL VAL A . n 
A 1 45  VAL 45  45  45  VAL VAL A . n 
A 1 46  LEU 46  46  46  LEU LEU A . n 
A 1 47  PRO 47  47  47  PRO PRO A . n 
A 1 48  ASP 48  48  48  ASP ASP A . n 
A 1 49  GLY 49  49  49  GLY GLY A . n 
A 1 50  ARG 50  50  50  ARG ARG A . n 
A 1 51  ARG 51  51  51  ARG ARG A . n 
A 1 52  LEU 52  52  52  LEU LEU A . n 
A 1 53  LEU 53  53  53  LEU LEU A . n 
A 1 54  GLY 54  54  54  GLY GLY A . n 
A 1 55  ASP 55  55  55  ASP ASP A . n 
A 1 56  GLY 56  56  56  GLY GLY A . n 
A 1 57  LYS 57  57  57  LYS LYS A . n 
A 1 58  THR 58  58  58  THR THR A . n 
A 1 59  ILE 59  59  59  ILE ILE A . n 
A 1 60  GLU 60  60  60  GLU GLU A . n 
A 1 61  GLY 61  61  61  GLY GLY A . n 
A 1 62  LEU 62  62  62  LEU LEU A . n 
A 1 63  LEU 63  63  63  LEU LEU A . n 
A 1 64  ALA 64  64  64  ALA ALA A . n 
A 1 65  GLY 65  65  65  GLY GLY A . n 
A 1 66  PHE 66  66  66  PHE PHE A . n 
A 1 67  ALA 67  67  67  ALA ALA A . n 
A 1 68  ALA 68  68  68  ALA ALA A . n 
A 1 69  GLY 69  69  69  GLY GLY A . n 
A 1 70  SER 70  70  70  SER SER A . n 
A 1 71  ALA 71  71  71  ALA ALA A . n 
A 1 72  ALA 72  72  72  ALA ALA A . n 
A 1 73  GLY 73  73  73  GLY GLY A . n 
A 1 74  VAL 74  74  74  VAL VAL A . n 
A 1 75  LEU 75  75  75  LEU LEU A . n 
A 1 76  ALA 76  76  76  ALA ALA A . n 
A 1 77  ALA 77  77  77  ALA ALA A . n 
A 1 78  LEU 78  78  78  LEU LEU A . n 
A 1 79  ALA 79  79  79  ALA ALA A . n 
A 1 80  SER 80  80  80  SER SER A . n 
A 1 81  GLY 81  81  81  GLY GLY A . n 
A 1 82  ASN 82  82  82  ASN ASN A . n 
A 1 83  MET 83  83  83  MET MET A . n 
A 1 84  LEU 84  84  84  LEU LEU A . n 
A 1 85  LEU 85  85  85  LEU LEU A . n 
A 1 86  ALA 86  86  86  ALA ALA A . n 
A 1 87  VAL 87  87  87  VAL VAL A . n 
A 1 88  HIS 88  88  88  HIS HIS A . n 
A 1 89  SER 89  89  89  SER SER A . n 
A 1 90  PRO 90  90  90  PRO PRO A . n 
A 1 91  ALA 91  91  91  ALA ALA A . n 
A 1 92  ILE 92  92  92  ILE ILE A . n 
A 1 93  ALA 93  93  93  ALA ALA A . n 
A 1 94  LEU 94  94  94  LEU LEU A . n 
A 1 95  GLY 95  95  95  GLY GLY A . n 
A 1 96  ALA 96  96  96  ALA ALA A . n 
A 1 97  LEU 97  97  97  LEU LEU A . n 
A 1 98  ALA 98  98  98  ALA ALA A . n 
A 1 99  GLY 99  99  99  GLY GLY A . n 
A 1 100 ASP 100 100 100 ASP ASP A . n 
A 1 101 MET 101 101 101 MET MET A . n 
A 1 102 ALA 102 102 102 ALA ALA A . n 
A 1 103 GLY 103 103 103 GLY GLY A . n 
A 1 104 SER 104 104 104 SER SER A . n 
A 1 105 PHE 105 105 105 PHE PHE A . n 
A 1 106 VAL 106 106 106 VAL VAL A . n 
A 1 107 LYS 107 107 107 LYS LYS A . n 
A 1 108 ARG 108 108 108 ARG ARG A . n 
A 1 109 ARG 109 109 109 ARG ARG A . n 
A 1 110 LEU 110 110 110 LEU LEU A . n 
A 1 111 GLY 111 111 111 GLY GLY A . n 
A 1 112 ILE 112 112 112 ILE ILE A . n 
A 1 113 GLU 113 113 113 GLU GLU A . n 
A 1 114 ARG 114 114 114 ARG ARG A . n 
A 1 115 GLY 115 115 115 GLY GLY A . n 
A 1 116 ARG 116 116 116 ARG ARG A . n 
A 1 117 PRO 117 117 117 PRO PRO A . n 
A 1 118 ALA 118 118 118 ALA ALA A . n 
A 1 119 PRO 119 119 119 PRO PRO A . n 
A 1 120 LEU 120 120 120 LEU LEU A . n 
A 1 121 LEU 121 121 121 LEU LEU A . n 
A 1 122 ASP 122 122 122 ASP ASP A . n 
A 1 123 GLN 123 123 123 GLN GLN A . n 
A 1 124 LEU 124 124 124 LEU LEU A . n 
A 1 125 ASP 125 125 125 ASP ASP A . n 
A 1 126 PHE 126 126 126 PHE PHE A . n 
A 1 127 TYR 127 127 127 TYR TYR A . n 
A 1 128 LEU 128 128 128 LEU LEU A . n 
A 1 129 GLY 129 129 129 GLY GLY A . n 
A 1 130 ALA 130 130 130 ALA ALA A . n 
A 1 131 LEU 131 131 131 LEU LEU A . n 
A 1 132 ALA 132 132 132 ALA ALA A . n 
A 1 133 VAL 133 133 133 VAL VAL A . n 
A 1 134 SER 134 134 134 SER SER A . n 
A 1 135 ILE 135 135 135 ILE ILE A . n 
A 1 136 ALA 136 136 136 ALA ALA A . n 
A 1 137 LEU 137 137 137 LEU LEU A . n 
A 1 138 GLY 138 138 138 GLY GLY A . n 
A 1 139 TYR 139 139 139 TYR TYR A . n 
A 1 140 THR 140 140 140 THR THR A . n 
A 1 141 TRP 141 141 141 TRP TRP A . n 
A 1 142 THR 142 142 142 THR THR A . n 
A 1 143 PRO 143 143 143 PRO PRO A . n 
A 1 144 ARG 144 144 144 ARG ARG A . n 
A 1 145 VAL 145 145 145 VAL VAL A . n 
A 1 146 ALA 146 146 146 ALA ALA A . n 
A 1 147 VAL 147 147 147 VAL VAL A . n 
A 1 148 GLU 148 148 148 GLU GLU A . n 
A 1 149 ALA 149 149 149 ALA ALA A . n 
A 1 150 ALA 150 150 150 ALA ALA A . n 
A 1 151 ALA 151 151 151 ALA ALA A . n 
A 1 152 ALA 152 152 152 ALA ALA A . n 
A 1 153 VAL 153 153 153 VAL VAL A . n 
A 1 154 LEU 154 154 154 LEU LEU A . n 
A 1 155 LEU 155 155 155 LEU LEU A . n 
A 1 156 LEU 156 156 156 LEU LEU A . n 
A 1 157 HIS 157 157 157 HIS HIS A . n 
A 1 158 LEU 158 158 158 LEU LEU A . n 
A 1 159 ALA 159 159 159 ALA ALA A . n 
A 1 160 ALA 160 160 160 ALA ALA A . n 
A 1 161 ASN 161 161 161 ASN ASN A . n 
A 1 162 ILE 162 162 162 ILE ILE A . n 
A 1 163 THR 163 163 163 THR THR A . n 
A 1 164 ALA 164 164 ?   ?   ?   A . n 
A 1 165 TYR 165 165 ?   ?   ?   A . n 
A 1 166 LEU 166 166 ?   ?   ?   A . n 
A 1 167 LEU 167 167 ?   ?   ?   A . n 
A 1 168 GLY 168 168 ?   ?   ?   A . n 
A 1 169 LEU 169 169 ?   ?   ?   A . n 
A 1 170 LYS 170 170 ?   ?   ?   A . n 
A 1 171 LYS 171 171 ?   ?   ?   A . n 
A 1 172 VAL 172 172 ?   ?   ?   A . n 
A 1 173 PRO 173 173 ?   ?   ?   A . n 
A 1 174 TRP 174 174 ?   ?   ?   A . n 
A 1 175 LEU 175 175 ?   ?   ?   A . n 
A 1 176 GLU 176 176 ?   ?   ?   A . n 
A 1 177 HIS 177 177 ?   ?   ?   A . n 
A 1 178 HIS 178 178 ?   ?   ?   A . n 
A 1 179 HIS 179 179 ?   ?   ?   A . n 
A 1 180 HIS 180 180 ?   ?   ?   A . n 
A 1 181 HIS 181 181 ?   ?   ?   A . n 
A 1 182 HIS 182 182 ?   ?   ?   A . n 
# 
loop_
_pdbx_nonpoly_scheme.asym_id 
_pdbx_nonpoly_scheme.entity_id 
_pdbx_nonpoly_scheme.mon_id 
_pdbx_nonpoly_scheme.ndb_seq_num 
_pdbx_nonpoly_scheme.pdb_seq_num 
_pdbx_nonpoly_scheme.auth_seq_num 
_pdbx_nonpoly_scheme.pdb_mon_id 
_pdbx_nonpoly_scheme.auth_mon_id 
_pdbx_nonpoly_scheme.pdb_strand_id 
_pdbx_nonpoly_scheme.pdb_ins_code 
B 2 CTP 1  201 1  CTP CTP A . 
C 3 MG  1  202 1  MG  MG  A . 
D 3 MG  1  203 1  MG  MG  A . 
E 3 MG  1  204 1  MG  MG  A . 
F 4 K   1  205 1  K   K   A . 
G 5 HOH 1  301 13 HOH HOH A . 
G 5 HOH 2  302 15 HOH HOH A . 
G 5 HOH 3  303 33 HOH HOH A . 
G 5 HOH 4  304 10 HOH HOH A . 
G 5 HOH 5  305 6  HOH HOH A . 
G 5 HOH 6  306 70 HOH HOH A . 
G 5 HOH 7  307 14 HOH HOH A . 
G 5 HOH 8  308 9  HOH HOH A . 
G 5 HOH 9  309 12 HOH HOH A . 
G 5 HOH 10 310 16 HOH HOH A . 
G 5 HOH 11 311 2  HOH HOH A . 
G 5 HOH 12 312 1  HOH HOH A . 
G 5 HOH 13 313 18 HOH HOH A . 
G 5 HOH 14 314 65 HOH HOH A . 
G 5 HOH 15 315 3  HOH HOH A . 
G 5 HOH 16 316 5  HOH HOH A . 
G 5 HOH 17 317 7  HOH HOH A . 
G 5 HOH 18 318 63 HOH HOH A . 
G 5 HOH 19 319 8  HOH HOH A . 
G 5 HOH 20 320 36 HOH HOH A . 
G 5 HOH 21 321 24 HOH HOH A . 
G 5 HOH 22 322 57 HOH HOH A . 
G 5 HOH 23 323 4  HOH HOH A . 
G 5 HOH 24 324 35 HOH HOH A . 
G 5 HOH 25 325 22 HOH HOH A . 
G 5 HOH 26 326 38 HOH HOH A . 
G 5 HOH 27 327 19 HOH HOH A . 
G 5 HOH 28 328 21 HOH HOH A . 
G 5 HOH 29 329 61 HOH HOH A . 
G 5 HOH 30 330 73 HOH HOH A . 
G 5 HOH 31 331 52 HOH HOH A . 
G 5 HOH 32 332 50 HOH HOH A . 
G 5 HOH 33 333 39 HOH HOH A . 
G 5 HOH 34 334 28 HOH HOH A . 
G 5 HOH 35 335 27 HOH HOH A . 
G 5 HOH 36 336 25 HOH HOH A . 
G 5 HOH 37 337 30 HOH HOH A . 
G 5 HOH 38 338 72 HOH HOH A . 
G 5 HOH 39 339 26 HOH HOH A . 
G 5 HOH 40 340 55 HOH HOH A . 
G 5 HOH 41 341 60 HOH HOH A . 
G 5 HOH 42 342 44 HOH HOH A . 
G 5 HOH 43 343 45 HOH HOH A . 
G 5 HOH 44 344 47 HOH HOH A . 
G 5 HOH 45 345 37 HOH HOH A . 
G 5 HOH 46 346 23 HOH HOH A . 
G 5 HOH 47 347 54 HOH HOH A . 
G 5 HOH 48 348 53 HOH HOH A . 
G 5 HOH 49 349 62 HOH HOH A . 
G 5 HOH 50 350 42 HOH HOH A . 
G 5 HOH 51 351 48 HOH HOH A . 
G 5 HOH 52 352 43 HOH HOH A . 
G 5 HOH 53 353 40 HOH HOH A . 
G 5 HOH 54 354 56 HOH HOH A . 
G 5 HOH 55 355 11 HOH HOH A . 
G 5 HOH 56 356 51 HOH HOH A . 
G 5 HOH 57 357 66 HOH HOH A . 
G 5 HOH 58 358 49 HOH HOH A . 
G 5 HOH 59 359 46 HOH HOH A . 
G 5 HOH 60 360 31 HOH HOH A . 
G 5 HOH 61 361 59 HOH HOH A . 
G 5 HOH 62 362 29 HOH HOH A . 
G 5 HOH 63 363 76 HOH HOH A . 
G 5 HOH 64 364 64 HOH HOH A . 
G 5 HOH 65 365 20 HOH HOH A . 
G 5 HOH 66 366 58 HOH HOH A . 
G 5 HOH 67 367 69 HOH HOH A . 
G 5 HOH 68 368 17 HOH HOH A . 
G 5 HOH 69 369 68 HOH HOH A . 
G 5 HOH 70 370 41 HOH HOH A . 
G 5 HOH 71 371 71 HOH HOH A . 
G 5 HOH 72 372 74 HOH HOH A . 
G 5 HOH 73 373 75 HOH HOH A . 
G 5 HOH 74 374 67 HOH HOH A . 
# 
loop_
_software.citation_id 
_software.classification 
_software.compiler_name 
_software.compiler_version 
_software.contact_author 
_software.contact_author_email 
_software.date 
_software.description 
_software.dependencies 
_software.hardware 
_software.language 
_software.location 
_software.mods 
_software.name 
_software.os 
_software.os_version 
_software.type 
_software.version 
_software.pdbx_ordinal 
? refinement        ? ? ? ? ? ? ? ? ? ? ? PHENIX   ? ? ? '(dev_2719)' 1 
? 'data processing' ? ? ? ? ? ? ? ? ? ? ? HKL-3000 ? ? ? .            2 
? 'data reduction'  ? ? ? ? ? ? ? ? ? ? ? Aimless  ? ? ? .            3 
? 'data extraction' ? ? ? ? ? ? ? ? ? ? ? XDS      ? ? ? .            4 
# 
_cell.entry_id           5GUF 
_cell.length_a           56.505 
_cell.length_b           89.249 
_cell.length_c           98.876 
_cell.angle_alpha        90.00 
_cell.angle_beta         90.00 
_cell.angle_gamma        90.00 
_cell.Z_PDB              8 
_cell.pdbx_unique_axis   ? 
# 
_symmetry.entry_id                         5GUF 
_symmetry.space_group_name_H-M             'C 2 2 21' 
_symmetry.pdbx_full_space_group_name_H-M   ? 
_symmetry.cell_setting                     ? 
_symmetry.Int_Tables_number                20 
# 
_exptl.absorpt_coefficient_mu     ? 
_exptl.absorpt_correction_T_max   ? 
_exptl.absorpt_correction_T_min   ? 
_exptl.absorpt_correction_type    ? 
_exptl.absorpt_process_details    ? 
_exptl.entry_id                   5GUF 
_exptl.crystals_number            1 
_exptl.details                    ? 
_exptl.method                     'X-RAY DIFFRACTION' 
_exptl.method_details             ? 
# 
_exptl_crystal.colour                      ? 
_exptl_crystal.density_diffrn              ? 
_exptl_crystal.density_Matthews            3.27 
_exptl_crystal.density_method              ? 
_exptl_crystal.density_percent_sol         68.15 
_exptl_crystal.description                 ? 
_exptl_crystal.F_000                       ? 
_exptl_crystal.id                          1 
_exptl_crystal.preparation                 ? 
_exptl_crystal.size_max                    ? 
_exptl_crystal.size_mid                    ? 
_exptl_crystal.size_min                    ? 
_exptl_crystal.size_rad                    ? 
_exptl_crystal.colour_lustre               ? 
_exptl_crystal.colour_modifier             ? 
_exptl_crystal.colour_primary              ? 
_exptl_crystal.density_meas                ? 
_exptl_crystal.density_meas_esd            ? 
_exptl_crystal.density_meas_gt             ? 
_exptl_crystal.density_meas_lt             ? 
_exptl_crystal.density_meas_temp           ? 
_exptl_crystal.density_meas_temp_esd       ? 
_exptl_crystal.density_meas_temp_gt        ? 
_exptl_crystal.density_meas_temp_lt        ? 
_exptl_crystal.pdbx_crystal_image_url      ? 
_exptl_crystal.pdbx_crystal_image_format   ? 
_exptl_crystal.pdbx_mosaicity              ? 
_exptl_crystal.pdbx_mosaicity_esd          ? 
# 
_exptl_crystal_grow.apparatus       ? 
_exptl_crystal_grow.atmosphere      ? 
_exptl_crystal_grow.crystal_id      1 
_exptl_crystal_grow.details         ? 
_exptl_crystal_grow.method          'LIPIDIC CUBIC PHASE' 
_exptl_crystal_grow.method_ref      ? 
_exptl_crystal_grow.pH              ? 
_exptl_crystal_grow.pressure        ? 
_exptl_crystal_grow.pressure_esd    ? 
_exptl_crystal_grow.seeding         ? 
_exptl_crystal_grow.seeding_ref     ? 
_exptl_crystal_grow.temp            293 
_exptl_crystal_grow.temp_details    ? 
_exptl_crystal_grow.temp_esd        ? 
_exptl_crystal_grow.time            ? 
_exptl_crystal_grow.pdbx_details    '200mM NaCl, 20% (w/v) PEG 400, 100mM Tris/HCl pH 8.0' 
_exptl_crystal_grow.pdbx_pH_range   ? 
# 
_diffrn.ambient_environment    ? 
_diffrn.ambient_temp           300 
_diffrn.ambient_temp_details   ? 
_diffrn.ambient_temp_esd       ? 
_diffrn.crystal_id             1 
_diffrn.crystal_support        ? 
_diffrn.crystal_treatment      ? 
_diffrn.details                ? 
_diffrn.id                     1 
_diffrn.ambient_pressure       ? 
_diffrn.ambient_pressure_esd   ? 
_diffrn.ambient_pressure_gt    ? 
_diffrn.ambient_pressure_lt    ? 
_diffrn.ambient_temp_gt        ? 
_diffrn.ambient_temp_lt        ? 
# 
_diffrn_detector.details                      ? 
_diffrn_detector.detector                     CCD 
_diffrn_detector.diffrn_id                    1 
_diffrn_detector.type                         'DECTRIS PILATUS 300K' 
_diffrn_detector.area_resol_mean              ? 
_diffrn_detector.dtime                        ? 
_diffrn_detector.pdbx_frames_total            ? 
_diffrn_detector.pdbx_collection_time_total   ? 
_diffrn_detector.pdbx_collection_date         2016-04-23 
# 
_diffrn_radiation.collimation                      ? 
_diffrn_radiation.diffrn_id                        1 
_diffrn_radiation.filter_edge                      ? 
_diffrn_radiation.inhomogeneity                    ? 
_diffrn_radiation.monochromator                    ? 
_diffrn_radiation.polarisn_norm                    ? 
_diffrn_radiation.polarisn_ratio                   ? 
_diffrn_radiation.probe                            ? 
_diffrn_radiation.type                             ? 
_diffrn_radiation.xray_symbol                      ? 
_diffrn_radiation.wavelength_id                    1 
_diffrn_radiation.pdbx_monochromatic_or_laue_m_l   M 
_diffrn_radiation.pdbx_wavelength_list             ? 
_diffrn_radiation.pdbx_wavelength                  ? 
_diffrn_radiation.pdbx_diffrn_protocol             'SINGLE WAVELENGTH' 
_diffrn_radiation.pdbx_analyzer                    ? 
_diffrn_radiation.pdbx_scattering_type             x-ray 
# 
_diffrn_radiation_wavelength.id           1 
_diffrn_radiation_wavelength.wavelength   0.9973 
_diffrn_radiation_wavelength.wt           1.0 
# 
_diffrn_source.current                     ? 
_diffrn_source.details                     ? 
_diffrn_source.diffrn_id                   1 
_diffrn_source.power                       ? 
_diffrn_source.size                        ? 
_diffrn_source.source                      SYNCHROTRON 
_diffrn_source.target                      ? 
_diffrn_source.type                        'SSRF BEAMLINE BL19U1' 
_diffrn_source.voltage                     ? 
_diffrn_source.take-off_angle              ? 
_diffrn_source.pdbx_wavelength_list        0.9973 
_diffrn_source.pdbx_wavelength             ? 
_diffrn_source.pdbx_synchrotron_beamline   BL19U1 
_diffrn_source.pdbx_synchrotron_site       SSRF 
# 
_reflns.B_iso_Wilson_estimate            37.701436451 
_reflns.entry_id                         5GUF 
_reflns.data_reduction_details           ? 
_reflns.data_reduction_method            ? 
_reflns.d_resolution_high                2.38 
_reflns.d_resolution_low                 47.7 
_reflns.details                          ? 
_reflns.limit_h_max                      ? 
_reflns.limit_h_min                      ? 
_reflns.limit_k_max                      ? 
_reflns.limit_k_min                      ? 
_reflns.limit_l_max                      ? 
_reflns.limit_l_min                      ? 
_reflns.number_all                       ? 
_reflns.number_obs                       9961 
_reflns.observed_criterion               ? 
_reflns.observed_criterion_F_max         ? 
_reflns.observed_criterion_F_min         ? 
_reflns.observed_criterion_I_max         ? 
_reflns.observed_criterion_I_min         ? 
_reflns.observed_criterion_sigma_F       ? 
_reflns.observed_criterion_sigma_I       ? 
_reflns.percent_possible_obs             98.5 
_reflns.R_free_details                   ? 
_reflns.Rmerge_F_all                     ? 
_reflns.Rmerge_F_obs                     ? 
_reflns.Friedel_coverage                 ? 
_reflns.number_gt                        ? 
_reflns.threshold_expression             ? 
_reflns.pdbx_redundancy                  10.2 
_reflns.pdbx_Rmerge_I_obs                ? 
_reflns.pdbx_Rmerge_I_all                ? 
_reflns.pdbx_Rsym_value                  ? 
_reflns.pdbx_netI_over_av_sigmaI         ? 
_reflns.pdbx_netI_over_sigmaI            24.4 
_reflns.pdbx_res_netI_over_av_sigmaI_2   ? 
_reflns.pdbx_res_netI_over_sigmaI_2      ? 
_reflns.pdbx_chi_squared                 ? 
_reflns.pdbx_scaling_rejects             ? 
_reflns.pdbx_d_res_high_opt              ? 
_reflns.pdbx_d_res_low_opt               ? 
_reflns.pdbx_d_res_opt_method            ? 
_reflns.phase_calculation_details        ? 
_reflns.pdbx_Rrim_I_all                  ? 
_reflns.pdbx_Rpim_I_all                  ? 
_reflns.pdbx_d_opt                       ? 
_reflns.pdbx_number_measured_all         ? 
_reflns.pdbx_diffrn_id                   1 
_reflns.pdbx_ordinal                     1 
_reflns.pdbx_CC_half                     ? 
_reflns.pdbx_R_split                     ? 
# 
_reflns_shell.d_res_high                  . 
_reflns_shell.d_res_low                   ? 
_reflns_shell.meanI_over_sigI_all         ? 
_reflns_shell.meanI_over_sigI_obs         ? 
_reflns_shell.number_measured_all         ? 
_reflns_shell.number_measured_obs         ? 
_reflns_shell.number_possible             ? 
_reflns_shell.number_unique_all           ? 
_reflns_shell.number_unique_obs           ? 
_reflns_shell.percent_possible_all        ? 
_reflns_shell.percent_possible_obs        ? 
_reflns_shell.Rmerge_F_all                ? 
_reflns_shell.Rmerge_F_obs                ? 
_reflns_shell.Rmerge_I_all                ? 
_reflns_shell.Rmerge_I_obs                ? 
_reflns_shell.meanI_over_sigI_gt          ? 
_reflns_shell.meanI_over_uI_all           ? 
_reflns_shell.meanI_over_uI_gt            ? 
_reflns_shell.number_measured_gt          ? 
_reflns_shell.number_unique_gt            ? 
_reflns_shell.percent_possible_gt         ? 
_reflns_shell.Rmerge_F_gt                 ? 
_reflns_shell.Rmerge_I_gt                 ? 
_reflns_shell.pdbx_redundancy             ? 
_reflns_shell.pdbx_Rsym_value             ? 
_reflns_shell.pdbx_chi_squared            ? 
_reflns_shell.pdbx_netI_over_sigmaI_all   ? 
_reflns_shell.pdbx_netI_over_sigmaI_obs   ? 
_reflns_shell.pdbx_Rrim_I_all             ? 
_reflns_shell.pdbx_Rpim_I_all             ? 
_reflns_shell.pdbx_rejects                ? 
_reflns_shell.pdbx_ordinal                1 
_reflns_shell.pdbx_diffrn_id              1 
_reflns_shell.pdbx_CC_half                ? 
_reflns_shell.pdbx_R_split                ? 
# 
_refine.pdbx_refine_id                           'X-RAY DIFFRACTION' 
_refine.entry_id                                 5GUF 
_refine.pdbx_diffrn_id                           1 
_refine.pdbx_TLS_residual_ADP_flag               ? 
_refine.ls_number_reflns_obs                     9958 
_refine.ls_number_reflns_all                     ? 
_refine.pdbx_ls_sigma_I                          ? 
_refine.pdbx_ls_sigma_F                          0.00 
_refine.pdbx_data_cutoff_high_absF               ? 
_refine.pdbx_data_cutoff_low_absF                ? 
_refine.pdbx_data_cutoff_high_rms_absF           ? 
_refine.ls_d_res_low                             44.625 
_refine.ls_d_res_high                            2.397 
_refine.ls_percent_reflns_obs                    98.26 
_refine.ls_R_factor_obs                          0.2114 
_refine.ls_R_factor_all                          ? 
_refine.ls_R_factor_R_work                       0.2072 
_refine.ls_R_factor_R_free                       0.2489 
_refine.ls_R_factor_R_free_error                 ? 
_refine.ls_R_factor_R_free_error_details         ? 
_refine.ls_percent_reflns_R_free                 9.99 
_refine.ls_number_reflns_R_free                  995 
_refine.ls_number_parameters                     ? 
_refine.ls_number_restraints                     ? 
_refine.occupancy_min                            ? 
_refine.occupancy_max                            ? 
_refine.correlation_coeff_Fo_to_Fc               ? 
_refine.correlation_coeff_Fo_to_Fc_free          ? 
_refine.B_iso_mean                               ? 
_refine.aniso_B[1][1]                            ? 
_refine.aniso_B[2][2]                            ? 
_refine.aniso_B[3][3]                            ? 
_refine.aniso_B[1][2]                            ? 
_refine.aniso_B[1][3]                            ? 
_refine.aniso_B[2][3]                            ? 
_refine.solvent_model_details                    'FLAT BULK SOLVENT MODEL' 
_refine.solvent_model_param_ksol                 ? 
_refine.solvent_model_param_bsol                 ? 
_refine.pdbx_solvent_vdw_probe_radii             1.11 
_refine.pdbx_solvent_ion_probe_radii             ? 
_refine.pdbx_solvent_shrinkage_radii             0.90 
_refine.pdbx_ls_cross_valid_method               'FREE R-VALUE' 
_refine.details                                  ? 
_refine.pdbx_starting_model                      ? 
_refine.pdbx_method_to_determine_struct          ? 
_refine.pdbx_isotropic_thermal_model             ? 
_refine.pdbx_stereochemistry_target_values       ML 
_refine.pdbx_stereochem_target_val_spec_case     ? 
_refine.pdbx_R_Free_selection_details            ? 
_refine.pdbx_overall_ESU_R                       ? 
_refine.pdbx_overall_ESU_R_Free                  ? 
_refine.overall_SU_ML                            0.30 
_refine.pdbx_overall_phase_error                 23.98 
_refine.overall_SU_B                             ? 
_refine.overall_SU_R_Cruickshank_DPI             ? 
_refine.pdbx_overall_SU_R_free_Cruickshank_DPI   ? 
_refine.pdbx_overall_SU_R_Blow_DPI               ? 
_refine.pdbx_overall_SU_R_free_Blow_DPI          ? 
# 
_refine_hist.pdbx_refine_id                   'X-RAY DIFFRACTION' 
_refine_hist.cycle_id                         LAST 
_refine_hist.pdbx_number_atoms_protein        1133 
_refine_hist.pdbx_number_atoms_nucleic_acid   0 
_refine_hist.pdbx_number_atoms_ligand         33 
_refine_hist.number_atoms_solvent             74 
_refine_hist.number_atoms_total               1240 
_refine_hist.d_res_high                       2.397 
_refine_hist.d_res_low                        44.625 
# 
loop_
_refine_ls_restr.type 
_refine_ls_restr.dev_ideal 
_refine_ls_restr.dev_ideal_target 
_refine_ls_restr.weight 
_refine_ls_restr.number 
_refine_ls_restr.pdbx_refine_id 
_refine_ls_restr.pdbx_restraint_function 
f_bond_d           0.020  ? ? 1186 'X-RAY DIFFRACTION' ? 
f_angle_d          0.994  ? ? 1625 'X-RAY DIFFRACTION' ? 
f_dihedral_angle_d 11.496 ? ? 940  'X-RAY DIFFRACTION' ? 
f_chiral_restr     0.051  ? ? 199  'X-RAY DIFFRACTION' ? 
f_plane_restr      0.007  ? ? 205  'X-RAY DIFFRACTION' ? 
# 
loop_
_refine_ls_shell.pdbx_refine_id 
_refine_ls_shell.pdbx_total_number_of_bins_used 
_refine_ls_shell.d_res_high 
_refine_ls_shell.d_res_low 
_refine_ls_shell.number_reflns_R_work 
_refine_ls_shell.R_factor_R_work 
_refine_ls_shell.percent_reflns_obs 
_refine_ls_shell.R_factor_R_free 
_refine_ls_shell.R_factor_R_free_error 
_refine_ls_shell.percent_reflns_R_free 
_refine_ls_shell.number_reflns_R_free 
_refine_ls_shell.number_reflns_all 
_refine_ls_shell.R_factor_all 
_refine_ls_shell.R_factor_obs 
_refine_ls_shell.number_reflns_obs 
'X-RAY DIFFRACTION' . 2.3968 2.5232  1148 0.2346 90.00  0.3078 . . 125 . . . . 
'X-RAY DIFFRACTION' . 2.5232 2.6813  1258 0.2089 99.00  0.2555 . . 147 . . . . 
'X-RAY DIFFRACTION' . 2.6813 2.8883  1281 0.1932 100.00 0.2523 . . 132 . . . . 
'X-RAY DIFFRACTION' . 2.8883 3.1788  1297 0.1814 100.00 0.2186 . . 141 . . . . 
'X-RAY DIFFRACTION' . 3.1788 3.6386  1294 0.1770 100.00 0.1948 . . 150 . . . . 
'X-RAY DIFFRACTION' . 3.6386 4.5836  1312 0.1957 100.00 0.2604 . . 146 . . . . 
'X-RAY DIFFRACTION' . 4.5836 44.6322 1373 0.2444 99.00  0.2699 . . 154 . . . . 
# 
_struct.entry_id                     5GUF 
_struct.title                        'Structural insight into an intramembrane enzyme for archaeal membrane lipids biosynthesis' 
_struct.pdbx_model_details           ? 
_struct.pdbx_formula_weight          ? 
_struct.pdbx_formula_weight_method   ? 
_struct.pdbx_model_type_details      ? 
_struct.pdbx_CASP_flag               N 
# 
_struct_keywords.entry_id        5GUF 
_struct_keywords.text            'membrane protein, cars, TRANSFERASE' 
_struct_keywords.pdbx_keywords   TRANSFERASE 
# 
loop_
_struct_asym.id 
_struct_asym.pdbx_blank_PDB_chainid_flag 
_struct_asym.pdbx_modified 
_struct_asym.entity_id 
_struct_asym.details 
A N N 1 ? 
B N N 2 ? 
C N N 3 ? 
D N N 3 ? 
E N N 3 ? 
F N N 4 ? 
G N N 5 ? 
# 
_struct_ref.id                         1 
_struct_ref.db_name                    UNP 
_struct_ref.db_code                    CDPAS_AERPE 
_struct_ref.pdbx_db_accession          Q9YF05 
_struct_ref.pdbx_db_isoform            ? 
_struct_ref.entity_id                  1 
_struct_ref.pdbx_seq_one_letter_code   
;MALELAVDWRIDNILEAIILMLPAMIANATPVVAGGRRPVDMGVVLPDGRRLLGDGKTIEGLLAGFAAGSAAGVLAALAS
GNMLLAVHSPAIALGALAGDMAGSFVKRRLGIERGRPAPLLDQLDFYLGALAVSIALGYTWTPRVAVEAAAAVLLLHLAA
NITAYLLGLKKVPW
;
_struct_ref.pdbx_align_begin           1 
# 
_struct_ref_seq.align_id                      1 
_struct_ref_seq.ref_id                        1 
_struct_ref_seq.pdbx_PDB_id_code              5GUF 
_struct_ref_seq.pdbx_strand_id                A 
_struct_ref_seq.seq_align_beg                 1 
_struct_ref_seq.pdbx_seq_align_beg_ins_code   ? 
_struct_ref_seq.seq_align_end                 174 
_struct_ref_seq.pdbx_seq_align_end_ins_code   ? 
_struct_ref_seq.pdbx_db_accession             Q9YF05 
_struct_ref_seq.db_align_beg                  1 
_struct_ref_seq.pdbx_db_align_beg_ins_code    ? 
_struct_ref_seq.db_align_end                  174 
_struct_ref_seq.pdbx_db_align_end_ins_code    ? 
_struct_ref_seq.pdbx_auth_seq_align_beg       1 
_struct_ref_seq.pdbx_auth_seq_align_end       174 
# 
loop_
_struct_ref_seq_dif.align_id 
_struct_ref_seq_dif.pdbx_pdb_id_code 
_struct_ref_seq_dif.mon_id 
_struct_ref_seq_dif.pdbx_pdb_strand_id 
_struct_ref_seq_dif.seq_num 
_struct_ref_seq_dif.pdbx_pdb_ins_code 
_struct_ref_seq_dif.pdbx_seq_db_name 
_struct_ref_seq_dif.pdbx_seq_db_accession_code 
_struct_ref_seq_dif.db_mon_id 
_struct_ref_seq_dif.pdbx_seq_db_seq_num 
_struct_ref_seq_dif.details 
_struct_ref_seq_dif.pdbx_auth_seq_num 
_struct_ref_seq_dif.pdbx_ordinal 
1 5GUF LEU A 175 ? UNP Q9YF05 ? ? 'expression tag' 175 1 
1 5GUF GLU A 176 ? UNP Q9YF05 ? ? 'expression tag' 176 2 
1 5GUF HIS A 177 ? UNP Q9YF05 ? ? 'expression tag' 177 3 
1 5GUF HIS A 178 ? UNP Q9YF05 ? ? 'expression tag' 178 4 
1 5GUF HIS A 179 ? UNP Q9YF05 ? ? 'expression tag' 179 5 
1 5GUF HIS A 180 ? UNP Q9YF05 ? ? 'expression tag' 180 6 
1 5GUF HIS A 181 ? UNP Q9YF05 ? ? 'expression tag' 181 7 
1 5GUF HIS A 182 ? UNP Q9YF05 ? ? 'expression tag' 182 8 
# 
_pdbx_struct_assembly.id                   1 
_pdbx_struct_assembly.details              author_and_software_defined_assembly 
_pdbx_struct_assembly.method_details       PISA 
_pdbx_struct_assembly.oligomeric_details   dimeric 
_pdbx_struct_assembly.oligomeric_count     2 
# 
loop_
_pdbx_struct_assembly_prop.biol_id 
_pdbx_struct_assembly_prop.type 
_pdbx_struct_assembly_prop.value 
_pdbx_struct_assembly_prop.details 
1 'ABSA (A^2)' 3960  ? 
1 MORE         -66   ? 
1 'SSA (A^2)'  14980 ? 
# 
_pdbx_struct_assembly_gen.assembly_id       1 
_pdbx_struct_assembly_gen.oper_expression   1,2 
_pdbx_struct_assembly_gen.asym_id_list      A,B,C,D,E,F,G 
# 
loop_
_pdbx_struct_oper_list.id 
_pdbx_struct_oper_list.type 
_pdbx_struct_oper_list.name 
_pdbx_struct_oper_list.symmetry_operation 
_pdbx_struct_oper_list.matrix[1][1] 
_pdbx_struct_oper_list.matrix[1][2] 
_pdbx_struct_oper_list.matrix[1][3] 
_pdbx_struct_oper_list.vector[1] 
_pdbx_struct_oper_list.matrix[2][1] 
_pdbx_struct_oper_list.matrix[2][2] 
_pdbx_struct_oper_list.matrix[2][3] 
_pdbx_struct_oper_list.vector[2] 
_pdbx_struct_oper_list.matrix[3][1] 
_pdbx_struct_oper_list.matrix[3][2] 
_pdbx_struct_oper_list.matrix[3][3] 
_pdbx_struct_oper_list.vector[3] 
1 'identity operation'         1_555 x,y,z       1.0000000000  0.0000000000  0.0000000000  0.0000000000   0.0000000000  1.0000000000  0.0000000000 0.0000000000   0.0000000000  0.0000000000 1.0000000000  0.0000000000  
2 'crystal symmetry operation' 3_555 -x,y,-z+1/2 -0.3122758199 -0.6756083782 -0.6678601138 -12.0606276403 -0.6756083782 -0.3362939767 0.6560942619 -23.8917019637 -0.6678601138 0.6560942619 -0.3514302034 11.7495394612 
# 
loop_
_struct_conf.conf_type_id 
_struct_conf.id 
_struct_conf.pdbx_PDB_helix_id 
_struct_conf.beg_label_comp_id 
_struct_conf.beg_label_asym_id 
_struct_conf.beg_label_seq_id 
_struct_conf.pdbx_beg_PDB_ins_code 
_struct_conf.end_label_comp_id 
_struct_conf.end_label_asym_id 
_struct_conf.end_label_seq_id 
_struct_conf.pdbx_end_PDB_ins_code 
_struct_conf.beg_auth_comp_id 
_struct_conf.beg_auth_asym_id 
_struct_conf.beg_auth_seq_id 
_struct_conf.end_auth_comp_id 
_struct_conf.end_auth_asym_id 
_struct_conf.end_auth_seq_id 
_struct_conf.pdbx_PDB_helix_class 
_struct_conf.details 
_struct_conf.pdbx_PDB_helix_length 
HELX_P HELX_P1 AA1 ASN A 13  ? THR A 30  ? ASN A 13  THR A 30  1 ? 18 
HELX_P HELX_P2 AA2 THR A 30  ? GLY A 35  ? THR A 30  GLY A 35  1 ? 6  
HELX_P HELX_P3 AA3 THR A 58  ? GLY A 81  ? THR A 58  GLY A 81  1 ? 24 
HELX_P HELX_P4 AA4 MET A 83  ? LEU A 110 ? MET A 83  LEU A 110 1 ? 28 
HELX_P HELX_P5 AA5 LEU A 120 ? LEU A 137 ? LEU A 120 LEU A 137 1 ? 18 
HELX_P HELX_P6 AA6 THR A 142 ? ILE A 162 ? THR A 142 ILE A 162 1 ? 21 
# 
_struct_conf_type.id          HELX_P 
_struct_conf_type.criteria    ? 
_struct_conf_type.reference   ? 
# 
loop_
_struct_conn.id 
_struct_conn.conn_type_id 
_struct_conn.pdbx_leaving_atom_flag 
_struct_conn.pdbx_PDB_id 
_struct_conn.ptnr1_label_asym_id 
_struct_conn.ptnr1_label_comp_id 
_struct_conn.ptnr1_label_seq_id 
_struct_conn.ptnr1_label_atom_id 
_struct_conn.pdbx_ptnr1_label_alt_id 
_struct_conn.pdbx_ptnr1_PDB_ins_code 
_struct_conn.pdbx_ptnr1_standard_comp_id 
_struct_conn.ptnr1_symmetry 
_struct_conn.ptnr2_label_asym_id 
_struct_conn.ptnr2_label_comp_id 
_struct_conn.ptnr2_label_seq_id 
_struct_conn.ptnr2_label_atom_id 
_struct_conn.pdbx_ptnr2_label_alt_id 
_struct_conn.pdbx_ptnr2_PDB_ins_code 
_struct_conn.ptnr1_auth_asym_id 
_struct_conn.ptnr1_auth_comp_id 
_struct_conn.ptnr1_auth_seq_id 
_struct_conn.ptnr2_auth_asym_id 
_struct_conn.ptnr2_auth_comp_id 
_struct_conn.ptnr2_auth_seq_id 
_struct_conn.ptnr2_symmetry 
_struct_conn.pdbx_ptnr3_label_atom_id 
_struct_conn.pdbx_ptnr3_label_seq_id 
_struct_conn.pdbx_ptnr3_label_comp_id 
_struct_conn.pdbx_ptnr3_label_asym_id 
_struct_conn.pdbx_ptnr3_label_alt_id 
_struct_conn.pdbx_ptnr3_PDB_ins_code 
_struct_conn.details 
_struct_conn.pdbx_dist_value 
_struct_conn.pdbx_value_order 
_struct_conn.pdbx_role 
metalc1  metalc ? ? A ASP 8   OD1 ? ? ? 1_555 D MG  . MG ? ? A ASP 8   A MG  203 1_555 ? ? ? ? ? ? ? 2.381 ? ? 
metalc2  metalc ? ? A ASP 8   OD2 ? ? ? 1_555 D MG  . MG ? ? A ASP 8   A MG  203 1_555 ? ? ? ? ? ? ? 2.568 ? ? 
metalc3  metalc ? ? A ARG 10  O   ? ? ? 1_555 D MG  . MG ? ? A ARG 10  A MG  203 1_555 ? ? ? ? ? ? ? 2.183 ? ? 
metalc4  metalc ? ? A ASP 12  OD1 ? ? ? 1_555 D MG  . MG ? ? A ASP 12  A MG  203 1_555 ? ? ? ? ? ? ? 2.529 ? ? 
metalc5  metalc ? ? A GLU 16  OE1 ? ? ? 1_555 D MG  . MG ? ? A GLU 16  A MG  203 1_555 ? ? ? ? ? ? ? 2.719 ? ? 
metalc6  metalc ? ? A GLU 16  OE2 ? ? ? 1_555 D MG  . MG ? ? A GLU 16  A MG  203 1_555 ? ? ? ? ? ? ? 2.237 ? ? 
metalc7  metalc ? ? A ASP 100 OD1 ? ? ? 1_555 F K   . K  ? ? A ASP 100 A K   205 1_555 ? ? ? ? ? ? ? 2.713 ? ? 
metalc8  metalc ? ? A ASP 122 O   ? ? ? 1_555 F K   . K  ? ? A ASP 122 A K   205 1_555 ? ? ? ? ? ? ? 3.323 ? ? 
metalc9  metalc ? ? B CTP .   O1A ? ? ? 1_555 C MG  . MG ? ? A CTP 201 A MG  202 1_555 ? ? ? ? ? ? ? 2.195 ? ? 
metalc10 metalc ? ? B CTP .   O2B ? ? ? 1_555 C MG  . MG ? ? A CTP 201 A MG  202 1_555 ? ? ? ? ? ? ? 2.116 ? ? 
metalc11 metalc ? ? B CTP .   O2A ? ? ? 1_555 F K   . K  ? ? A CTP 201 A K   205 1_555 ? ? ? ? ? ? ? 2.788 ? ? 
metalc12 metalc ? ? C MG  .   MG  ? ? ? 1_555 G HOH . O  ? ? A MG  202 A HOH 302 1_555 ? ? ? ? ? ? ? 2.381 ? ? 
metalc13 metalc ? ? C MG  .   MG  ? ? ? 1_555 G HOH . O  ? ? A MG  202 A HOH 313 1_555 ? ? ? ? ? ? ? 2.323 ? ? 
metalc14 metalc ? ? C MG  .   MG  ? ? ? 1_555 G HOH . O  ? ? A MG  202 A HOH 325 1_555 ? ? ? ? ? ? ? 2.253 ? ? 
metalc15 metalc ? ? D MG  .   MG  ? ? ? 1_555 G HOH . O  ? ? A MG  203 A HOH 304 1_555 ? ? ? ? ? ? ? 2.523 ? ? 
metalc16 metalc ? ? D MG  .   MG  ? ? ? 1_555 G HOH . O  ? ? A MG  203 A HOH 307 1_555 ? ? ? ? ? ? ? 1.790 ? ? 
metalc17 metalc ? ? E MG  .   MG  ? ? ? 1_555 G HOH . O  ? ? A MG  204 A HOH 355 1_555 ? ? ? ? ? ? ? 2.014 ? ? 
metalc18 metalc ? ? F K   .   K   ? ? ? 1_555 G HOH . O  ? ? A K   205 A HOH 302 1_555 ? ? ? ? ? ? ? 2.911 ? ? 
metalc19 metalc ? ? F K   .   K   ? ? ? 1_555 G HOH . O  ? ? A K   205 A HOH 306 1_555 ? ? ? ? ? ? ? 2.553 ? ? 
metalc20 metalc ? ? F K   .   K   ? ? ? 1_555 G HOH . O  ? ? A K   205 A HOH 308 1_555 ? ? ? ? ? ? ? 3.037 ? ? 
# 
_struct_conn_type.id          metalc 
_struct_conn_type.criteria    ? 
_struct_conn_type.reference   ? 
# 
loop_
_pdbx_struct_conn_angle.id 
_pdbx_struct_conn_angle.ptnr1_label_atom_id 
_pdbx_struct_conn_angle.ptnr1_label_alt_id 
_pdbx_struct_conn_angle.ptnr1_label_asym_id 
_pdbx_struct_conn_angle.ptnr1_label_comp_id 
_pdbx_struct_conn_angle.ptnr1_label_seq_id 
_pdbx_struct_conn_angle.ptnr1_auth_atom_id 
_pdbx_struct_conn_angle.ptnr1_auth_asym_id 
_pdbx_struct_conn_angle.ptnr1_auth_comp_id 
_pdbx_struct_conn_angle.ptnr1_auth_seq_id 
_pdbx_struct_conn_angle.ptnr1_PDB_ins_code 
_pdbx_struct_conn_angle.ptnr1_symmetry 
_pdbx_struct_conn_angle.ptnr2_label_atom_id 
_pdbx_struct_conn_angle.ptnr2_label_alt_id 
_pdbx_struct_conn_angle.ptnr2_label_asym_id 
_pdbx_struct_conn_angle.ptnr2_label_comp_id 
_pdbx_struct_conn_angle.ptnr2_label_seq_id 
_pdbx_struct_conn_angle.ptnr2_auth_atom_id 
_pdbx_struct_conn_angle.ptnr2_auth_asym_id 
_pdbx_struct_conn_angle.ptnr2_auth_comp_id 
_pdbx_struct_conn_angle.ptnr2_auth_seq_id 
_pdbx_struct_conn_angle.ptnr2_PDB_ins_code 
_pdbx_struct_conn_angle.ptnr2_symmetry 
_pdbx_struct_conn_angle.ptnr3_label_atom_id 
_pdbx_struct_conn_angle.ptnr3_label_alt_id 
_pdbx_struct_conn_angle.ptnr3_label_asym_id 
_pdbx_struct_conn_angle.ptnr3_label_comp_id 
_pdbx_struct_conn_angle.ptnr3_label_seq_id 
_pdbx_struct_conn_angle.ptnr3_auth_atom_id 
_pdbx_struct_conn_angle.ptnr3_auth_asym_id 
_pdbx_struct_conn_angle.ptnr3_auth_comp_id 
_pdbx_struct_conn_angle.ptnr3_auth_seq_id 
_pdbx_struct_conn_angle.ptnr3_PDB_ins_code 
_pdbx_struct_conn_angle.ptnr3_symmetry 
_pdbx_struct_conn_angle.value 
_pdbx_struct_conn_angle.value_esd 
1  OD1 ? A ASP 8   ? A ASP 8   ? 1_555 MG ? D MG . ? A MG 203 ? 1_555 OD2 ? A ASP 8   ? A ASP 8   ? 1_555 52.4  ? 
2  OD1 ? A ASP 8   ? A ASP 8   ? 1_555 MG ? D MG . ? A MG 203 ? 1_555 O   ? A ARG 10  ? A ARG 10  ? 1_555 73.6  ? 
3  OD2 ? A ASP 8   ? A ASP 8   ? 1_555 MG ? D MG . ? A MG 203 ? 1_555 O   ? A ARG 10  ? A ARG 10  ? 1_555 125.6 ? 
4  OD1 ? A ASP 8   ? A ASP 8   ? 1_555 MG ? D MG . ? A MG 203 ? 1_555 OD1 ? A ASP 12  ? A ASP 12  ? 1_555 151.7 ? 
5  OD2 ? A ASP 8   ? A ASP 8   ? 1_555 MG ? D MG . ? A MG 203 ? 1_555 OD1 ? A ASP 12  ? A ASP 12  ? 1_555 144.9 ? 
6  O   ? A ARG 10  ? A ARG 10  ? 1_555 MG ? D MG . ? A MG 203 ? 1_555 OD1 ? A ASP 12  ? A ASP 12  ? 1_555 82.8  ? 
7  OD1 ? A ASP 8   ? A ASP 8   ? 1_555 MG ? D MG . ? A MG 203 ? 1_555 OE1 ? A GLU 16  ? A GLU 16  ? 1_555 75.4  ? 
8  OD2 ? A ASP 8   ? A ASP 8   ? 1_555 MG ? D MG . ? A MG 203 ? 1_555 OE1 ? A GLU 16  ? A GLU 16  ? 1_555 74.4  ? 
9  O   ? A ARG 10  ? A ARG 10  ? 1_555 MG ? D MG . ? A MG 203 ? 1_555 OE1 ? A GLU 16  ? A GLU 16  ? 1_555 100.5 ? 
10 OD1 ? A ASP 12  ? A ASP 12  ? 1_555 MG ? D MG . ? A MG 203 ? 1_555 OE1 ? A GLU 16  ? A GLU 16  ? 1_555 125.0 ? 
11 OD1 ? A ASP 8   ? A ASP 8   ? 1_555 MG ? D MG . ? A MG 203 ? 1_555 OE2 ? A GLU 16  ? A GLU 16  ? 1_555 119.7 ? 
12 OD2 ? A ASP 8   ? A ASP 8   ? 1_555 MG ? D MG . ? A MG 203 ? 1_555 OE2 ? A GLU 16  ? A GLU 16  ? 1_555 121.1 ? 
13 O   ? A ARG 10  ? A ARG 10  ? 1_555 MG ? D MG . ? A MG 203 ? 1_555 OE2 ? A GLU 16  ? A GLU 16  ? 1_555 89.0  ? 
14 OD1 ? A ASP 12  ? A ASP 12  ? 1_555 MG ? D MG . ? A MG 203 ? 1_555 OE2 ? A GLU 16  ? A GLU 16  ? 1_555 74.2  ? 
15 OE1 ? A GLU 16  ? A GLU 16  ? 1_555 MG ? D MG . ? A MG 203 ? 1_555 OE2 ? A GLU 16  ? A GLU 16  ? 1_555 51.3  ? 
16 OD1 ? A ASP 8   ? A ASP 8   ? 1_555 MG ? D MG . ? A MG 203 ? 1_555 O   ? G HOH .   ? A HOH 304 ? 1_555 89.2  ? 
17 OD2 ? A ASP 8   ? A ASP 8   ? 1_555 MG ? D MG . ? A MG 203 ? 1_555 O   ? G HOH .   ? A HOH 304 ? 1_555 77.0  ? 
18 O   ? A ARG 10  ? A ARG 10  ? 1_555 MG ? D MG . ? A MG 203 ? 1_555 O   ? G HOH .   ? A HOH 304 ? 1_555 98.1  ? 
19 OD1 ? A ASP 12  ? A ASP 12  ? 1_555 MG ? D MG . ? A MG 203 ? 1_555 O   ? G HOH .   ? A HOH 304 ? 1_555 78.8  ? 
20 OE1 ? A GLU 16  ? A GLU 16  ? 1_555 MG ? D MG . ? A MG 203 ? 1_555 O   ? G HOH .   ? A HOH 304 ? 1_555 151.3 ? 
21 OE2 ? A GLU 16  ? A GLU 16  ? 1_555 MG ? D MG . ? A MG 203 ? 1_555 O   ? G HOH .   ? A HOH 304 ? 1_555 151.0 ? 
22 OD1 ? A ASP 8   ? A ASP 8   ? 1_555 MG ? D MG . ? A MG 203 ? 1_555 O   ? G HOH .   ? A HOH 307 ? 1_555 128.8 ? 
23 OD2 ? A ASP 8   ? A ASP 8   ? 1_555 MG ? D MG . ? A MG 203 ? 1_555 O   ? G HOH .   ? A HOH 307 ? 1_555 76.6  ? 
24 O   ? A ARG 10  ? A ARG 10  ? 1_555 MG ? D MG . ? A MG 203 ? 1_555 O   ? G HOH .   ? A HOH 307 ? 1_555 154.6 ? 
25 OD1 ? A ASP 12  ? A ASP 12  ? 1_555 MG ? D MG . ? A MG 203 ? 1_555 O   ? G HOH .   ? A HOH 307 ? 1_555 72.2  ? 
26 OE1 ? A GLU 16  ? A GLU 16  ? 1_555 MG ? D MG . ? A MG 203 ? 1_555 O   ? G HOH .   ? A HOH 307 ? 1_555 97.5  ? 
27 OE2 ? A GLU 16  ? A GLU 16  ? 1_555 MG ? D MG . ? A MG 203 ? 1_555 O   ? G HOH .   ? A HOH 307 ? 1_555 88.4  ? 
28 O   ? G HOH .   ? A HOH 304 ? 1_555 MG ? D MG . ? A MG 203 ? 1_555 O   ? G HOH .   ? A HOH 307 ? 1_555 73.3  ? 
29 OD1 ? A ASP 100 ? A ASP 100 ? 1_555 K  ? F K  . ? A K  205 ? 1_555 O   ? A ASP 122 ? A ASP 122 ? 1_555 121.2 ? 
30 OD1 ? A ASP 100 ? A ASP 100 ? 1_555 K  ? F K  . ? A K  205 ? 1_555 O2A ? B CTP .   ? A CTP 201 ? 1_555 74.5  ? 
31 O   ? A ASP 122 ? A ASP 122 ? 1_555 K  ? F K  . ? A K  205 ? 1_555 O2A ? B CTP .   ? A CTP 201 ? 1_555 160.6 ? 
32 OD1 ? A ASP 100 ? A ASP 100 ? 1_555 K  ? F K  . ? A K  205 ? 1_555 O   ? G HOH .   ? A HOH 302 ? 1_555 121.2 ? 
33 O   ? A ASP 122 ? A ASP 122 ? 1_555 K  ? F K  . ? A K  205 ? 1_555 O   ? G HOH .   ? A HOH 302 ? 1_555 107.3 ? 
34 O2A ? B CTP .   ? A CTP 201 ? 1_555 K  ? F K  . ? A K  205 ? 1_555 O   ? G HOH .   ? A HOH 302 ? 1_555 68.1  ? 
35 OD1 ? A ASP 100 ? A ASP 100 ? 1_555 K  ? F K  . ? A K  205 ? 1_555 O   ? G HOH .   ? A HOH 306 ? 1_555 64.5  ? 
36 O   ? A ASP 122 ? A ASP 122 ? 1_555 K  ? F K  . ? A K  205 ? 1_555 O   ? G HOH .   ? A HOH 306 ? 1_555 70.0  ? 
37 O2A ? B CTP .   ? A CTP 201 ? 1_555 K  ? F K  . ? A K  205 ? 1_555 O   ? G HOH .   ? A HOH 306 ? 1_555 112.4 ? 
38 O   ? G HOH .   ? A HOH 302 ? 1_555 K  ? F K  . ? A K  205 ? 1_555 O   ? G HOH .   ? A HOH 306 ? 1_555 173.5 ? 
39 OD1 ? A ASP 100 ? A ASP 100 ? 1_555 K  ? F K  . ? A K  205 ? 1_555 O   ? G HOH .   ? A HOH 308 ? 1_555 54.4  ? 
40 O   ? A ASP 122 ? A ASP 122 ? 1_555 K  ? F K  . ? A K  205 ? 1_555 O   ? G HOH .   ? A HOH 308 ? 1_555 116.7 ? 
41 O2A ? B CTP .   ? A CTP 201 ? 1_555 K  ? F K  . ? A K  205 ? 1_555 O   ? G HOH .   ? A HOH 308 ? 1_555 81.1  ? 
42 O   ? G HOH .   ? A HOH 302 ? 1_555 K  ? F K  . ? A K  205 ? 1_555 O   ? G HOH .   ? A HOH 308 ? 1_555 76.0  ? 
43 O   ? G HOH .   ? A HOH 306 ? 1_555 K  ? F K  . ? A K  205 ? 1_555 O   ? G HOH .   ? A HOH 308 ? 1_555 110.5 ? 
44 O1A ? B CTP .   ? A CTP 201 ? 1_555 MG ? C MG . ? A MG 202 ? 1_555 O2B ? B CTP .   ? A CTP 201 ? 1_555 76.4  ? 
45 O1A ? B CTP .   ? A CTP 201 ? 1_555 MG ? C MG . ? A MG 202 ? 1_555 O   ? G HOH .   ? A HOH 302 ? 1_555 81.6  ? 
46 O2B ? B CTP .   ? A CTP 201 ? 1_555 MG ? C MG . ? A MG 202 ? 1_555 O   ? G HOH .   ? A HOH 302 ? 1_555 86.7  ? 
47 O1A ? B CTP .   ? A CTP 201 ? 1_555 MG ? C MG . ? A MG 202 ? 1_555 O   ? G HOH .   ? A HOH 313 ? 1_555 84.9  ? 
48 O2B ? B CTP .   ? A CTP 201 ? 1_555 MG ? C MG . ? A MG 202 ? 1_555 O   ? G HOH .   ? A HOH 313 ? 1_555 75.7  ? 
49 O   ? G HOH .   ? A HOH 302 ? 1_555 MG ? C MG . ? A MG 202 ? 1_555 O   ? G HOH .   ? A HOH 313 ? 1_555 159.9 ? 
50 O1A ? B CTP .   ? A CTP 201 ? 1_555 MG ? C MG . ? A MG 202 ? 1_555 O   ? G HOH .   ? A HOH 325 ? 1_555 85.3  ? 
51 O2B ? B CTP .   ? A CTP 201 ? 1_555 MG ? C MG . ? A MG 202 ? 1_555 O   ? G HOH .   ? A HOH 325 ? 1_555 161.4 ? 
52 O   ? G HOH .   ? A HOH 302 ? 1_555 MG ? C MG . ? A MG 202 ? 1_555 O   ? G HOH .   ? A HOH 325 ? 1_555 93.9  ? 
53 O   ? G HOH .   ? A HOH 313 ? 1_555 MG ? C MG . ? A MG 202 ? 1_555 O   ? G HOH .   ? A HOH 325 ? 1_555 99.8  ? 
# 
_struct_sheet.id               AA1 
_struct_sheet.type             ? 
_struct_sheet.number_strands   2 
_struct_sheet.details          ? 
# 
_struct_sheet_order.sheet_id     AA1 
_struct_sheet_order.range_id_1   1 
_struct_sheet_order.range_id_2   2 
_struct_sheet_order.offset       ? 
_struct_sheet_order.sense        parallel 
# 
loop_
_struct_sheet_range.sheet_id 
_struct_sheet_range.id 
_struct_sheet_range.beg_label_comp_id 
_struct_sheet_range.beg_label_asym_id 
_struct_sheet_range.beg_label_seq_id 
_struct_sheet_range.pdbx_beg_PDB_ins_code 
_struct_sheet_range.end_label_comp_id 
_struct_sheet_range.end_label_asym_id 
_struct_sheet_range.end_label_seq_id 
_struct_sheet_range.pdbx_end_PDB_ins_code 
_struct_sheet_range.beg_auth_comp_id 
_struct_sheet_range.beg_auth_asym_id 
_struct_sheet_range.beg_auth_seq_id 
_struct_sheet_range.end_auth_comp_id 
_struct_sheet_range.end_auth_asym_id 
_struct_sheet_range.end_auth_seq_id 
AA1 1 ARG A 10  ? ILE A 11  ? ARG A 10  ILE A 11  
AA1 2 THR A 140 ? TRP A 141 ? THR A 140 TRP A 141 
# 
_pdbx_struct_sheet_hbond.sheet_id                AA1 
_pdbx_struct_sheet_hbond.range_id_1              1 
_pdbx_struct_sheet_hbond.range_id_2              2 
_pdbx_struct_sheet_hbond.range_1_label_atom_id   N 
_pdbx_struct_sheet_hbond.range_1_label_comp_id   ILE 
_pdbx_struct_sheet_hbond.range_1_label_asym_id   A 
_pdbx_struct_sheet_hbond.range_1_label_seq_id    11 
_pdbx_struct_sheet_hbond.range_1_PDB_ins_code    ? 
_pdbx_struct_sheet_hbond.range_1_auth_atom_id    N 
_pdbx_struct_sheet_hbond.range_1_auth_comp_id    ILE 
_pdbx_struct_sheet_hbond.range_1_auth_asym_id    A 
_pdbx_struct_sheet_hbond.range_1_auth_seq_id     11 
_pdbx_struct_sheet_hbond.range_2_label_atom_id   O 
_pdbx_struct_sheet_hbond.range_2_label_comp_id   THR 
_pdbx_struct_sheet_hbond.range_2_label_asym_id   A 
_pdbx_struct_sheet_hbond.range_2_label_seq_id    140 
_pdbx_struct_sheet_hbond.range_2_PDB_ins_code    ? 
_pdbx_struct_sheet_hbond.range_2_auth_atom_id    O 
_pdbx_struct_sheet_hbond.range_2_auth_comp_id    THR 
_pdbx_struct_sheet_hbond.range_2_auth_asym_id    A 
_pdbx_struct_sheet_hbond.range_2_auth_seq_id     140 
# 
loop_
_struct_site.id 
_struct_site.pdbx_evidence_code 
_struct_site.pdbx_auth_asym_id 
_struct_site.pdbx_auth_comp_id 
_struct_site.pdbx_auth_seq_id 
_struct_site.pdbx_auth_ins_code 
_struct_site.pdbx_num_residues 
_struct_site.details 
AC1 Software A CTP 201 ? 22 'binding site for residue CTP A 201' 
AC2 Software A MG  202 ? 4  'binding site for residue MG A 202'  
AC3 Software A MG  203 ? 6  'binding site for residue MG A 203'  
AC4 Software A MG  204 ? 3  'binding site for residue MG A 204'  
AC5 Software A K   205 ? 6  'binding site for residue K A 205'   
# 
loop_
_struct_site_gen.id 
_struct_site_gen.site_id 
_struct_site_gen.pdbx_num_res 
_struct_site_gen.label_comp_id 
_struct_site_gen.label_asym_id 
_struct_site_gen.label_seq_id 
_struct_site_gen.pdbx_auth_ins_code 
_struct_site_gen.auth_comp_id 
_struct_site_gen.auth_asym_id 
_struct_site_gen.auth_seq_id 
_struct_site_gen.label_atom_id 
_struct_site_gen.label_alt_id 
_struct_site_gen.symmetry 
_struct_site_gen.details 
1  AC1 22 PRO A 31  ? PRO A 31  . ? 1_555 ? 
2  AC1 22 VAL A 32  ? VAL A 32  . ? 1_555 ? 
3  AC1 22 GLY A 35  ? GLY A 35  . ? 1_555 ? 
4  AC1 22 GLY A 56  ? GLY A 56  . ? 1_555 ? 
5  AC1 22 LYS A 57  ? LYS A 57  . ? 1_555 ? 
6  AC1 22 THR A 58  ? THR A 58  . ? 1_555 ? 
7  AC1 22 GLY A 61  ? GLY A 61  . ? 1_555 ? 
8  AC1 22 LEU A 62  ? LEU A 62  . ? 1_555 ? 
9  AC1 22 ASP A 100 ? ASP A 100 . ? 1_555 ? 
10 AC1 22 SER A 104 ? SER A 104 . ? 1_555 ? 
11 AC1 22 LYS A 107 ? LYS A 107 . ? 1_555 ? 
12 AC1 22 ARG A 108 ? ARG A 108 . ? 1_555 ? 
13 AC1 22 ARG A 114 ? ARG A 114 . ? 1_555 ? 
14 AC1 22 GLY A 115 ? GLY A 115 . ? 1_555 ? 
15 AC1 22 MG  C .   ? MG  A 202 . ? 1_555 ? 
16 AC1 22 K   F .   ? K   A 205 . ? 1_555 ? 
17 AC1 22 HOH G .   ? HOH A 302 . ? 1_555 ? 
18 AC1 22 HOH G .   ? HOH A 309 . ? 1_555 ? 
19 AC1 22 HOH G .   ? HOH A 311 . ? 1_555 ? 
20 AC1 22 HOH G .   ? HOH A 313 . ? 1_555 ? 
21 AC1 22 HOH G .   ? HOH A 325 . ? 1_555 ? 
22 AC1 22 HOH G .   ? HOH A 332 . ? 1_555 ? 
23 AC2 4  CTP B .   ? CTP A 201 . ? 1_555 ? 
24 AC2 4  HOH G .   ? HOH A 302 . ? 1_555 ? 
25 AC2 4  HOH G .   ? HOH A 313 . ? 1_555 ? 
26 AC2 4  HOH G .   ? HOH A 325 . ? 1_555 ? 
27 AC3 6  ASP A 8   ? ASP A 8   . ? 1_555 ? 
28 AC3 6  ARG A 10  ? ARG A 10  . ? 1_555 ? 
29 AC3 6  ASP A 12  ? ASP A 12  . ? 1_555 ? 
30 AC3 6  GLU A 16  ? GLU A 16  . ? 1_555 ? 
31 AC3 6  HOH G .   ? HOH A 304 . ? 1_555 ? 
32 AC3 6  HOH G .   ? HOH A 307 . ? 1_555 ? 
33 AC4 3  ARG A 50  ? ARG A 50  . ? 1_555 ? 
34 AC4 3  ARG A 51  ? ARG A 51  . ? 1_555 ? 
35 AC4 3  HOH G .   ? HOH A 355 . ? 1_555 ? 
36 AC5 6  ASP A 100 ? ASP A 100 . ? 1_555 ? 
37 AC5 6  ASP A 122 ? ASP A 122 . ? 1_555 ? 
38 AC5 6  CTP B .   ? CTP A 201 . ? 1_555 ? 
39 AC5 6  HOH G .   ? HOH A 302 . ? 1_555 ? 
40 AC5 6  HOH G .   ? HOH A 306 . ? 1_555 ? 
41 AC5 6  HOH G .   ? HOH A 308 . ? 1_555 ? 
# 
_pdbx_validate_close_contact.id               1 
_pdbx_validate_close_contact.PDB_model_num    1 
_pdbx_validate_close_contact.auth_atom_id_1   O 
_pdbx_validate_close_contact.auth_asym_id_1   A 
_pdbx_validate_close_contact.auth_comp_id_1   HOH 
_pdbx_validate_close_contact.auth_seq_id_1    366 
_pdbx_validate_close_contact.PDB_ins_code_1   ? 
_pdbx_validate_close_contact.label_alt_id_1   ? 
_pdbx_validate_close_contact.auth_atom_id_2   O 
_pdbx_validate_close_contact.auth_asym_id_2   A 
_pdbx_validate_close_contact.auth_comp_id_2   HOH 
_pdbx_validate_close_contact.auth_seq_id_2    371 
_pdbx_validate_close_contact.PDB_ins_code_2   ? 
_pdbx_validate_close_contact.label_alt_id_2   ? 
_pdbx_validate_close_contact.dist             2.09 
# 
loop_
_pdbx_validate_torsion.id 
_pdbx_validate_torsion.PDB_model_num 
_pdbx_validate_torsion.auth_comp_id 
_pdbx_validate_torsion.auth_asym_id 
_pdbx_validate_torsion.auth_seq_id 
_pdbx_validate_torsion.PDB_ins_code 
_pdbx_validate_torsion.label_alt_id 
_pdbx_validate_torsion.phi 
_pdbx_validate_torsion.psi 
1 1 ASP A 8   ? ? -116.41 -166.83 
2 1 ARG A 37  ? ? -146.58 -5.15   
3 1 MET A 42  ? ? 55.70   19.80   
4 1 LEU A 120 ? ? 74.14   -64.57  
# 
_pdbx_struct_special_symmetry.id              1 
_pdbx_struct_special_symmetry.PDB_model_num   1 
_pdbx_struct_special_symmetry.auth_asym_id    A 
_pdbx_struct_special_symmetry.auth_comp_id    HOH 
_pdbx_struct_special_symmetry.auth_seq_id     301 
_pdbx_struct_special_symmetry.PDB_ins_code    ? 
_pdbx_struct_special_symmetry.label_asym_id   G 
_pdbx_struct_special_symmetry.label_comp_id   HOH 
_pdbx_struct_special_symmetry.label_seq_id    . 
# 
loop_
_space_group_symop.id 
_space_group_symop.operation_xyz 
1 x,y,z               
2 x,-y,-z             
3 -x,y,-z+1/2         
4 -x,-y,z+1/2         
5 x+1/2,y+1/2,z       
6 x+1/2,-y+1/2,-z     
7 -x+1/2,y+1/2,-z+1/2 
8 -x+1/2,-y+1/2,z+1/2 
# 
loop_
_pdbx_unobs_or_zero_occ_residues.id 
_pdbx_unobs_or_zero_occ_residues.PDB_model_num 
_pdbx_unobs_or_zero_occ_residues.polymer_flag 
_pdbx_unobs_or_zero_occ_residues.occupancy_flag 
_pdbx_unobs_or_zero_occ_residues.auth_asym_id 
_pdbx_unobs_or_zero_occ_residues.auth_comp_id 
_pdbx_unobs_or_zero_occ_residues.auth_seq_id 
_pdbx_unobs_or_zero_occ_residues.PDB_ins_code 
_pdbx_unobs_or_zero_occ_residues.label_asym_id 
_pdbx_unobs_or_zero_occ_residues.label_comp_id 
_pdbx_unobs_or_zero_occ_residues.label_seq_id 
1  1 Y 1 A MET 1   ? A MET 1   
2  1 Y 1 A ALA 2   ? A ALA 2   
3  1 Y 1 A LEU 3   ? A LEU 3   
4  1 Y 1 A GLU 4   ? A GLU 4   
5  1 Y 1 A LEU 5   ? A LEU 5   
6  1 Y 1 A ALA 164 ? A ALA 164 
7  1 Y 1 A TYR 165 ? A TYR 165 
8  1 Y 1 A LEU 166 ? A LEU 166 
9  1 Y 1 A LEU 167 ? A LEU 167 
10 1 Y 1 A GLY 168 ? A GLY 168 
11 1 Y 1 A LEU 169 ? A LEU 169 
12 1 Y 1 A LYS 170 ? A LYS 170 
13 1 Y 1 A LYS 171 ? A LYS 171 
14 1 Y 1 A VAL 172 ? A VAL 172 
15 1 Y 1 A PRO 173 ? A PRO 173 
16 1 Y 1 A TRP 174 ? A TRP 174 
17 1 Y 1 A LEU 175 ? A LEU 175 
18 1 Y 1 A GLU 176 ? A GLU 176 
19 1 Y 1 A HIS 177 ? A HIS 177 
20 1 Y 1 A HIS 178 ? A HIS 178 
21 1 Y 1 A HIS 179 ? A HIS 179 
22 1 Y 1 A HIS 180 ? A HIS 180 
23 1 Y 1 A HIS 181 ? A HIS 181 
24 1 Y 1 A HIS 182 ? A HIS 182 
# 
loop_
_chem_comp_atom.comp_id 
_chem_comp_atom.atom_id 
_chem_comp_atom.type_symbol 
_chem_comp_atom.pdbx_aromatic_flag 
_chem_comp_atom.pdbx_stereo_config 
_chem_comp_atom.pdbx_ordinal 
ALA N      N  N N 1   
ALA CA     C  N S 2   
ALA C      C  N N 3   
ALA O      O  N N 4   
ALA CB     C  N N 5   
ALA OXT    O  N N 6   
ALA H      H  N N 7   
ALA H2     H  N N 8   
ALA HA     H  N N 9   
ALA HB1    H  N N 10  
ALA HB2    H  N N 11  
ALA HB3    H  N N 12  
ALA HXT    H  N N 13  
ARG N      N  N N 14  
ARG CA     C  N S 15  
ARG C      C  N N 16  
ARG O      O  N N 17  
ARG CB     C  N N 18  
ARG CG     C  N N 19  
ARG CD     C  N N 20  
ARG NE     N  N N 21  
ARG CZ     C  N N 22  
ARG NH1    N  N N 23  
ARG NH2    N  N N 24  
ARG OXT    O  N N 25  
ARG H      H  N N 26  
ARG H2     H  N N 27  
ARG HA     H  N N 28  
ARG HB2    H  N N 29  
ARG HB3    H  N N 30  
ARG HG2    H  N N 31  
ARG HG3    H  N N 32  
ARG HD2    H  N N 33  
ARG HD3    H  N N 34  
ARG HE     H  N N 35  
ARG HH11   H  N N 36  
ARG HH12   H  N N 37  
ARG HH21   H  N N 38  
ARG HH22   H  N N 39  
ARG HXT    H  N N 40  
ASN N      N  N N 41  
ASN CA     C  N S 42  
ASN C      C  N N 43  
ASN O      O  N N 44  
ASN CB     C  N N 45  
ASN CG     C  N N 46  
ASN OD1    O  N N 47  
ASN ND2    N  N N 48  
ASN OXT    O  N N 49  
ASN H      H  N N 50  
ASN H2     H  N N 51  
ASN HA     H  N N 52  
ASN HB2    H  N N 53  
ASN HB3    H  N N 54  
ASN HD21   H  N N 55  
ASN HD22   H  N N 56  
ASN HXT    H  N N 57  
ASP N      N  N N 58  
ASP CA     C  N S 59  
ASP C      C  N N 60  
ASP O      O  N N 61  
ASP CB     C  N N 62  
ASP CG     C  N N 63  
ASP OD1    O  N N 64  
ASP OD2    O  N N 65  
ASP OXT    O  N N 66  
ASP H      H  N N 67  
ASP H2     H  N N 68  
ASP HA     H  N N 69  
ASP HB2    H  N N 70  
ASP HB3    H  N N 71  
ASP HD2    H  N N 72  
ASP HXT    H  N N 73  
CTP N1     N  N N 74  
CTP C2     C  N N 75  
CTP N3     N  N N 76  
CTP C4     C  N N 77  
CTP C5     C  N N 78  
CTP C6     C  N N 79  
CTP O2     O  N N 80  
CTP N4     N  N N 81  
CTP "C1'"  C  N R 82  
CTP "C2'"  C  N R 83  
CTP "O2'"  O  N N 84  
CTP "C3'"  C  N S 85  
CTP "C4'"  C  N R 86  
CTP "O4'"  O  N N 87  
CTP "O3'"  O  N N 88  
CTP "C5'"  C  N N 89  
CTP "O5'"  O  N N 90  
CTP PA     P  N S 91  
CTP O1A    O  N N 92  
CTP O2A    O  N N 93  
CTP O3A    O  N N 94  
CTP PB     P  N R 95  
CTP O1B    O  N N 96  
CTP O2B    O  N N 97  
CTP O3B    O  N N 98  
CTP PG     P  N N 99  
CTP O1G    O  N N 100 
CTP O2G    O  N N 101 
CTP O3G    O  N N 102 
CTP H5     H  N N 103 
CTP H6     H  N N 104 
CTP HN41   H  N N 105 
CTP HN42   H  N N 106 
CTP "H1'"  H  N N 107 
CTP "H2'"  H  N N 108 
CTP "HO2'" H  N N 109 
CTP "H3'"  H  N N 110 
CTP "H4'"  H  N N 111 
CTP "HO3'" H  N N 112 
CTP "H5'1" H  N N 113 
CTP "H5'2" H  N N 114 
CTP HOA2   H  N N 115 
CTP HOB2   H  N N 116 
CTP HOG2   H  N N 117 
CTP HOG3   H  N N 118 
GLN N      N  N N 119 
GLN CA     C  N S 120 
GLN C      C  N N 121 
GLN O      O  N N 122 
GLN CB     C  N N 123 
GLN CG     C  N N 124 
GLN CD     C  N N 125 
GLN OE1    O  N N 126 
GLN NE2    N  N N 127 
GLN OXT    O  N N 128 
GLN H      H  N N 129 
GLN H2     H  N N 130 
GLN HA     H  N N 131 
GLN HB2    H  N N 132 
GLN HB3    H  N N 133 
GLN HG2    H  N N 134 
GLN HG3    H  N N 135 
GLN HE21   H  N N 136 
GLN HE22   H  N N 137 
GLN HXT    H  N N 138 
GLU N      N  N N 139 
GLU CA     C  N S 140 
GLU C      C  N N 141 
GLU O      O  N N 142 
GLU CB     C  N N 143 
GLU CG     C  N N 144 
GLU CD     C  N N 145 
GLU OE1    O  N N 146 
GLU OE2    O  N N 147 
GLU OXT    O  N N 148 
GLU H      H  N N 149 
GLU H2     H  N N 150 
GLU HA     H  N N 151 
GLU HB2    H  N N 152 
GLU HB3    H  N N 153 
GLU HG2    H  N N 154 
GLU HG3    H  N N 155 
GLU HE2    H  N N 156 
GLU HXT    H  N N 157 
GLY N      N  N N 158 
GLY CA     C  N N 159 
GLY C      C  N N 160 
GLY O      O  N N 161 
GLY OXT    O  N N 162 
GLY H      H  N N 163 
GLY H2     H  N N 164 
GLY HA2    H  N N 165 
GLY HA3    H  N N 166 
GLY HXT    H  N N 167 
HIS N      N  N N 168 
HIS CA     C  N S 169 
HIS C      C  N N 170 
HIS O      O  N N 171 
HIS CB     C  N N 172 
HIS CG     C  Y N 173 
HIS ND1    N  Y N 174 
HIS CD2    C  Y N 175 
HIS CE1    C  Y N 176 
HIS NE2    N  Y N 177 
HIS OXT    O  N N 178 
HIS H      H  N N 179 
HIS H2     H  N N 180 
HIS HA     H  N N 181 
HIS HB2    H  N N 182 
HIS HB3    H  N N 183 
HIS HD1    H  N N 184 
HIS HD2    H  N N 185 
HIS HE1    H  N N 186 
HIS HE2    H  N N 187 
HIS HXT    H  N N 188 
HOH O      O  N N 189 
HOH H1     H  N N 190 
HOH H2     H  N N 191 
ILE N      N  N N 192 
ILE CA     C  N S 193 
ILE C      C  N N 194 
ILE O      O  N N 195 
ILE CB     C  N S 196 
ILE CG1    C  N N 197 
ILE CG2    C  N N 198 
ILE CD1    C  N N 199 
ILE OXT    O  N N 200 
ILE H      H  N N 201 
ILE H2     H  N N 202 
ILE HA     H  N N 203 
ILE HB     H  N N 204 
ILE HG12   H  N N 205 
ILE HG13   H  N N 206 
ILE HG21   H  N N 207 
ILE HG22   H  N N 208 
ILE HG23   H  N N 209 
ILE HD11   H  N N 210 
ILE HD12   H  N N 211 
ILE HD13   H  N N 212 
ILE HXT    H  N N 213 
K   K      K  N N 214 
LEU N      N  N N 215 
LEU CA     C  N S 216 
LEU C      C  N N 217 
LEU O      O  N N 218 
LEU CB     C  N N 219 
LEU CG     C  N N 220 
LEU CD1    C  N N 221 
LEU CD2    C  N N 222 
LEU OXT    O  N N 223 
LEU H      H  N N 224 
LEU H2     H  N N 225 
LEU HA     H  N N 226 
LEU HB2    H  N N 227 
LEU HB3    H  N N 228 
LEU HG     H  N N 229 
LEU HD11   H  N N 230 
LEU HD12   H  N N 231 
LEU HD13   H  N N 232 
LEU HD21   H  N N 233 
LEU HD22   H  N N 234 
LEU HD23   H  N N 235 
LEU HXT    H  N N 236 
LYS N      N  N N 237 
LYS CA     C  N S 238 
LYS C      C  N N 239 
LYS O      O  N N 240 
LYS CB     C  N N 241 
LYS CG     C  N N 242 
LYS CD     C  N N 243 
LYS CE     C  N N 244 
LYS NZ     N  N N 245 
LYS OXT    O  N N 246 
LYS H      H  N N 247 
LYS H2     H  N N 248 
LYS HA     H  N N 249 
LYS HB2    H  N N 250 
LYS HB3    H  N N 251 
LYS HG2    H  N N 252 
LYS HG3    H  N N 253 
LYS HD2    H  N N 254 
LYS HD3    H  N N 255 
LYS HE2    H  N N 256 
LYS HE3    H  N N 257 
LYS HZ1    H  N N 258 
LYS HZ2    H  N N 259 
LYS HZ3    H  N N 260 
LYS HXT    H  N N 261 
MET N      N  N N 262 
MET CA     C  N S 263 
MET C      C  N N 264 
MET O      O  N N 265 
MET CB     C  N N 266 
MET CG     C  N N 267 
MET SD     S  N N 268 
MET CE     C  N N 269 
MET OXT    O  N N 270 
MET H      H  N N 271 
MET H2     H  N N 272 
MET HA     H  N N 273 
MET HB2    H  N N 274 
MET HB3    H  N N 275 
MET HG2    H  N N 276 
MET HG3    H  N N 277 
MET HE1    H  N N 278 
MET HE2    H  N N 279 
MET HE3    H  N N 280 
MET HXT    H  N N 281 
MG  MG     MG N N 282 
PHE N      N  N N 283 
PHE CA     C  N S 284 
PHE C      C  N N 285 
PHE O      O  N N 286 
PHE CB     C  N N 287 
PHE CG     C  Y N 288 
PHE CD1    C  Y N 289 
PHE CD2    C  Y N 290 
PHE CE1    C  Y N 291 
PHE CE2    C  Y N 292 
PHE CZ     C  Y N 293 
PHE OXT    O  N N 294 
PHE H      H  N N 295 
PHE H2     H  N N 296 
PHE HA     H  N N 297 
PHE HB2    H  N N 298 
PHE HB3    H  N N 299 
PHE HD1    H  N N 300 
PHE HD2    H  N N 301 
PHE HE1    H  N N 302 
PHE HE2    H  N N 303 
PHE HZ     H  N N 304 
PHE HXT    H  N N 305 
PRO N      N  N N 306 
PRO CA     C  N S 307 
PRO C      C  N N 308 
PRO O      O  N N 309 
PRO CB     C  N N 310 
PRO CG     C  N N 311 
PRO CD     C  N N 312 
PRO OXT    O  N N 313 
PRO H      H  N N 314 
PRO HA     H  N N 315 
PRO HB2    H  N N 316 
PRO HB3    H  N N 317 
PRO HG2    H  N N 318 
PRO HG3    H  N N 319 
PRO HD2    H  N N 320 
PRO HD3    H  N N 321 
PRO HXT    H  N N 322 
SER N      N  N N 323 
SER CA     C  N S 324 
SER C      C  N N 325 
SER O      O  N N 326 
SER CB     C  N N 327 
SER OG     O  N N 328 
SER OXT    O  N N 329 
SER H      H  N N 330 
SER H2     H  N N 331 
SER HA     H  N N 332 
SER HB2    H  N N 333 
SER HB3    H  N N 334 
SER HG     H  N N 335 
SER HXT    H  N N 336 
THR N      N  N N 337 
THR CA     C  N S 338 
THR C      C  N N 339 
THR O      O  N N 340 
THR CB     C  N R 341 
THR OG1    O  N N 342 
THR CG2    C  N N 343 
THR OXT    O  N N 344 
THR H      H  N N 345 
THR H2     H  N N 346 
THR HA     H  N N 347 
THR HB     H  N N 348 
THR HG1    H  N N 349 
THR HG21   H  N N 350 
THR HG22   H  N N 351 
THR HG23   H  N N 352 
THR HXT    H  N N 353 
TRP N      N  N N 354 
TRP CA     C  N S 355 
TRP C      C  N N 356 
TRP O      O  N N 357 
TRP CB     C  N N 358 
TRP CG     C  Y N 359 
TRP CD1    C  Y N 360 
TRP CD2    C  Y N 361 
TRP NE1    N  Y N 362 
TRP CE2    C  Y N 363 
TRP CE3    C  Y N 364 
TRP CZ2    C  Y N 365 
TRP CZ3    C  Y N 366 
TRP CH2    C  Y N 367 
TRP OXT    O  N N 368 
TRP H      H  N N 369 
TRP H2     H  N N 370 
TRP HA     H  N N 371 
TRP HB2    H  N N 372 
TRP HB3    H  N N 373 
TRP HD1    H  N N 374 
TRP HE1    H  N N 375 
TRP HE3    H  N N 376 
TRP HZ2    H  N N 377 
TRP HZ3    H  N N 378 
TRP HH2    H  N N 379 
TRP HXT    H  N N 380 
TYR N      N  N N 381 
TYR CA     C  N S 382 
TYR C      C  N N 383 
TYR O      O  N N 384 
TYR CB     C  N N 385 
TYR CG     C  Y N 386 
TYR CD1    C  Y N 387 
TYR CD2    C  Y N 388 
TYR CE1    C  Y N 389 
TYR CE2    C  Y N 390 
TYR CZ     C  Y N 391 
TYR OH     O  N N 392 
TYR OXT    O  N N 393 
TYR H      H  N N 394 
TYR H2     H  N N 395 
TYR HA     H  N N 396 
TYR HB2    H  N N 397 
TYR HB3    H  N N 398 
TYR HD1    H  N N 399 
TYR HD2    H  N N 400 
TYR HE1    H  N N 401 
TYR HE2    H  N N 402 
TYR HH     H  N N 403 
TYR HXT    H  N N 404 
VAL N      N  N N 405 
VAL CA     C  N S 406 
VAL C      C  N N 407 
VAL O      O  N N 408 
VAL CB     C  N N 409 
VAL CG1    C  N N 410 
VAL CG2    C  N N 411 
VAL OXT    O  N N 412 
VAL H      H  N N 413 
VAL H2     H  N N 414 
VAL HA     H  N N 415 
VAL HB     H  N N 416 
VAL HG11   H  N N 417 
VAL HG12   H  N N 418 
VAL HG13   H  N N 419 
VAL HG21   H  N N 420 
VAL HG22   H  N N 421 
VAL HG23   H  N N 422 
VAL HXT    H  N N 423 
# 
loop_
_chem_comp_bond.comp_id 
_chem_comp_bond.atom_id_1 
_chem_comp_bond.atom_id_2 
_chem_comp_bond.value_order 
_chem_comp_bond.pdbx_aromatic_flag 
_chem_comp_bond.pdbx_stereo_config 
_chem_comp_bond.pdbx_ordinal 
ALA N     CA     sing N N 1   
ALA N     H      sing N N 2   
ALA N     H2     sing N N 3   
ALA CA    C      sing N N 4   
ALA CA    CB     sing N N 5   
ALA CA    HA     sing N N 6   
ALA C     O      doub N N 7   
ALA C     OXT    sing N N 8   
ALA CB    HB1    sing N N 9   
ALA CB    HB2    sing N N 10  
ALA CB    HB3    sing N N 11  
ALA OXT   HXT    sing N N 12  
ARG N     CA     sing N N 13  
ARG N     H      sing N N 14  
ARG N     H2     sing N N 15  
ARG CA    C      sing N N 16  
ARG CA    CB     sing N N 17  
ARG CA    HA     sing N N 18  
ARG C     O      doub N N 19  
ARG C     OXT    sing N N 20  
ARG CB    CG     sing N N 21  
ARG CB    HB2    sing N N 22  
ARG CB    HB3    sing N N 23  
ARG CG    CD     sing N N 24  
ARG CG    HG2    sing N N 25  
ARG CG    HG3    sing N N 26  
ARG CD    NE     sing N N 27  
ARG CD    HD2    sing N N 28  
ARG CD    HD3    sing N N 29  
ARG NE    CZ     sing N N 30  
ARG NE    HE     sing N N 31  
ARG CZ    NH1    sing N N 32  
ARG CZ    NH2    doub N N 33  
ARG NH1   HH11   sing N N 34  
ARG NH1   HH12   sing N N 35  
ARG NH2   HH21   sing N N 36  
ARG NH2   HH22   sing N N 37  
ARG OXT   HXT    sing N N 38  
ASN N     CA     sing N N 39  
ASN N     H      sing N N 40  
ASN N     H2     sing N N 41  
ASN CA    C      sing N N 42  
ASN CA    CB     sing N N 43  
ASN CA    HA     sing N N 44  
ASN C     O      doub N N 45  
ASN C     OXT    sing N N 46  
ASN CB    CG     sing N N 47  
ASN CB    HB2    sing N N 48  
ASN CB    HB3    sing N N 49  
ASN CG    OD1    doub N N 50  
ASN CG    ND2    sing N N 51  
ASN ND2   HD21   sing N N 52  
ASN ND2   HD22   sing N N 53  
ASN OXT   HXT    sing N N 54  
ASP N     CA     sing N N 55  
ASP N     H      sing N N 56  
ASP N     H2     sing N N 57  
ASP CA    C      sing N N 58  
ASP CA    CB     sing N N 59  
ASP CA    HA     sing N N 60  
ASP C     O      doub N N 61  
ASP C     OXT    sing N N 62  
ASP CB    CG     sing N N 63  
ASP CB    HB2    sing N N 64  
ASP CB    HB3    sing N N 65  
ASP CG    OD1    doub N N 66  
ASP CG    OD2    sing N N 67  
ASP OD2   HD2    sing N N 68  
ASP OXT   HXT    sing N N 69  
CTP N1    C2     sing N N 70  
CTP N1    C6     sing N N 71  
CTP N1    "C1'"  sing N N 72  
CTP C2    N3     sing N N 73  
CTP C2    O2     doub N N 74  
CTP N3    C4     doub N N 75  
CTP C4    C5     sing N N 76  
CTP C4    N4     sing N N 77  
CTP C5    C6     doub N N 78  
CTP C5    H5     sing N N 79  
CTP C6    H6     sing N N 80  
CTP N4    HN41   sing N N 81  
CTP N4    HN42   sing N N 82  
CTP "C1'" "C2'"  sing N N 83  
CTP "C1'" "O4'"  sing N N 84  
CTP "C1'" "H1'"  sing N N 85  
CTP "C2'" "O2'"  sing N N 86  
CTP "C2'" "C3'"  sing N N 87  
CTP "C2'" "H2'"  sing N N 88  
CTP "O2'" "HO2'" sing N N 89  
CTP "C3'" "C4'"  sing N N 90  
CTP "C3'" "O3'"  sing N N 91  
CTP "C3'" "H3'"  sing N N 92  
CTP "C4'" "O4'"  sing N N 93  
CTP "C4'" "C5'"  sing N N 94  
CTP "C4'" "H4'"  sing N N 95  
CTP "O3'" "HO3'" sing N N 96  
CTP "C5'" "O5'"  sing N N 97  
CTP "C5'" "H5'1" sing N N 98  
CTP "C5'" "H5'2" sing N N 99  
CTP "O5'" PA     sing N N 100 
CTP PA    O1A    doub N N 101 
CTP PA    O2A    sing N N 102 
CTP PA    O3A    sing N N 103 
CTP O2A   HOA2   sing N N 104 
CTP O3A   PB     sing N N 105 
CTP PB    O1B    doub N N 106 
CTP PB    O2B    sing N N 107 
CTP PB    O3B    sing N N 108 
CTP O2B   HOB2   sing N N 109 
CTP O3B   PG     sing N N 110 
CTP PG    O1G    doub N N 111 
CTP PG    O2G    sing N N 112 
CTP PG    O3G    sing N N 113 
CTP O2G   HOG2   sing N N 114 
CTP O3G   HOG3   sing N N 115 
GLN N     CA     sing N N 116 
GLN N     H      sing N N 117 
GLN N     H2     sing N N 118 
GLN CA    C      sing N N 119 
GLN CA    CB     sing N N 120 
GLN CA    HA     sing N N 121 
GLN C     O      doub N N 122 
GLN C     OXT    sing N N 123 
GLN CB    CG     sing N N 124 
GLN CB    HB2    sing N N 125 
GLN CB    HB3    sing N N 126 
GLN CG    CD     sing N N 127 
GLN CG    HG2    sing N N 128 
GLN CG    HG3    sing N N 129 
GLN CD    OE1    doub N N 130 
GLN CD    NE2    sing N N 131 
GLN NE2   HE21   sing N N 132 
GLN NE2   HE22   sing N N 133 
GLN OXT   HXT    sing N N 134 
GLU N     CA     sing N N 135 
GLU N     H      sing N N 136 
GLU N     H2     sing N N 137 
GLU CA    C      sing N N 138 
GLU CA    CB     sing N N 139 
GLU CA    HA     sing N N 140 
GLU C     O      doub N N 141 
GLU C     OXT    sing N N 142 
GLU CB    CG     sing N N 143 
GLU CB    HB2    sing N N 144 
GLU CB    HB3    sing N N 145 
GLU CG    CD     sing N N 146 
GLU CG    HG2    sing N N 147 
GLU CG    HG3    sing N N 148 
GLU CD    OE1    doub N N 149 
GLU CD    OE2    sing N N 150 
GLU OE2   HE2    sing N N 151 
GLU OXT   HXT    sing N N 152 
GLY N     CA     sing N N 153 
GLY N     H      sing N N 154 
GLY N     H2     sing N N 155 
GLY CA    C      sing N N 156 
GLY CA    HA2    sing N N 157 
GLY CA    HA3    sing N N 158 
GLY C     O      doub N N 159 
GLY C     OXT    sing N N 160 
GLY OXT   HXT    sing N N 161 
HIS N     CA     sing N N 162 
HIS N     H      sing N N 163 
HIS N     H2     sing N N 164 
HIS CA    C      sing N N 165 
HIS CA    CB     sing N N 166 
HIS CA    HA     sing N N 167 
HIS C     O      doub N N 168 
HIS C     OXT    sing N N 169 
HIS CB    CG     sing N N 170 
HIS CB    HB2    sing N N 171 
HIS CB    HB3    sing N N 172 
HIS CG    ND1    sing Y N 173 
HIS CG    CD2    doub Y N 174 
HIS ND1   CE1    doub Y N 175 
HIS ND1   HD1    sing N N 176 
HIS CD2   NE2    sing Y N 177 
HIS CD2   HD2    sing N N 178 
HIS CE1   NE2    sing Y N 179 
HIS CE1   HE1    sing N N 180 
HIS NE2   HE2    sing N N 181 
HIS OXT   HXT    sing N N 182 
HOH O     H1     sing N N 183 
HOH O     H2     sing N N 184 
ILE N     CA     sing N N 185 
ILE N     H      sing N N 186 
ILE N     H2     sing N N 187 
ILE CA    C      sing N N 188 
ILE CA    CB     sing N N 189 
ILE CA    HA     sing N N 190 
ILE C     O      doub N N 191 
ILE C     OXT    sing N N 192 
ILE CB    CG1    sing N N 193 
ILE CB    CG2    sing N N 194 
ILE CB    HB     sing N N 195 
ILE CG1   CD1    sing N N 196 
ILE CG1   HG12   sing N N 197 
ILE CG1   HG13   sing N N 198 
ILE CG2   HG21   sing N N 199 
ILE CG2   HG22   sing N N 200 
ILE CG2   HG23   sing N N 201 
ILE CD1   HD11   sing N N 202 
ILE CD1   HD12   sing N N 203 
ILE CD1   HD13   sing N N 204 
ILE OXT   HXT    sing N N 205 
LEU N     CA     sing N N 206 
LEU N     H      sing N N 207 
LEU N     H2     sing N N 208 
LEU CA    C      sing N N 209 
LEU CA    CB     sing N N 210 
LEU CA    HA     sing N N 211 
LEU C     O      doub N N 212 
LEU C     OXT    sing N N 213 
LEU CB    CG     sing N N 214 
LEU CB    HB2    sing N N 215 
LEU CB    HB3    sing N N 216 
LEU CG    CD1    sing N N 217 
LEU CG    CD2    sing N N 218 
LEU CG    HG     sing N N 219 
LEU CD1   HD11   sing N N 220 
LEU CD1   HD12   sing N N 221 
LEU CD1   HD13   sing N N 222 
LEU CD2   HD21   sing N N 223 
LEU CD2   HD22   sing N N 224 
LEU CD2   HD23   sing N N 225 
LEU OXT   HXT    sing N N 226 
LYS N     CA     sing N N 227 
LYS N     H      sing N N 228 
LYS N     H2     sing N N 229 
LYS CA    C      sing N N 230 
LYS CA    CB     sing N N 231 
LYS CA    HA     sing N N 232 
LYS C     O      doub N N 233 
LYS C     OXT    sing N N 234 
LYS CB    CG     sing N N 235 
LYS CB    HB2    sing N N 236 
LYS CB    HB3    sing N N 237 
LYS CG    CD     sing N N 238 
LYS CG    HG2    sing N N 239 
LYS CG    HG3    sing N N 240 
LYS CD    CE     sing N N 241 
LYS CD    HD2    sing N N 242 
LYS CD    HD3    sing N N 243 
LYS CE    NZ     sing N N 244 
LYS CE    HE2    sing N N 245 
LYS CE    HE3    sing N N 246 
LYS NZ    HZ1    sing N N 247 
LYS NZ    HZ2    sing N N 248 
LYS NZ    HZ3    sing N N 249 
LYS OXT   HXT    sing N N 250 
MET N     CA     sing N N 251 
MET N     H      sing N N 252 
MET N     H2     sing N N 253 
MET CA    C      sing N N 254 
MET CA    CB     sing N N 255 
MET CA    HA     sing N N 256 
MET C     O      doub N N 257 
MET C     OXT    sing N N 258 
MET CB    CG     sing N N 259 
MET CB    HB2    sing N N 260 
MET CB    HB3    sing N N 261 
MET CG    SD     sing N N 262 
MET CG    HG2    sing N N 263 
MET CG    HG3    sing N N 264 
MET SD    CE     sing N N 265 
MET CE    HE1    sing N N 266 
MET CE    HE2    sing N N 267 
MET CE    HE3    sing N N 268 
MET OXT   HXT    sing N N 269 
PHE N     CA     sing N N 270 
PHE N     H      sing N N 271 
PHE N     H2     sing N N 272 
PHE CA    C      sing N N 273 
PHE CA    CB     sing N N 274 
PHE CA    HA     sing N N 275 
PHE C     O      doub N N 276 
PHE C     OXT    sing N N 277 
PHE CB    CG     sing N N 278 
PHE CB    HB2    sing N N 279 
PHE CB    HB3    sing N N 280 
PHE CG    CD1    doub Y N 281 
PHE CG    CD2    sing Y N 282 
PHE CD1   CE1    sing Y N 283 
PHE CD1   HD1    sing N N 284 
PHE CD2   CE2    doub Y N 285 
PHE CD2   HD2    sing N N 286 
PHE CE1   CZ     doub Y N 287 
PHE CE1   HE1    sing N N 288 
PHE CE2   CZ     sing Y N 289 
PHE CE2   HE2    sing N N 290 
PHE CZ    HZ     sing N N 291 
PHE OXT   HXT    sing N N 292 
PRO N     CA     sing N N 293 
PRO N     CD     sing N N 294 
PRO N     H      sing N N 295 
PRO CA    C      sing N N 296 
PRO CA    CB     sing N N 297 
PRO CA    HA     sing N N 298 
PRO C     O      doub N N 299 
PRO C     OXT    sing N N 300 
PRO CB    CG     sing N N 301 
PRO CB    HB2    sing N N 302 
PRO CB    HB3    sing N N 303 
PRO CG    CD     sing N N 304 
PRO CG    HG2    sing N N 305 
PRO CG    HG3    sing N N 306 
PRO CD    HD2    sing N N 307 
PRO CD    HD3    sing N N 308 
PRO OXT   HXT    sing N N 309 
SER N     CA     sing N N 310 
SER N     H      sing N N 311 
SER N     H2     sing N N 312 
SER CA    C      sing N N 313 
SER CA    CB     sing N N 314 
SER CA    HA     sing N N 315 
SER C     O      doub N N 316 
SER C     OXT    sing N N 317 
SER CB    OG     sing N N 318 
SER CB    HB2    sing N N 319 
SER CB    HB3    sing N N 320 
SER OG    HG     sing N N 321 
SER OXT   HXT    sing N N 322 
THR N     CA     sing N N 323 
THR N     H      sing N N 324 
THR N     H2     sing N N 325 
THR CA    C      sing N N 326 
THR CA    CB     sing N N 327 
THR CA    HA     sing N N 328 
THR C     O      doub N N 329 
THR C     OXT    sing N N 330 
THR CB    OG1    sing N N 331 
THR CB    CG2    sing N N 332 
THR CB    HB     sing N N 333 
THR OG1   HG1    sing N N 334 
THR CG2   HG21   sing N N 335 
THR CG2   HG22   sing N N 336 
THR CG2   HG23   sing N N 337 
THR OXT   HXT    sing N N 338 
TRP N     CA     sing N N 339 
TRP N     H      sing N N 340 
TRP N     H2     sing N N 341 
TRP CA    C      sing N N 342 
TRP CA    CB     sing N N 343 
TRP CA    HA     sing N N 344 
TRP C     O      doub N N 345 
TRP C     OXT    sing N N 346 
TRP CB    CG     sing N N 347 
TRP CB    HB2    sing N N 348 
TRP CB    HB3    sing N N 349 
TRP CG    CD1    doub Y N 350 
TRP CG    CD2    sing Y N 351 
TRP CD1   NE1    sing Y N 352 
TRP CD1   HD1    sing N N 353 
TRP CD2   CE2    doub Y N 354 
TRP CD2   CE3    sing Y N 355 
TRP NE1   CE2    sing Y N 356 
TRP NE1   HE1    sing N N 357 
TRP CE2   CZ2    sing Y N 358 
TRP CE3   CZ3    doub Y N 359 
TRP CE3   HE3    sing N N 360 
TRP CZ2   CH2    doub Y N 361 
TRP CZ2   HZ2    sing N N 362 
TRP CZ3   CH2    sing Y N 363 
TRP CZ3   HZ3    sing N N 364 
TRP CH2   HH2    sing N N 365 
TRP OXT   HXT    sing N N 366 
TYR N     CA     sing N N 367 
TYR N     H      sing N N 368 
TYR N     H2     sing N N 369 
TYR CA    C      sing N N 370 
TYR CA    CB     sing N N 371 
TYR CA    HA     sing N N 372 
TYR C     O      doub N N 373 
TYR C     OXT    sing N N 374 
TYR CB    CG     sing N N 375 
TYR CB    HB2    sing N N 376 
TYR CB    HB3    sing N N 377 
TYR CG    CD1    doub Y N 378 
TYR CG    CD2    sing Y N 379 
TYR CD1   CE1    sing Y N 380 
TYR CD1   HD1    sing N N 381 
TYR CD2   CE2    doub Y N 382 
TYR CD2   HD2    sing N N 383 
TYR CE1   CZ     doub Y N 384 
TYR CE1   HE1    sing N N 385 
TYR CE2   CZ     sing Y N 386 
TYR CE2   HE2    sing N N 387 
TYR CZ    OH     sing N N 388 
TYR OH    HH     sing N N 389 
TYR OXT   HXT    sing N N 390 
VAL N     CA     sing N N 391 
VAL N     H      sing N N 392 
VAL N     H2     sing N N 393 
VAL CA    C      sing N N 394 
VAL CA    CB     sing N N 395 
VAL CA    HA     sing N N 396 
VAL C     O      doub N N 397 
VAL C     OXT    sing N N 398 
VAL CB    CG1    sing N N 399 
VAL CB    CG2    sing N N 400 
VAL CB    HB     sing N N 401 
VAL CG1   HG11   sing N N 402 
VAL CG1   HG12   sing N N 403 
VAL CG1   HG13   sing N N 404 
VAL CG2   HG21   sing N N 405 
VAL CG2   HG22   sing N N 406 
VAL CG2   HG23   sing N N 407 
VAL OXT   HXT    sing N N 408 
# 
_pdbx_audit_support.funding_organization   'National Natural Science Foundation of China' 
_pdbx_audit_support.country                China 
_pdbx_audit_support.grant_number           31570842 
_pdbx_audit_support.ordinal                1 
# 
_space_group.name_H-M_alt     'C 2 2 21' 
_space_group.name_Hall        ? 
_space_group.IT_number        20 
_space_group.crystal_system   orthorhombic 
_space_group.id               1 
# 
_atom_sites.entry_id                    5GUF 
_atom_sites.fract_transf_matrix[1][1]   -0.00293899 
_atom_sites.fract_transf_matrix[1][2]   0.01066462 
_atom_sites.fract_transf_matrix[1][3]   -0.01381475 
_atom_sites.fract_transf_matrix[2][1]   -0.00657058 
_atom_sites.fract_transf_matrix[2][2]   0.00645483 
_atom_sites.fract_transf_matrix[2][3]   0.00638080 
_atom_sites.fract_transf_matrix[3][1]   0.00801856 
_atom_sites.fract_transf_matrix[3][2]   0.00558595 
_atom_sites.fract_transf_matrix[3][3]   0.00260631 
_atom_sites.fract_transf_vector[1]      0.190833 
_atom_sites.fract_transf_vector[2]      0.045912 
_atom_sites.fract_transf_vector[3]      0.349780 
# 
loop_
_atom_type.symbol 
_atom_type.scat_dispersion_real 
_atom_type.scat_dispersion_imag 
_atom_type.scat_Cromer_Mann_a1 
_atom_type.scat_Cromer_Mann_a2 
_atom_type.scat_Cromer_Mann_b1 
_atom_type.scat_Cromer_Mann_b2 
_atom_type.scat_Cromer_Mann_c 
_atom_type.scat_source 
_atom_type.scat_dispersion_source 
C  ? ? 3.54356 2.42580 25.62398 1.50364  0.0 
;2-Gaussian fit: Grosse-Kunstleve RW, Sauter NK, Adams PD: Newsletter of the IUCr Commission on Crystallographic Computing 2004, 3, 22-31.
;
? 
K  ? ? ?       ?       ?        ?        ?   ? ? 
MG ? ? ?       ?       ?        ?        ?   ? ? 
N  ? ? 4.01032 2.96436 19.97189 1.75589  0.0 
;2-Gaussian fit: Grosse-Kunstleve RW, Sauter NK, Adams PD: Newsletter of the IUCr Commission on Crystallographic Computing 2004, 3, 22-31.
;
? 
O  ? ? 4.49882 3.47563 15.80542 1.70748  0.0 
;2-Gaussian fit: Grosse-Kunstleve RW, Sauter NK, Adams PD: Newsletter of the IUCr Commission on Crystallographic Computing 2004, 3, 22-31.
;
? 
P  ? ? 9.51135 5.44231 1.42069  35.72801 0.0 
;2-Gaussian fit: Grosse-Kunstleve RW, Sauter NK, Adams PD: Newsletter of the IUCr Commission on Crystallographic Computing 2004, 3, 22-31.
;
? 
S  ? ? 9.55732 6.39887 1.23737  29.19336 0.0 
;2-Gaussian fit: Grosse-Kunstleve RW, Sauter NK, Adams PD: Newsletter of the IUCr Commission on Crystallographic Computing 2004, 3, 22-31.
;
? 
# 
loop_
_atom_site.group_PDB 
_atom_site.id 
_atom_site.type_symbol 
_atom_site.label_atom_id 
_atom_site.label_alt_id 
_atom_site.label_comp_id 
_atom_site.label_asym_id 
_atom_site.label_entity_id 
_atom_site.label_seq_id 
_atom_site.pdbx_PDB_ins_code 
_atom_site.Cartn_x 
_atom_site.Cartn_y 
_atom_site.Cartn_z 
_atom_site.occupancy 
_atom_site.B_iso_or_equiv 
_atom_site.pdbx_formal_charge 
_atom_site.auth_seq_id 
_atom_site.auth_comp_id 
_atom_site.auth_asym_id 
_atom_site.auth_atom_id 
_atom_site.pdbx_PDB_model_num 
ATOM   1    N  N     . ALA A 1 6   ? 19.135  -7.317  -6.318  1.00 42.17  ? 6   ALA A N     1 
ATOM   2    C  CA    . ALA A 1 6   ? 18.683  -7.527  -7.698  1.00 40.53  ? 6   ALA A CA    1 
ATOM   3    C  C     . ALA A 1 6   ? 17.189  -7.854  -7.760  1.00 41.17  ? 6   ALA A C     1 
ATOM   4    O  O     . ALA A 1 6   ? 16.659  -8.594  -6.935  1.00 45.68  ? 6   ALA A O     1 
ATOM   5    C  CB    . ALA A 1 6   ? 19.486  -8.626  -8.364  1.00 34.74  ? 6   ALA A CB    1 
ATOM   6    N  N     . VAL A 1 7   ? 16.512  -7.263  -8.737  1.00 42.47  ? 7   VAL A N     1 
ATOM   7    C  CA    . VAL A 1 7   ? 15.092  -7.474  -8.966  1.00 34.12  ? 7   VAL A CA    1 
ATOM   8    C  C     . VAL A 1 7   ? 14.926  -7.860  -10.429 1.00 39.74  ? 7   VAL A C     1 
ATOM   9    O  O     . VAL A 1 7   ? 15.329  -7.107  -11.327 1.00 34.95  ? 7   VAL A O     1 
ATOM   10   C  CB    . VAL A 1 7   ? 14.252  -6.228  -8.624  1.00 40.54  ? 7   VAL A CB    1 
ATOM   11   C  CG1   . VAL A 1 7   ? 12.768  -6.468  -8.948  1.00 31.27  ? 7   VAL A CG1   1 
ATOM   12   C  CG2   . VAL A 1 7   ? 14.416  -5.848  -7.149  1.00 33.50  ? 7   VAL A CG2   1 
ATOM   13   N  N     . ASP A 1 8   ? 14.373  -9.042  -10.671 1.00 31.27  ? 8   ASP A N     1 
ATOM   14   C  CA    . ASP A 1 8   ? 14.022  -9.462  -12.022 1.00 31.64  ? 8   ASP A CA    1 
ATOM   15   C  C     . ASP A 1 8   ? 12.506  -9.631  -12.062 1.00 32.83  ? 8   ASP A C     1 
ATOM   16   O  O     . ASP A 1 8   ? 11.800  -9.220  -11.140 1.00 32.57  ? 8   ASP A O     1 
ATOM   17   C  CB    . ASP A 1 8   ? 14.779  -10.739 -12.406 1.00 25.78  ? 8   ASP A CB    1 
ATOM   18   C  CG    . ASP A 1 8   ? 14.570  -11.861 -11.388 1.00 36.57  ? 8   ASP A CG    1 
ATOM   19   O  OD1   . ASP A 1 8   ? 13.398  -12.230 -11.152 1.00 35.84  ? 8   ASP A OD1   1 
ATOM   20   O  OD2   . ASP A 1 8   ? 15.561  -12.373 -10.819 1.00 35.82  ? 8   ASP A OD2   1 
ATOM   21   N  N     . TRP A 1 9   ? 12.012  -10.269 -13.125 1.00 31.94  ? 9   TRP A N     1 
ATOM   22   C  CA    . TRP A 1 9   ? 10.577  -10.389 -13.338 1.00 27.88  ? 9   TRP A CA    1 
ATOM   23   C  C     . TRP A 1 9   ? 9.961   -11.535 -12.554 1.00 31.30  ? 9   TRP A C     1 
ATOM   24   O  O     . TRP A 1 9   ? 8.739   -11.577 -12.399 1.00 33.38  ? 9   TRP A O     1 
ATOM   25   C  CB    . TRP A 1 9   ? 10.278  -10.587 -14.817 1.00 29.33  ? 9   TRP A CB    1 
ATOM   26   C  CG    . TRP A 1 9   ? 10.569  -9.413  -15.690 1.00 35.67  ? 9   TRP A CG    1 
ATOM   27   C  CD1   . TRP A 1 9   ? 11.649  -9.255  -16.527 1.00 32.97  ? 9   TRP A CD1   1 
ATOM   28   C  CD2   . TRP A 1 9   ? 9.765   -8.233  -15.843 1.00 31.40  ? 9   TRP A CD2   1 
ATOM   29   N  NE1   . TRP A 1 9   ? 11.562  -8.050  -17.181 1.00 32.01  ? 9   TRP A NE1   1 
ATOM   30   C  CE2   . TRP A 1 9   ? 10.414  -7.406  -16.791 1.00 32.47  ? 9   TRP A CE2   1 
ATOM   31   C  CE3   . TRP A 1 9   ? 8.562   -7.791  -15.266 1.00 32.66  ? 9   TRP A CE3   1 
ATOM   32   C  CZ2   . TRP A 1 9   ? 9.904   -6.159  -17.176 1.00 28.83  ? 9   TRP A CZ2   1 
ATOM   33   C  CZ3   . TRP A 1 9   ? 8.052   -6.547  -15.649 1.00 37.06  ? 9   TRP A CZ3   1 
ATOM   34   C  CH2   . TRP A 1 9   ? 8.730   -5.746  -16.599 1.00 37.73  ? 9   TRP A CH2   1 
ATOM   35   N  N     . ARG A 1 10  ? 10.769  -12.452 -12.053 1.00 31.62  ? 10  ARG A N     1 
ATOM   36   C  CA    . ARG A 1 10  ? 10.281  -13.560 -11.248 1.00 31.77  ? 10  ARG A CA    1 
ATOM   37   C  C     . ARG A 1 10  ? 10.616  -13.268 -9.790  1.00 31.54  ? 10  ARG A C     1 
ATOM   38   O  O     . ARG A 1 10  ? 11.750  -13.460 -9.346  1.00 33.10  ? 10  ARG A O     1 
ATOM   39   C  CB    . ARG A 1 10  ? 10.895  -14.872 -11.716 1.00 27.71  ? 10  ARG A CB    1 
ATOM   40   C  CG    . ARG A 1 10  ? 10.384  -16.052 -10.941 1.00 31.20  ? 10  ARG A CG    1 
ATOM   41   C  CD    . ARG A 1 10  ? 11.057  -17.333 -11.400 1.00 41.86  ? 10  ARG A CD    1 
ATOM   42   N  NE    . ARG A 1 10  ? 10.157  -18.472 -11.254 1.00 36.18  ? 10  ARG A NE    1 
ATOM   43   C  CZ    . ARG A 1 10  ? 10.298  -19.405 -10.324 1.00 39.63  ? 10  ARG A CZ    1 
ATOM   44   N  NH1   . ARG A 1 10  ? 11.305  -19.328 -9.459  1.00 35.79  ? 10  ARG A NH1   1 
ATOM   45   N  NH2   . ARG A 1 10  ? 9.435   -20.410 -10.258 1.00 46.00  ? 10  ARG A NH2   1 
ATOM   46   N  N     . ILE A 1 11  ? 9.621   -12.809 -9.041  1.00 31.67  ? 11  ILE A N     1 
ATOM   47   C  CA    . ILE A 1 11  ? 9.791   -12.487 -7.626  1.00 36.55  ? 11  ILE A CA    1 
ATOM   48   C  C     . ILE A 1 11  ? 9.810   -13.808 -6.867  1.00 31.88  ? 11  ILE A C     1 
ATOM   49   O  O     . ILE A 1 11  ? 8.760   -14.406 -6.616  1.00 33.32  ? 11  ILE A O     1 
ATOM   50   C  CB    . ILE A 1 11  ? 8.683   -11.565 -7.117  1.00 31.44  ? 11  ILE A CB    1 
ATOM   51   C  CG1   . ILE A 1 11  ? 8.517   -10.415 -8.100  1.00 30.80  ? 11  ILE A CG1   1 
ATOM   52   C  CG2   . ILE A 1 11  ? 8.992   -11.094 -5.685  1.00 29.81  ? 11  ILE A CG2   1 
ATOM   53   C  CD1   . ILE A 1 11  ? 9.780   -9.600  -8.259  1.00 35.37  ? 11  ILE A CD1   1 
ATOM   54   N  N     . ASP A 1 12  ? 11.005  -14.251 -6.472  1.00 31.83  ? 12  ASP A N     1 
ATOM   55   C  CA    . ASP A 1 12  ? 11.153  -15.580 -5.896  1.00 32.39  ? 12  ASP A CA    1 
ATOM   56   C  C     . ASP A 1 12  ? 12.065  -15.596 -4.681  1.00 33.59  ? 12  ASP A C     1 
ATOM   57   O  O     . ASP A 1 12  ? 12.490  -16.674 -4.262  1.00 43.16  ? 12  ASP A O     1 
ATOM   58   C  CB    . ASP A 1 12  ? 11.668  -16.580 -6.951  1.00 36.84  ? 12  ASP A CB    1 
ATOM   59   C  CG    . ASP A 1 12  ? 12.879  -16.057 -7.735  1.00 40.55  ? 12  ASP A CG    1 
ATOM   60   O  OD1   . ASP A 1 12  ? 13.517  -15.059 -7.323  1.00 37.46  ? 12  ASP A OD1   1 
ATOM   61   O  OD2   . ASP A 1 12  ? 13.196  -16.663 -8.782  1.00 46.70  ? 12  ASP A OD2   1 
ATOM   62   N  N     . ASN A 1 13  ? 12.378  -14.451 -4.093  1.00 35.87  ? 13  ASN A N     1 
ATOM   63   C  CA    . ASN A 1 13  ? 12.994  -14.464 -2.781  1.00 35.27  ? 13  ASN A CA    1 
ATOM   64   C  C     . ASN A 1 13  ? 12.540  -13.220 -2.031  1.00 33.97  ? 13  ASN A C     1 
ATOM   65   O  O     . ASN A 1 13  ? 12.146  -12.220 -2.642  1.00 34.23  ? 13  ASN A O     1 
ATOM   66   C  CB    . ASN A 1 13  ? 14.525  -14.565 -2.879  1.00 37.11  ? 13  ASN A CB    1 
ATOM   67   C  CG    . ASN A 1 13  ? 15.163  -13.291 -3.341  1.00 39.11  ? 13  ASN A CG    1 
ATOM   68   O  OD1   . ASN A 1 13  ? 15.436  -12.393 -2.541  1.00 44.54  ? 13  ASN A OD1   1 
ATOM   69   N  ND2   . ASN A 1 13  ? 15.397  -13.189 -4.637  1.00 39.36  ? 13  ASN A ND2   1 
ATOM   70   N  N     . ILE A 1 14  ? 12.602  -13.295 -0.699  1.00 36.53  ? 14  ILE A N     1 
ATOM   71   C  CA    . ILE A 1 14  ? 11.933  -12.308 0.145   1.00 31.31  ? 14  ILE A CA    1 
ATOM   72   C  C     . ILE A 1 14  ? 12.618  -10.956 0.061   1.00 35.20  ? 14  ILE A C     1 
ATOM   73   O  O     . ILE A 1 14  ? 11.952  -9.919  0.160   1.00 39.91  ? 14  ILE A O     1 
ATOM   74   C  CB    . ILE A 1 14  ? 11.837  -12.799 1.603   1.00 36.07  ? 14  ILE A CB    1 
ATOM   75   C  CG1   . ILE A 1 14  ? 11.013  -11.819 2.444   1.00 40.94  ? 14  ILE A CG1   1 
ATOM   76   C  CG2   . ILE A 1 14  ? 13.216  -12.954 2.219   1.00 39.51  ? 14  ILE A CG2   1 
ATOM   77   C  CD1   . ILE A 1 14  ? 9.590   -11.603 1.927   1.00 41.59  ? 14  ILE A CD1   1 
ATOM   78   N  N     . LEU A 1 15  ? 13.937  -10.930 -0.139  1.00 33.50  ? 15  LEU A N     1 
ATOM   79   C  CA    . LEU A 1 15  ? 14.626  -9.651  -0.276  1.00 36.40  ? 15  LEU A CA    1 
ATOM   80   C  C     . LEU A 1 15  ? 14.231  -8.952  -1.571  1.00 36.09  ? 15  LEU A C     1 
ATOM   81   O  O     . LEU A 1 15  ? 14.049  -7.726  -1.595  1.00 35.70  ? 15  LEU A O     1 
ATOM   82   C  CB    . LEU A 1 15  ? 16.137  -9.859  -0.211  1.00 35.21  ? 15  LEU A CB    1 
ATOM   83   C  CG    . LEU A 1 15  ? 16.994  -8.633  -0.556  1.00 45.68  ? 15  LEU A CG    1 
ATOM   84   C  CD1   . LEU A 1 15  ? 16.619  -7.451  0.315   1.00 40.81  ? 15  LEU A CD1   1 
ATOM   85   C  CD2   . LEU A 1 15  ? 18.508  -8.941  -0.442  1.00 47.62  ? 15  LEU A CD2   1 
ATOM   86   N  N     . GLU A 1 16  ? 14.066  -9.723  -2.649  1.00 31.25  ? 16  GLU A N     1 
ATOM   87   C  CA    . GLU A 1 16  ? 13.637  -9.151  -3.920  1.00 31.94  ? 16  GLU A CA    1 
ATOM   88   C  C     . GLU A 1 16  ? 12.201  -8.642  -3.824  1.00 31.75  ? 16  GLU A C     1 
ATOM   89   O  O     . GLU A 1 16  ? 11.880  -7.563  -4.334  1.00 31.70  ? 16  GLU A O     1 
ATOM   90   C  CB    . GLU A 1 16  ? 13.817  -10.208 -5.023  1.00 32.10  ? 16  GLU A CB    1 
ATOM   91   C  CG    . GLU A 1 16  ? 13.249  -9.905  -6.413  1.00 34.76  ? 16  GLU A CG    1 
ATOM   92   C  CD    . GLU A 1 16  ? 13.658  -10.974 -7.460  1.00 39.21  ? 16  GLU A CD    1 
ATOM   93   O  OE1   . GLU A 1 16  ? 14.117  -10.613 -8.570  1.00 33.19  ? 16  GLU A OE1   1 
ATOM   94   O  OE2   . GLU A 1 16  ? 13.534  -12.181 -7.160  1.00 32.06  ? 16  GLU A OE2   1 
ATOM   95   N  N     . ALA A 1 17  ? 11.333  -9.380  -3.130  1.00 32.54  ? 17  ALA A N     1 
ATOM   96   C  CA    . ALA A 1 17  ? 9.992   -8.868  -2.865  1.00 31.11  ? 17  ALA A CA    1 
ATOM   97   C  C     . ALA A 1 17  ? 10.051  -7.608  -2.021  1.00 31.49  ? 17  ALA A C     1 
ATOM   98   O  O     . ALA A 1 17  ? 9.280   -6.666  -2.235  1.00 33.12  ? 17  ALA A O     1 
ATOM   99   C  CB    . ALA A 1 17  ? 9.147   -9.931  -2.161  1.00 28.92  ? 17  ALA A CB    1 
ATOM   100  N  N     . ILE A 1 18  ? 10.966  -7.567  -1.054  1.00 33.29  ? 18  ILE A N     1 
ATOM   101  C  CA    . ILE A 1 18  ? 11.012  -6.408  -0.176  1.00 33.16  ? 18  ILE A CA    1 
ATOM   102  C  C     . ILE A 1 18  ? 11.485  -5.187  -0.947  1.00 36.52  ? 18  ILE A C     1 
ATOM   103  O  O     . ILE A 1 18  ? 10.968  -4.083  -0.744  1.00 35.20  ? 18  ILE A O     1 
ATOM   104  C  CB    . ILE A 1 18  ? 11.883  -6.718  1.050   1.00 38.94  ? 18  ILE A CB    1 
ATOM   105  C  CG1   . ILE A 1 18  ? 11.072  -7.550  2.052   1.00 33.07  ? 18  ILE A CG1   1 
ATOM   106  C  CG2   . ILE A 1 18  ? 12.406  -5.440  1.679   1.00 38.33  ? 18  ILE A CG2   1 
ATOM   107  C  CD1   . ILE A 1 18  ? 11.923  -8.273  3.075   1.00 36.28  ? 18  ILE A CD1   1 
ATOM   108  N  N     . ILE A 1 19  ? 12.412  -5.369  -1.893  1.00 31.91  ? 19  ILE A N     1 
ATOM   109  C  CA    . ILE A 1 19  ? 12.852  -4.238  -2.706  1.00 30.22  ? 19  ILE A CA    1 
ATOM   110  C  C     . ILE A 1 19  ? 11.722  -3.754  -3.599  1.00 28.46  ? 19  ILE A C     1 
ATOM   111  O  O     . ILE A 1 19  ? 11.455  -2.552  -3.707  1.00 30.22  ? 19  ILE A O     1 
ATOM   112  C  CB    . ILE A 1 19  ? 14.091  -4.611  -3.535  1.00 32.05  ? 19  ILE A CB    1 
ATOM   113  C  CG1   . ILE A 1 19  ? 15.253  -4.959  -2.626  1.00 33.80  ? 19  ILE A CG1   1 
ATOM   114  C  CG2   . ILE A 1 19  ? 14.473  -3.471  -4.479  1.00 34.90  ? 19  ILE A CG2   1 
ATOM   115  C  CD1   . ILE A 1 19  ? 16.506  -5.277  -3.404  1.00 42.34  ? 19  ILE A CD1   1 
ATOM   116  N  N     . LEU A 1 20  ? 11.052  -4.684  -4.272  1.00 36.92  ? 20  LEU A N     1 
ATOM   117  C  CA    . LEU A 1 20  ? 9.961   -4.290  -5.151  1.00 41.35  ? 20  LEU A CA    1 
ATOM   118  C  C     . LEU A 1 20  ? 8.848   -3.586  -4.374  1.00 32.27  ? 20  LEU A C     1 
ATOM   119  O  O     . LEU A 1 20  ? 8.270   -2.601  -4.850  1.00 35.45  ? 20  LEU A O     1 
ATOM   120  C  CB    . LEU A 1 20  ? 9.436   -5.522  -5.886  1.00 36.49  ? 20  LEU A CB    1 
ATOM   121  C  CG    . LEU A 1 20  ? 8.341   -5.306  -6.924  1.00 30.05  ? 20  LEU A CG    1 
ATOM   122  C  CD1   . LEU A 1 20  ? 8.863   -4.495  -8.113  1.00 32.24  ? 20  LEU A CD1   1 
ATOM   123  C  CD2   . LEU A 1 20  ? 7.836   -6.665  -7.365  1.00 30.77  ? 20  LEU A CD2   1 
ATOM   124  N  N     . MET A 1 21  ? 8.561   -4.050  -3.164  1.00 33.32  ? 21  MET A N     1 
ATOM   125  C  CA    . MET A 1 21  ? 7.416   -3.568  -2.403  1.00 33.70  ? 21  MET A CA    1 
ATOM   126  C  C     . MET A 1 21  ? 7.702   -2.348  -1.529  1.00 37.69  ? 21  MET A C     1 
ATOM   127  O  O     . MET A 1 21  ? 6.745   -1.725  -1.044  1.00 38.16  ? 21  MET A O     1 
ATOM   128  C  CB    . MET A 1 21  ? 6.886   -4.683  -1.512  1.00 33.44  ? 21  MET A CB    1 
ATOM   129  C  CG    . MET A 1 21  ? 6.131   -5.760  -2.265  1.00 43.26  ? 21  MET A CG    1 
ATOM   130  S  SD    . MET A 1 21  ? 4.529   -5.155  -2.855  1.00 54.40  ? 21  MET A SD    1 
ATOM   131  C  CE    . MET A 1 21  ? 4.808   -5.173  -4.624  1.00 38.94  ? 21  MET A CE    1 
ATOM   132  N  N     . LEU A 1 22  ? 8.969   -1.997  -1.297  1.00 36.68  ? 22  LEU A N     1 
ATOM   133  C  CA    . LEU A 1 22  ? 9.258   -0.888  -0.389  1.00 35.32  ? 22  LEU A CA    1 
ATOM   134  C  C     . LEU A 1 22  ? 8.624   0.428   -0.830  1.00 34.02  ? 22  LEU A C     1 
ATOM   135  O  O     . LEU A 1 22  ? 8.217   1.205   0.045   1.00 33.78  ? 22  LEU A O     1 
ATOM   136  C  CB    . LEU A 1 22  ? 10.776  -0.746  -0.193  1.00 43.51  ? 22  LEU A CB    1 
ATOM   137  C  CG    . LEU A 1 22  ? 11.330  -1.517  1.023   1.00 46.68  ? 22  LEU A CG    1 
ATOM   138  C  CD1   . LEU A 1 22  ? 12.836  -1.733  0.923   1.00 49.99  ? 22  LEU A CD1   1 
ATOM   139  C  CD2   . LEU A 1 22  ? 10.990  -0.823  2.334   1.00 46.67  ? 22  LEU A CD2   1 
ATOM   140  N  N     . PRO A 1 23  ? 8.505   0.746   -2.119  1.00 35.94  ? 23  PRO A N     1 
ATOM   141  C  CA    . PRO A 1 23  ? 7.722   1.942   -2.482  1.00 31.10  ? 23  PRO A CA    1 
ATOM   142  C  C     . PRO A 1 23  ? 6.277   1.886   -2.019  1.00 36.98  ? 23  PRO A C     1 
ATOM   143  O  O     . PRO A 1 23  ? 5.730   2.913   -1.602  1.00 36.60  ? 23  PRO A O     1 
ATOM   144  C  CB    . PRO A 1 23  ? 7.830   1.973   -4.014  1.00 32.66  ? 23  PRO A CB    1 
ATOM   145  C  CG    . PRO A 1 23  ? 9.177   1.371   -4.272  1.00 37.02  ? 23  PRO A CG    1 
ATOM   146  C  CD    . PRO A 1 23  ? 9.362   0.290   -3.229  1.00 31.65  ? 23  PRO A CD    1 
ATOM   147  N  N     . ALA A 1 24  ? 5.640   0.715   -2.088  1.00 41.16  ? 24  ALA A N     1 
ATOM   148  C  CA    . ALA A 1 24  ? 4.264   0.577   -1.613  1.00 33.50  ? 24  ALA A CA    1 
ATOM   149  C  C     . ALA A 1 24  ? 4.184   0.749   -0.098  1.00 30.86  ? 24  ALA A C     1 
ATOM   150  O  O     . ALA A 1 24  ? 3.308   1.456   0.412   1.00 32.52  ? 24  ALA A O     1 
ATOM   151  C  CB    . ALA A 1 24  ? 3.709   -0.789  -2.030  1.00 26.45  ? 24  ALA A CB    1 
ATOM   152  N  N     . MET A 1 25  ? 5.079   0.081   0.635   1.00 32.57  ? 25  MET A N     1 
ATOM   153  C  CA    . MET A 1 25  ? 5.163   0.253   2.082   1.00 35.57  ? 25  MET A CA    1 
ATOM   154  C  C     . MET A 1 25  ? 5.329   1.724   2.445   1.00 38.53  ? 25  MET A C     1 
ATOM   155  O  O     . MET A 1 25  ? 4.687   2.229   3.374   1.00 38.44  ? 25  MET A O     1 
ATOM   156  C  CB    . MET A 1 25  ? 6.334   -0.556  2.633   1.00 36.10  ? 25  MET A CB    1 
ATOM   157  C  CG    . MET A 1 25  ? 6.083   -2.050  2.724   1.00 45.35  ? 25  MET A CG    1 
ATOM   158  S  SD    . MET A 1 25  ? 7.510   -2.938  3.395   1.00 63.86  ? 25  MET A SD    1 
ATOM   159  C  CE    . MET A 1 25  ? 8.325   -3.458  1.898   1.00 53.28  ? 25  MET A CE    1 
ATOM   160  N  N     . ILE A 1 26  ? 6.182   2.431   1.700   1.00 31.49  ? 26  ILE A N     1 
ATOM   161  C  CA    . ILE A 1 26  ? 6.418   3.838   1.977   1.00 38.94  ? 26  ILE A CA    1 
ATOM   162  C  C     . ILE A 1 26  ? 5.221   4.679   1.544   1.00 37.29  ? 26  ILE A C     1 
ATOM   163  O  O     . ILE A 1 26  ? 4.842   5.634   2.227   1.00 34.89  ? 26  ILE A O     1 
ATOM   164  C  CB    . ILE A 1 26  ? 7.730   4.296   1.316   1.00 32.47  ? 26  ILE A CB    1 
ATOM   165  C  CG1   . ILE A 1 26  ? 8.896   3.841   2.197   1.00 34.59  ? 26  ILE A CG1   1 
ATOM   166  C  CG2   . ILE A 1 26  ? 7.761   5.805   1.185   1.00 28.87  ? 26  ILE A CG2   1 
ATOM   167  C  CD1   . ILE A 1 26  ? 10.219  3.783   1.505   1.00 40.54  ? 26  ILE A CD1   1 
ATOM   168  N  N     . ALA A 1 27  ? 4.597   4.335   0.418   1.00 37.56  ? 27  ALA A N     1 
ATOM   169  C  CA    . ALA A 1 27  ? 3.369   5.022   0.035   1.00 36.77  ? 27  ALA A CA    1 
ATOM   170  C  C     . ALA A 1 27  ? 2.281   4.813   1.081   1.00 37.09  ? 27  ALA A C     1 
ATOM   171  O  O     . ALA A 1 27  ? 1.531   5.739   1.396   1.00 32.82  ? 27  ALA A O     1 
ATOM   172  C  CB    . ALA A 1 27  ? 2.889   4.539   -1.333  1.00 32.75  ? 27  ALA A CB    1 
ATOM   173  N  N     . ASN A 1 28  ? 2.204   3.612   1.652   1.00 34.24  ? 28  ASN A N     1 
ATOM   174  C  CA    . ASN A 1 28  ? 1.148   3.314   2.609   1.00 34.69  ? 28  ASN A CA    1 
ATOM   175  C  C     . ASN A 1 28  ? 1.376   3.994   3.954   1.00 39.49  ? 28  ASN A C     1 
ATOM   176  O  O     . ASN A 1 28  ? 0.406   4.307   4.653   1.00 36.15  ? 28  ASN A O     1 
ATOM   177  C  CB    . ASN A 1 28  ? 1.041   1.806   2.800   1.00 38.63  ? 28  ASN A CB    1 
ATOM   178  C  CG    . ASN A 1 28  ? 0.043   1.430   3.851   1.00 34.75  ? 28  ASN A CG    1 
ATOM   179  O  OD1   . ASN A 1 28  ? -1.140  1.744   3.740   1.00 36.89  ? 28  ASN A OD1   1 
ATOM   180  N  ND2   . ASN A 1 28  ? 0.515   0.772   4.899   1.00 39.63  ? 28  ASN A ND2   1 
ATOM   181  N  N     . ALA A 1 29  ? 2.638   4.221   4.333   1.00 43.56  ? 29  ALA A N     1 
ATOM   182  C  CA    . ALA A 1 29  ? 2.974   4.739   5.655   1.00 40.88  ? 29  ALA A CA    1 
ATOM   183  C  C     . ALA A 1 29  ? 3.012   6.259   5.711   1.00 42.51  ? 29  ALA A C     1 
ATOM   184  O  O     . ALA A 1 29  ? 2.833   6.832   6.787   1.00 50.12  ? 29  ALA A O     1 
ATOM   185  C  CB    . ALA A 1 29  ? 4.329   4.187   6.112   1.00 33.79  ? 29  ALA A CB    1 
ATOM   186  N  N     . THR A 1 30  ? 3.247   6.922   4.591   1.00 43.33  ? 30  THR A N     1 
ATOM   187  C  CA    . THR A 1 30  ? 3.430   8.370   4.553   1.00 45.05  ? 30  THR A CA    1 
ATOM   188  C  C     . THR A 1 30  ? 2.193   9.187   4.940   1.00 45.77  ? 30  THR A C     1 
ATOM   189  O  O     . THR A 1 30  ? 2.346   10.216  5.614   1.00 40.77  ? 30  THR A O     1 
ATOM   190  C  CB    . THR A 1 30  ? 3.950   8.766   3.163   1.00 40.39  ? 30  THR A CB    1 
ATOM   191  O  OG1   . THR A 1 30  ? 5.247   8.180   2.970   1.00 41.12  ? 30  THR A OG1   1 
ATOM   192  C  CG2   . THR A 1 30  ? 4.072   10.276  3.020   1.00 39.39  ? 30  THR A CG2   1 
ATOM   193  N  N     . PRO A 1 31  ? 0.967   8.791   4.563   1.00 42.17  ? 31  PRO A N     1 
ATOM   194  C  CA    . PRO A 1 31  ? -0.204  9.613   4.937   1.00 45.78  ? 31  PRO A CA    1 
ATOM   195  C  C     . PRO A 1 31  ? -0.426  9.754   6.444   1.00 47.97  ? 31  PRO A C     1 
ATOM   196  O  O     . PRO A 1 31  ? -1.100  10.703  6.866   1.00 54.01  ? 31  PRO A O     1 
ATOM   197  C  CB    . PRO A 1 31  ? -1.378  8.893   4.256   1.00 43.29  ? 31  PRO A CB    1 
ATOM   198  C  CG    . PRO A 1 31  ? -0.752  8.115   3.127   1.00 42.87  ? 31  PRO A CG    1 
ATOM   199  C  CD    . PRO A 1 31  ? 0.598   7.710   3.624   1.00 38.50  ? 31  PRO A CD    1 
ATOM   200  N  N     . VAL A 1 32  ? 0.143   8.877   7.272   1.00 45.08  ? 32  VAL A N     1 
ATOM   201  C  CA    . VAL A 1 32  ? -0.068  8.996   8.710   1.00 49.92  ? 32  VAL A CA    1 
ATOM   202  C  C     . VAL A 1 32  ? 0.715   10.170  9.296   1.00 52.38  ? 32  VAL A C     1 
ATOM   203  O  O     . VAL A 1 32  ? 0.388   10.656  10.386  1.00 59.65  ? 32  VAL A O     1 
ATOM   204  C  CB    . VAL A 1 32  ? 0.305   7.676   9.410   1.00 54.78  ? 32  VAL A CB    1 
ATOM   205  C  CG1   . VAL A 1 32  ? -0.232  6.493   8.635   1.00 62.81  ? 32  VAL A CG1   1 
ATOM   206  C  CG2   . VAL A 1 32  ? 1.821   7.571   9.578   1.00 54.47  ? 32  VAL A CG2   1 
ATOM   207  N  N     . VAL A 1 33  ? 1.756   10.640  8.614   1.00 55.57  ? 33  VAL A N     1 
ATOM   208  C  CA    . VAL A 1 33  ? 2.513   11.802  9.072   1.00 54.16  ? 33  VAL A CA    1 
ATOM   209  C  C     . VAL A 1 33  ? 2.139   13.055  8.288   1.00 60.69  ? 33  VAL A C     1 
ATOM   210  O  O     . VAL A 1 33  ? 2.040   14.140  8.857   1.00 69.99  ? 33  VAL A O     1 
ATOM   211  C  CB    . VAL A 1 33  ? 4.040   11.557  9.010   1.00 50.58  ? 33  VAL A CB    1 
ATOM   212  C  CG1   . VAL A 1 33  ? 4.478   10.566  10.071  1.00 56.94  ? 33  VAL A CG1   1 
ATOM   213  C  CG2   . VAL A 1 33  ? 4.486   11.104  7.630   1.00 52.94  ? 33  VAL A CG2   1 
ATOM   214  N  N     . ALA A 1 34  ? 1.907   12.926  6.982   1.00 59.32  ? 34  ALA A N     1 
ATOM   215  C  CA    . ALA A 1 34  ? 1.574   14.098  6.187   1.00 59.81  ? 34  ALA A CA    1 
ATOM   216  C  C     . ALA A 1 34  ? 0.238   14.704  6.576   1.00 71.78  ? 34  ALA A C     1 
ATOM   217  O  O     . ALA A 1 34  ? -0.073  15.813  6.124   1.00 81.00  ? 34  ALA A O     1 
ATOM   218  C  CB    . ALA A 1 34  ? 1.566   13.746  4.700   1.00 61.37  ? 34  ALA A CB    1 
ATOM   219  N  N     . GLY A 1 35  ? -0.550  14.017  7.394   1.00 73.24  ? 35  GLY A N     1 
ATOM   220  C  CA    . GLY A 1 35  ? -1.828  14.568  7.803   1.00 64.19  ? 35  GLY A CA    1 
ATOM   221  C  C     . GLY A 1 35  ? -2.803  14.563  6.646   1.00 67.65  ? 35  GLY A C     1 
ATOM   222  O  O     . GLY A 1 35  ? -3.007  13.539  5.979   1.00 71.28  ? 35  GLY A O     1 
ATOM   223  N  N     . GLY A 1 36  ? -3.397  15.715  6.393   1.00 67.34  ? 36  GLY A N     1 
ATOM   224  C  CA    . GLY A 1 36  ? -4.433  15.870  5.397   1.00 47.63  ? 36  GLY A CA    1 
ATOM   225  C  C     . GLY A 1 36  ? -5.774  16.160  6.044   1.00 55.98  ? 36  GLY A C     1 
ATOM   226  O  O     . GLY A 1 36  ? -6.052  15.750  7.176   1.00 63.65  ? 36  GLY A O     1 
ATOM   227  N  N     . ARG A 1 37  ? -6.613  16.881  5.322   1.00 52.42  ? 37  ARG A N     1 
ATOM   228  C  CA    . ARG A 1 37  ? -7.910  17.252  5.874   1.00 54.13  ? 37  ARG A CA    1 
ATOM   229  C  C     . ARG A 1 37  ? -9.006  17.323  4.824   1.00 55.46  ? 37  ARG A C     1 
ATOM   230  O  O     . ARG A 1 37  ? -10.163 17.543  5.193   1.00 56.39  ? 37  ARG A O     1 
ATOM   231  C  CB    . ARG A 1 37  ? -7.807  18.600  6.609   1.00 62.81  ? 37  ARG A CB    1 
ATOM   232  C  CG    . ARG A 1 37  ? -7.881  18.499  8.132   1.00 73.28  ? 37  ARG A CG    1 
ATOM   233  C  CD    . ARG A 1 37  ? -8.739  19.621  8.713   1.00 94.42  ? 37  ARG A CD    1 
ATOM   234  N  NE    . ARG A 1 37  ? -10.172 19.345  8.599   1.00 102.77 ? 37  ARG A NE    1 
ATOM   235  C  CZ    . ARG A 1 37  ? -11.129 20.246  8.804   1.00 104.61 ? 37  ARG A CZ    1 
ATOM   236  N  NH1   . ARG A 1 37  ? -12.406 19.901  8.681   1.00 106.83 ? 37  ARG A NH1   1 
ATOM   237  N  NH2   . ARG A 1 37  ? -10.809 21.494  9.119   1.00 105.17 ? 37  ARG A NH2   1 
ATOM   238  N  N     . ARG A 1 38  ? -8.689  17.157  3.543   1.00 46.08  ? 38  ARG A N     1 
ATOM   239  C  CA    . ARG A 1 38  ? -9.688  17.122  2.492   1.00 51.20  ? 38  ARG A CA    1 
ATOM   240  C  C     . ARG A 1 38  ? -9.985  15.668  2.154   1.00 54.61  ? 38  ARG A C     1 
ATOM   241  O  O     . ARG A 1 38  ? -9.133  14.998  1.545   1.00 46.88  ? 38  ARG A O     1 
ATOM   242  C  CB    . ARG A 1 38  ? -9.201  17.869  1.253   1.00 46.01  ? 38  ARG A CB    1 
ATOM   243  C  CG    . ARG A 1 38  ? -8.856  19.321  1.491   1.00 64.18  ? 38  ARG A CG    1 
ATOM   244  C  CD    . ARG A 1 38  ? -8.267  19.954  0.233   1.00 73.58  ? 38  ARG A CD    1 
ATOM   245  N  NE    . ARG A 1 38  ? -7.537  21.184  0.533   1.00 89.04  ? 38  ARG A NE    1 
ATOM   246  C  CZ    . ARG A 1 38  ? -7.973  22.408  0.247   1.00 99.69  ? 38  ARG A CZ    1 
ATOM   247  N  NH1   . ARG A 1 38  ? -9.142  22.576  -0.361  1.00 94.87  ? 38  ARG A NH1   1 
ATOM   248  N  NH2   . ARG A 1 38  ? -7.236  23.468  0.565   1.00 96.95  ? 38  ARG A NH2   1 
ATOM   249  N  N     . PRO A 1 39  ? -11.150 15.137  2.520   1.00 50.98  ? 39  PRO A N     1 
ATOM   250  C  CA    . PRO A 1 39  ? -11.435 13.726  2.237   1.00 40.82  ? 39  PRO A CA    1 
ATOM   251  C  C     . PRO A 1 39  ? -11.528 13.457  0.746   1.00 44.87  ? 39  PRO A C     1 
ATOM   252  O  O     . PRO A 1 39  ? -12.107 14.231  -0.019  1.00 49.10  ? 39  PRO A O     1 
ATOM   253  C  CB    . PRO A 1 39  ? -12.785 13.492  2.926   1.00 45.29  ? 39  PRO A CB    1 
ATOM   254  C  CG    . PRO A 1 39  ? -13.443 14.839  2.914   1.00 48.64  ? 39  PRO A CG    1 
ATOM   255  C  CD    . PRO A 1 39  ? -12.306 15.831  3.113   1.00 46.18  ? 39  PRO A CD    1 
ATOM   256  N  N     . VAL A 1 40  ? -10.951 12.327  0.340   1.00 44.15  ? 40  VAL A N     1 
ATOM   257  C  CA    . VAL A 1 40  ? -11.111 11.849  -1.028  1.00 47.86  ? 40  VAL A CA    1 
ATOM   258  C  C     . VAL A 1 40  ? -12.590 11.736  -1.393  1.00 46.17  ? 40  VAL A C     1 
ATOM   259  O  O     . VAL A 1 40  ? -12.990 12.045  -2.524  1.00 44.50  ? 40  VAL A O     1 
ATOM   260  C  CB    . VAL A 1 40  ? -10.379 10.502  -1.201  1.00 41.32  ? 40  VAL A CB    1 
ATOM   261  C  CG1   . VAL A 1 40  ? -10.555 9.979   -2.610  1.00 38.01  ? 40  VAL A CG1   1 
ATOM   262  C  CG2   . VAL A 1 40  ? -8.895  10.658  -0.862  1.00 40.53  ? 40  VAL A CG2   1 
ATOM   263  N  N     . ASP A 1 41  ? -13.429 11.291  -0.450  1.00 42.52  ? 41  ASP A N     1 
ATOM   264  C  CA    . ASP A 1 41  ? -14.833 11.035  -0.768  1.00 46.61  ? 41  ASP A CA    1 
ATOM   265  C  C     . ASP A 1 41  ? -15.710 12.286  -0.670  1.00 45.62  ? 41  ASP A C     1 
ATOM   266  O  O     . ASP A 1 41  ? -16.935 12.162  -0.728  1.00 51.53  ? 41  ASP A O     1 
ATOM   267  C  CB    . ASP A 1 41  ? -15.404 9.903   0.116   1.00 35.87  ? 41  ASP A CB    1 
ATOM   268  C  CG    . ASP A 1 41  ? -15.586 10.304  1.589   1.00 39.09  ? 41  ASP A CG    1 
ATOM   269  O  OD1   . ASP A 1 41  ? -15.376 11.477  1.945   1.00 37.68  ? 41  ASP A OD1   1 
ATOM   270  O  OD2   . ASP A 1 41  ? -15.947 9.430   2.411   1.00 35.66  ? 41  ASP A OD2   1 
ATOM   271  N  N     . MET A 1 42  ? -15.122 13.473  -0.523  1.00 40.14  ? 42  MET A N     1 
ATOM   272  C  CA    . MET A 1 42  ? -15.868 14.732  -0.446  1.00 51.94  ? 42  MET A CA    1 
ATOM   273  C  C     . MET A 1 42  ? -16.915 14.731  0.662   1.00 49.31  ? 42  MET A C     1 
ATOM   274  O  O     . MET A 1 42  ? -17.847 15.539  0.628   1.00 52.55  ? 42  MET A O     1 
ATOM   275  C  CB    . MET A 1 42  ? -16.540 15.076  -1.783  1.00 46.25  ? 42  MET A CB    1 
ATOM   276  C  CG    . MET A 1 42  ? -15.565 15.242  -2.940  1.00 60.02  ? 42  MET A CG    1 
ATOM   277  S  SD    . MET A 1 42  ? -14.419 16.609  -2.642  1.00 97.27  ? 42  MET A SD    1 
ATOM   278  C  CE    . MET A 1 42  ? -12.843 15.768  -2.792  1.00 68.57  ? 42  MET A CE    1 
ATOM   279  N  N     . GLY A 1 43  ? -16.779 13.840  1.646   1.00 43.69  ? 43  GLY A N     1 
ATOM   280  C  CA    . GLY A 1 43  ? -17.756 13.710  2.711   1.00 42.65  ? 43  GLY A CA    1 
ATOM   281  C  C     . GLY A 1 43  ? -19.041 12.990  2.344   1.00 39.28  ? 43  GLY A C     1 
ATOM   282  O  O     . GLY A 1 43  ? -20.001 13.058  3.114   1.00 40.29  ? 43  GLY A O     1 
ATOM   283  N  N     . VAL A 1 44  ? -19.086 12.293  1.204   1.00 39.97  ? 44  VAL A N     1 
ATOM   284  C  CA    . VAL A 1 44  ? -20.301 11.608  0.769   1.00 36.92  ? 44  VAL A CA    1 
ATOM   285  C  C     . VAL A 1 44  ? -20.657 10.456  1.705   1.00 46.10  ? 44  VAL A C     1 
ATOM   286  O  O     . VAL A 1 44  ? -19.799 9.649   2.098   1.00 42.63  ? 44  VAL A O     1 
ATOM   287  C  CB    . VAL A 1 44  ? -20.130 11.080  -0.664  1.00 37.63  ? 44  VAL A CB    1 
ATOM   288  C  CG1   . VAL A 1 44  ? -21.280 10.175  -1.020  1.00 43.13  ? 44  VAL A CG1   1 
ATOM   289  C  CG2   . VAL A 1 44  ? -20.021 12.222  -1.659  1.00 42.32  ? 44  VAL A CG2   1 
ATOM   290  N  N     . VAL A 1 45  ? -21.945 10.368  2.048   1.00 44.59  ? 45  VAL A N     1 
ATOM   291  C  CA    . VAL A 1 45  ? -22.510 9.262   2.810   1.00 36.85  ? 45  VAL A CA    1 
ATOM   292  C  C     . VAL A 1 45  ? -23.364 8.431   1.865   1.00 38.10  ? 45  VAL A C     1 
ATOM   293  O  O     . VAL A 1 45  ? -24.097 8.987   1.044   1.00 43.87  ? 45  VAL A O     1 
ATOM   294  C  CB    . VAL A 1 45  ? -23.347 9.781   3.993   1.00 38.07  ? 45  VAL A CB    1 
ATOM   295  C  CG1   . VAL A 1 45  ? -24.104 8.635   4.663   1.00 38.71  ? 45  VAL A CG1   1 
ATOM   296  C  CG2   . VAL A 1 45  ? -22.455 10.547  4.996   1.00 30.50  ? 45  VAL A CG2   1 
ATOM   297  N  N     . LEU A 1 46  ? -23.268 7.108   1.969   1.00 36.01  ? 46  LEU A N     1 
ATOM   298  C  CA    . LEU A 1 46  ? -24.035 6.194   1.127   1.00 37.81  ? 46  LEU A CA    1 
ATOM   299  C  C     . LEU A 1 46  ? -25.386 5.872   1.761   1.00 34.74  ? 46  LEU A C     1 
ATOM   300  O  O     . LEU A 1 46  ? -25.609 6.130   2.940   1.00 37.86  ? 46  LEU A O     1 
ATOM   301  C  CB    . LEU A 1 46  ? -23.231 4.920   0.902   1.00 37.58  ? 46  LEU A CB    1 
ATOM   302  C  CG    . LEU A 1 46  ? -22.034 4.968   -0.035  1.00 42.90  ? 46  LEU A CG    1 
ATOM   303  C  CD1   . LEU A 1 46  ? -21.862 3.595   -0.715  1.00 38.22  ? 46  LEU A CD1   1 
ATOM   304  C  CD2   . LEU A 1 46  ? -22.177 6.087   -1.055  1.00 34.13  ? 46  LEU A CD2   1 
ATOM   305  N  N     . PRO A 1 47  ? -26.318 5.285   0.994   1.00 34.49  ? 47  PRO A N     1 
ATOM   306  C  CA    . PRO A 1 47  ? -27.638 4.928   1.558   1.00 29.36  ? 47  PRO A CA    1 
ATOM   307  C  C     . PRO A 1 47  ? -27.605 4.015   2.769   1.00 35.38  ? 47  PRO A C     1 
ATOM   308  O  O     . PRO A 1 47  ? -28.633 3.901   3.451   1.00 40.44  ? 47  PRO A O     1 
ATOM   309  C  CB    . PRO A 1 47  ? -28.342 4.233   0.392   1.00 28.05  ? 47  PRO A CB    1 
ATOM   310  C  CG    . PRO A 1 47  ? -27.728 4.822   -0.813  1.00 33.22  ? 47  PRO A CG    1 
ATOM   311  C  CD    . PRO A 1 47  ? -26.289 5.084   -0.467  1.00 34.35  ? 47  PRO A CD    1 
ATOM   312  N  N     . ASP A 1 48  ? -26.492 3.337   3.053   1.00 31.65  ? 48  ASP A N     1 
ATOM   313  C  CA    . ASP A 1 48  ? -26.424 2.520   4.256   1.00 23.76  ? 48  ASP A CA    1 
ATOM   314  C  C     . ASP A 1 48  ? -26.098 3.341   5.486   1.00 30.60  ? 48  ASP A C     1 
ATOM   315  O  O     . ASP A 1 48  ? -25.934 2.770   6.566   1.00 36.12  ? 48  ASP A O     1 
ATOM   316  C  CB    . ASP A 1 48  ? -25.392 1.408   4.102   1.00 37.84  ? 48  ASP A CB    1 
ATOM   317  C  CG    . ASP A 1 48  ? -24.035 1.922   3.660   1.00 42.87  ? 48  ASP A CG    1 
ATOM   318  O  OD1   . ASP A 1 48  ? -23.778 3.142   3.784   1.00 37.51  ? 48  ASP A OD1   1 
ATOM   319  O  OD2   . ASP A 1 48  ? -23.222 1.094   3.196   1.00 47.14  ? 48  ASP A OD2   1 
ATOM   320  N  N     . GLY A 1 49  ? -25.993 4.662   5.344   1.00 35.36  ? 49  GLY A N     1 
ATOM   321  C  CA    . GLY A 1 49  ? -25.700 5.554   6.446   1.00 35.72  ? 49  GLY A CA    1 
ATOM   322  C  C     . GLY A 1 49  ? -24.234 5.802   6.720   1.00 34.52  ? 49  GLY A C     1 
ATOM   323  O  O     . GLY A 1 49  ? -23.918 6.597   7.614   1.00 34.94  ? 49  GLY A O     1 
ATOM   324  N  N     . ARG A 1 50  ? -23.331 5.157   5.993   1.00 32.99  ? 50  ARG A N     1 
ATOM   325  C  CA    . ARG A 1 50  ? -21.909 5.245   6.268   1.00 33.79  ? 50  ARG A CA    1 
ATOM   326  C  C     . ARG A 1 50  ? -21.222 6.069   5.187   1.00 34.10  ? 50  ARG A C     1 
ATOM   327  O  O     . ARG A 1 50  ? -21.689 6.148   4.047   1.00 34.15  ? 50  ARG A O     1 
ATOM   328  C  CB    . ARG A 1 50  ? -21.278 3.845   6.338   1.00 42.42  ? 50  ARG A CB    1 
ATOM   329  C  CG    . ARG A 1 50  ? -21.722 2.995   7.529   1.00 38.57  ? 50  ARG A CG    1 
ATOM   330  C  CD    . ARG A 1 50  ? -21.410 3.690   8.837   1.00 48.31  ? 50  ARG A CD    1 
ATOM   331  N  NE    . ARG A 1 50  ? -22.327 3.273   9.895   1.00 57.99  ? 50  ARG A NE    1 
ATOM   332  C  CZ    . ARG A 1 50  ? -21.968 2.906   11.121  1.00 57.37  ? 50  ARG A CZ    1 
ATOM   333  N  NH1   . ARG A 1 50  ? -20.693 2.906   11.487  1.00 47.32  ? 50  ARG A NH1   1 
ATOM   334  N  NH2   . ARG A 1 50  ? -22.902 2.539   11.987  1.00 65.38  ? 50  ARG A NH2   1 
ATOM   335  N  N     . ARG A 1 51  ? -20.083 6.658   5.552   1.00 34.84  ? 51  ARG A N     1 
ATOM   336  C  CA    . ARG A 1 51  ? -19.278 7.387   4.578   1.00 32.89  ? 51  ARG A CA    1 
ATOM   337  C  C     . ARG A 1 51  ? -18.827 6.451   3.464   1.00 33.06  ? 51  ARG A C     1 
ATOM   338  O  O     . ARG A 1 51  ? -18.691 5.239   3.654   1.00 35.64  ? 51  ARG A O     1 
ATOM   339  C  CB    . ARG A 1 51  ? -18.068 8.016   5.253   1.00 35.25  ? 51  ARG A CB    1 
ATOM   340  C  CG    . ARG A 1 51  ? -18.415 9.185   6.146   1.00 33.79  ? 51  ARG A CG    1 
ATOM   341  C  CD    . ARG A 1 51  ? -18.631 10.448  5.343   1.00 31.65  ? 51  ARG A CD    1 
ATOM   342  N  NE    . ARG A 1 51  ? -17.401 10.866  4.673   1.00 40.85  ? 51  ARG A NE    1 
ATOM   343  C  CZ    . ARG A 1 51  ? -16.378 11.492  5.262   1.00 39.45  ? 51  ARG A CZ    1 
ATOM   344  N  NH1   . ARG A 1 51  ? -16.400 11.801  6.560   1.00 29.57  ? 51  ARG A NH1   1 
ATOM   345  N  NH2   . ARG A 1 51  ? -15.316 11.814  4.543   1.00 37.51  ? 51  ARG A NH2   1 
ATOM   346  N  N     . LEU A 1 52  ? -18.637 7.016   2.277   1.00 32.40  ? 52  LEU A N     1 
ATOM   347  C  CA    . LEU A 1 52  ? -18.107 6.230   1.168   1.00 32.49  ? 52  LEU A CA    1 
ATOM   348  C  C     . LEU A 1 52  ? -16.721 5.681   1.508   1.00 39.32  ? 52  LEU A C     1 
ATOM   349  O  O     . LEU A 1 52  ? -16.454 4.483   1.340   1.00 35.26  ? 52  LEU A O     1 
ATOM   350  C  CB    . LEU A 1 52  ? -18.065 7.091   -0.091  1.00 29.75  ? 52  LEU A CB    1 
ATOM   351  C  CG    . LEU A 1 52  ? -17.351 6.500   -1.303  1.00 43.11  ? 52  LEU A CG    1 
ATOM   352  C  CD1   . LEU A 1 52  ? -18.141 5.329   -1.844  1.00 42.73  ? 52  LEU A CD1   1 
ATOM   353  C  CD2   . LEU A 1 52  ? -17.114 7.565   -2.374  1.00 37.30  ? 52  LEU A CD2   1 
ATOM   354  N  N     . LEU A 1 53  ? -15.834 6.545   2.015   1.00 34.55  ? 53  LEU A N     1 
ATOM   355  C  CA    . LEU A 1 53  ? -14.502 6.161   2.480   1.00 33.21  ? 53  LEU A CA    1 
ATOM   356  C  C     . LEU A 1 53  ? -14.237 6.549   3.921   1.00 33.38  ? 53  LEU A C     1 
ATOM   357  O  O     . LEU A 1 53  ? -13.627 5.770   4.657   1.00 33.26  ? 53  LEU A O     1 
ATOM   358  C  CB    . LEU A 1 53  ? -13.410 6.781   1.589   1.00 26.66  ? 53  LEU A CB    1 
ATOM   359  C  CG    . LEU A 1 53  ? -13.344 6.263   0.139   1.00 38.85  ? 53  LEU A CG    1 
ATOM   360  C  CD1   . LEU A 1 53  ? -12.187 6.914   -0.649  1.00 34.79  ? 53  LEU A CD1   1 
ATOM   361  C  CD2   . LEU A 1 53  ? -13.261 4.729   0.061   1.00 30.61  ? 53  LEU A CD2   1 
ATOM   362  N  N     . GLY A 1 54  ? -14.695 7.724   4.351   1.00 33.67  ? 54  GLY A N     1 
ATOM   363  C  CA    . GLY A 1 54  ? -14.382 8.240   5.663   1.00 23.30  ? 54  GLY A CA    1 
ATOM   364  C  C     . GLY A 1 54  ? -13.292 9.293   5.596   1.00 43.85  ? 54  GLY A C     1 
ATOM   365  O  O     . GLY A 1 54  ? -12.632 9.499   4.568   1.00 38.21  ? 54  GLY A O     1 
ATOM   366  N  N     . ASP A 1 55  ? -13.099 9.960   6.743   1.00 35.57  ? 55  ASP A N     1 
ATOM   367  C  CA    . ASP A 1 55  ? -12.132 11.049  6.843   1.00 46.01  ? 55  ASP A CA    1 
ATOM   368  C  C     . ASP A 1 55  ? -10.689 10.569  6.825   1.00 41.65  ? 55  ASP A C     1 
ATOM   369  O  O     . ASP A 1 55  ? -9.786  11.383  6.637   1.00 43.04  ? 55  ASP A O     1 
ATOM   370  C  CB    . ASP A 1 55  ? -12.374 11.863  8.123   1.00 40.30  ? 55  ASP A CB    1 
ATOM   371  C  CG    . ASP A 1 55  ? -13.535 12.828  7.987   1.00 48.46  ? 55  ASP A CG    1 
ATOM   372  O  OD1   . ASP A 1 55  ? -13.859 13.216  6.835   1.00 45.13  ? 55  ASP A OD1   1 
ATOM   373  O  OD2   . ASP A 1 55  ? -14.114 13.204  9.032   1.00 50.79  ? 55  ASP A OD2   1 
ATOM   374  N  N     . GLY A 1 56  ? -10.449 9.277   7.030   1.00 43.04  ? 56  GLY A N     1 
ATOM   375  C  CA    . GLY A 1 56  ? -9.091  8.781   7.069   1.00 40.99  ? 56  GLY A CA    1 
ATOM   376  C  C     . GLY A 1 56  ? -8.382  8.786   5.733   1.00 40.96  ? 56  GLY A C     1 
ATOM   377  O  O     . GLY A 1 56  ? -7.181  8.524   5.703   1.00 42.27  ? 56  GLY A O     1 
ATOM   378  N  N     . LYS A 1 57  ? -9.086  9.069   4.640   1.00 34.60  ? 57  LYS A N     1 
ATOM   379  C  CA    . LYS A 1 57  ? -8.516  9.059   3.294   1.00 38.29  ? 57  LYS A CA    1 
ATOM   380  C  C     . LYS A 1 57  ? -8.592  10.488  2.769   1.00 45.42  ? 57  LYS A C     1 
ATOM   381  O  O     . LYS A 1 57  ? -9.663  10.955  2.362   1.00 40.30  ? 57  LYS A O     1 
ATOM   382  C  CB    . LYS A 1 57  ? -9.267  8.091   2.381   1.00 34.83  ? 57  LYS A CB    1 
ATOM   383  C  CG    . LYS A 1 57  ? -9.301  6.672   2.897   1.00 38.59  ? 57  LYS A CG    1 
ATOM   384  C  CD    . LYS A 1 57  ? -7.891  6.147   3.211   1.00 47.70  ? 57  LYS A CD    1 
ATOM   385  C  CE    . LYS A 1 57  ? -7.975  5.065   4.260   1.00 47.09  ? 57  LYS A CE    1 
ATOM   386  N  NZ    . LYS A 1 57  ? -6.712  4.603   4.869   1.00 55.47  ? 57  LYS A NZ    1 
ATOM   387  N  N     . THR A 1 58  ? -7.460  11.183  2.781   1.00 45.04  ? 58  THR A N     1 
ATOM   388  C  CA    . THR A 1 58  ? -7.422  12.583  2.402   1.00 43.28  ? 58  THR A CA    1 
ATOM   389  C  C     . THR A 1 58  ? -6.641  12.729  1.106   1.00 38.60  ? 58  THR A C     1 
ATOM   390  O  O     . THR A 1 58  ? -5.861  11.854  0.738   1.00 41.28  ? 58  THR A O     1 
ATOM   391  C  CB    . THR A 1 58  ? -6.813  13.431  3.523   1.00 47.38  ? 58  THR A CB    1 
ATOM   392  O  OG1   . THR A 1 58  ? -5.465  13.019  3.770   1.00 41.95  ? 58  THR A OG1   1 
ATOM   393  C  CG2   . THR A 1 58  ? -7.616  13.243  4.818   1.00 41.77  ? 58  THR A CG2   1 
ATOM   394  N  N     . ILE A 1 59  ? -6.907  13.822  0.388   1.00 45.76  ? 59  ILE A N     1 
ATOM   395  C  CA    . ILE A 1 59  ? -6.235  14.065  -0.887  1.00 42.15  ? 59  ILE A CA    1 
ATOM   396  C  C     . ILE A 1 59  ? -4.758  14.384  -0.655  1.00 46.68  ? 59  ILE A C     1 
ATOM   397  O  O     . ILE A 1 59  ? -3.891  14.004  -1.453  1.00 37.31  ? 59  ILE A O     1 
ATOM   398  C  CB    . ILE A 1 59  ? -6.949  15.193  -1.659  1.00 45.10  ? 59  ILE A CB    1 
ATOM   399  C  CG1   . ILE A 1 59  ? -8.219  14.664  -2.314  1.00 54.52  ? 59  ILE A CG1   1 
ATOM   400  C  CG2   . ILE A 1 59  ? -6.071  15.758  -2.765  1.00 43.66  ? 59  ILE A CG2   1 
ATOM   401  C  CD1   . ILE A 1 59  ? -9.349  15.657  -2.309  1.00 55.64  ? 59  ILE A CD1   1 
ATOM   402  N  N     . GLU A 1 60  ? -4.453  15.090  0.440   1.00 36.80  ? 60  GLU A N     1 
ATOM   403  C  CA    . GLU A 1 60  ? -3.065  15.312  0.813   1.00 43.66  ? 60  GLU A CA    1 
ATOM   404  C  C     . GLU A 1 60  ? -2.388  13.987  1.122   1.00 46.50  ? 60  GLU A C     1 
ATOM   405  O  O     . GLU A 1 60  ? -1.215  13.784  0.786   1.00 45.34  ? 60  GLU A O     1 
ATOM   406  C  CB    . GLU A 1 60  ? -2.979  16.255  2.016   1.00 46.29  ? 60  GLU A CB    1 
ATOM   407  C  CG    . GLU A 1 60  ? -3.808  17.534  1.906   1.00 49.53  ? 60  GLU A CG    1 
ATOM   408  C  CD    . GLU A 1 60  ? -5.279  17.350  2.356   1.00 61.01  ? 60  GLU A CD    1 
ATOM   409  O  OE1   . GLU A 1 60  ? -6.022  16.546  1.747   1.00 47.25  ? 60  GLU A OE1   1 
ATOM   410  O  OE2   . GLU A 1 60  ? -5.689  18.003  3.337   1.00 60.72  ? 60  GLU A OE2   1 
ATOM   411  N  N     . GLY A 1 61  ? -3.124  13.066  1.741   1.00 44.22  ? 61  GLY A N     1 
ATOM   412  C  CA    . GLY A 1 61  ? -2.579  11.739  1.978   1.00 41.62  ? 61  GLY A CA    1 
ATOM   413  C  C     . GLY A 1 61  ? -2.198  11.038  0.690   1.00 39.19  ? 61  GLY A C     1 
ATOM   414  O  O     . GLY A 1 61  ? -1.104  10.482  0.567   1.00 39.23  ? 61  GLY A O     1 
ATOM   415  N  N     . LEU A 1 62  ? -3.089  11.069  -0.297  1.00 28.17  ? 62  LEU A N     1 
ATOM   416  C  CA    . LEU A 1 62  ? -2.801  10.395  -1.553  1.00 37.40  ? 62  LEU A CA    1 
ATOM   417  C  C     . LEU A 1 62  ? -1.590  11.007  -2.252  1.00 37.62  ? 62  LEU A C     1 
ATOM   418  O  O     . LEU A 1 62  ? -0.759  10.280  -2.807  1.00 38.49  ? 62  LEU A O     1 
ATOM   419  C  CB    . LEU A 1 62  ? -4.019  10.443  -2.469  1.00 34.70  ? 62  LEU A CB    1 
ATOM   420  C  CG    . LEU A 1 62  ? -5.203  9.552   -2.144  1.00 44.10  ? 62  LEU A CG    1 
ATOM   421  C  CD1   . LEU A 1 62  ? -6.157  9.550   -3.340  1.00 39.80  ? 62  LEU A CD1   1 
ATOM   422  C  CD2   . LEU A 1 62  ? -4.714  8.151   -1.824  1.00 46.22  ? 62  LEU A CD2   1 
ATOM   423  N  N     . LEU A 1 63  ? -1.481  12.338  -2.249  1.00 31.51  ? 63  LEU A N     1 
ATOM   424  C  CA    . LEU A 1 63  ? -0.389  12.994  -2.962  1.00 42.73  ? 63  LEU A CA    1 
ATOM   425  C  C     . LEU A 1 63  ? 0.956   12.744  -2.289  1.00 39.00  ? 63  LEU A C     1 
ATOM   426  O  O     . LEU A 1 63  ? 1.939   12.403  -2.954  1.00 38.65  ? 63  LEU A O     1 
ATOM   427  C  CB    . LEU A 1 63  ? -0.657  14.491  -3.076  1.00 41.10  ? 63  LEU A CB    1 
ATOM   428  C  CG    . LEU A 1 63  ? -1.790  14.790  -4.048  1.00 50.46  ? 63  LEU A CG    1 
ATOM   429  C  CD1   . LEU A 1 63  ? -2.277  16.227  -3.871  1.00 42.90  ? 63  LEU A CD1   1 
ATOM   430  C  CD2   . LEU A 1 63  ? -1.306  14.513  -5.468  1.00 46.94  ? 63  LEU A CD2   1 
ATOM   431  N  N     . ALA A 1 64  ? 1.016   12.919  -0.967  1.00 36.05  ? 64  ALA A N     1 
ATOM   432  C  CA    . ALA A 1 64  ? 2.240   12.625  -0.233  1.00 37.10  ? 64  ALA A CA    1 
ATOM   433  C  C     . ALA A 1 64  ? 2.620   11.160  -0.374  1.00 33.05  ? 64  ALA A C     1 
ATOM   434  O  O     . ALA A 1 64  ? 3.799   10.833  -0.532  1.00 32.62  ? 64  ALA A O     1 
ATOM   435  C  CB    . ALA A 1 64  ? 2.075   12.997  1.244   1.00 31.32  ? 64  ALA A CB    1 
ATOM   436  N  N     . GLY A 1 65  ? 1.628   10.266  -0.326  1.00 34.68  ? 65  GLY A N     1 
ATOM   437  C  CA    . GLY A 1 65  ? 1.913   8.852   -0.506  1.00 32.89  ? 65  GLY A CA    1 
ATOM   438  C  C     . GLY A 1 65  ? 2.484   8.570   -1.879  1.00 36.92  ? 65  GLY A C     1 
ATOM   439  O  O     . GLY A 1 65  ? 3.492   7.871   -2.027  1.00 30.94  ? 65  GLY A O     1 
ATOM   440  N  N     . PHE A 1 66  ? 1.861   9.150   -2.901  1.00 31.07  ? 66  PHE A N     1 
ATOM   441  C  CA    . PHE A 1 66  ? 2.320   8.963   -4.268  1.00 30.76  ? 66  PHE A CA    1 
ATOM   442  C  C     . PHE A 1 66  ? 3.715   9.555   -4.460  1.00 34.60  ? 66  PHE A C     1 
ATOM   443  O  O     . PHE A 1 66  ? 4.608   8.903   -5.006  1.00 38.84  ? 66  PHE A O     1 
ATOM   444  C  CB    . PHE A 1 66  ? 1.311   9.609   -5.209  1.00 29.65  ? 66  PHE A CB    1 
ATOM   445  C  CG    . PHE A 1 66  ? 1.638   9.450   -6.641  1.00 36.00  ? 66  PHE A CG    1 
ATOM   446  C  CD1   . PHE A 1 66  ? 1.749   8.188   -7.201  1.00 34.18  ? 66  PHE A CD1   1 
ATOM   447  C  CD2   . PHE A 1 66  ? 1.851   10.563  -7.435  1.00 42.21  ? 66  PHE A CD2   1 
ATOM   448  C  CE1   . PHE A 1 66  ? 2.062   8.036   -8.540  1.00 43.28  ? 66  PHE A CE1   1 
ATOM   449  C  CE2   . PHE A 1 66  ? 2.166   10.424  -8.775  1.00 52.02  ? 66  PHE A CE2   1 
ATOM   450  C  CZ    . PHE A 1 66  ? 2.272   9.153   -9.332  1.00 40.92  ? 66  PHE A CZ    1 
ATOM   451  N  N     . ALA A 1 67  ? 3.911   10.801  -4.028  1.00 33.07  ? 67  ALA A N     1 
ATOM   452  C  CA    . ALA A 1 67  ? 5.228   11.423  -4.076  1.00 39.12  ? 67  ALA A CA    1 
ATOM   453  C  C     . ALA A 1 67  ? 6.269   10.566  -3.368  1.00 30.29  ? 67  ALA A C     1 
ATOM   454  O  O     . ALA A 1 67  ? 7.339   10.305  -3.915  1.00 33.42  ? 67  ALA A O     1 
ATOM   455  C  CB    . ALA A 1 67  ? 5.162   12.820  -3.448  1.00 31.81  ? 67  ALA A CB    1 
ATOM   456  N  N     . ALA A 1 68  ? 5.956   10.103  -2.161  1.00 30.33  ? 68  ALA A N     1 
ATOM   457  C  CA    . ALA A 1 68  ? 6.907   9.322   -1.384  1.00 33.72  ? 68  ALA A CA    1 
ATOM   458  C  C     . ALA A 1 68  ? 7.244   8.008   -2.075  1.00 36.12  ? 68  ALA A C     1 
ATOM   459  O  O     . ALA A 1 68  ? 8.411   7.585   -2.091  1.00 38.16  ? 68  ALA A O     1 
ATOM   460  C  CB    . ALA A 1 68  ? 6.341   9.058   0.010   1.00 30.25  ? 68  ALA A CB    1 
ATOM   461  N  N     . GLY A 1 69  ? 6.226   7.346   -2.636  1.00 37.59  ? 69  GLY A N     1 
ATOM   462  C  CA    . GLY A 1 69  ? 6.452   6.086   -3.314  1.00 28.32  ? 69  GLY A CA    1 
ATOM   463  C  C     . GLY A 1 69  ? 7.282   6.254   -4.566  1.00 32.71  ? 69  GLY A C     1 
ATOM   464  O  O     . GLY A 1 69  ? 8.136   5.420   -4.871  1.00 34.91  ? 69  GLY A O     1 
ATOM   465  N  N     . SER A 1 70  ? 7.045   7.335   -5.306  1.00 30.02  ? 70  SER A N     1 
ATOM   466  C  CA    . SER A 1 70  ? 7.881   7.638   -6.462  1.00 31.50  ? 70  SER A CA    1 
ATOM   467  C  C     . SER A 1 70  ? 9.327   7.889   -6.046  1.00 35.60  ? 70  SER A C     1 
ATOM   468  O  O     . SER A 1 70  ? 10.257  7.344   -6.648  1.00 39.64  ? 70  SER A O     1 
ATOM   469  C  CB    . SER A 1 70  ? 7.317   8.842   -7.206  1.00 32.96  ? 70  SER A CB    1 
ATOM   470  O  OG    . SER A 1 70  ? 5.937   8.635   -7.471  1.00 38.23  ? 70  SER A OG    1 
ATOM   471  N  N     . ALA A 1 71  ? 9.537   8.706   -5.009  1.00 33.27  ? 71  ALA A N     1 
ATOM   472  C  CA    . ALA A 1 71  ? 10.902  8.954   -4.557  1.00 36.22  ? 71  ALA A CA    1 
ATOM   473  C  C     . ALA A 1 71  ? 11.577  7.648   -4.150  1.00 34.12  ? 71  ALA A C     1 
ATOM   474  O  O     . ALA A 1 71  ? 12.724  7.392   -4.533  1.00 37.26  ? 71  ALA A O     1 
ATOM   475  C  CB    . ALA A 1 71  ? 10.914  9.970   -3.410  1.00 31.29  ? 71  ALA A CB    1 
ATOM   476  N  N     . ALA A 1 72  ? 10.852  6.773   -3.445  1.00 34.06  ? 72  ALA A N     1 
ATOM   477  C  CA    . ALA A 1 72  ? 11.439  5.513   -2.987  1.00 38.46  ? 72  ALA A CA    1 
ATOM   478  C  C     . ALA A 1 72  ? 11.787  4.589   -4.152  1.00 36.85  ? 72  ALA A C     1 
ATOM   479  O  O     . ALA A 1 72  ? 12.762  3.827   -4.076  1.00 31.39  ? 72  ALA A O     1 
ATOM   480  C  CB    . ALA A 1 72  ? 10.486  4.802   -2.020  1.00 33.35  ? 72  ALA A CB    1 
ATOM   481  N  N     . GLY A 1 73  ? 11.016  4.649   -5.236  1.00 26.43  ? 73  GLY A N     1 
ATOM   482  C  CA    . GLY A 1 73  ? 11.328  3.816   -6.377  1.00 36.41  ? 73  GLY A CA    1 
ATOM   483  C  C     . GLY A 1 73  ? 12.630  4.207   -7.043  1.00 38.71  ? 73  GLY A C     1 
ATOM   484  O  O     . GLY A 1 73  ? 13.298  3.360   -7.639  1.00 37.06  ? 73  GLY A O     1 
ATOM   485  N  N     . VAL A 1 74  ? 12.992  5.491   -6.966  1.00 34.73  ? 74  VAL A N     1 
ATOM   486  C  CA    . VAL A 1 74  ? 14.331  5.923   -7.357  1.00 36.76  ? 74  VAL A CA    1 
ATOM   487  C  C     . VAL A 1 74  ? 15.376  5.210   -6.507  1.00 32.08  ? 74  VAL A C     1 
ATOM   488  O  O     . VAL A 1 74  ? 16.354  4.667   -7.022  1.00 30.19  ? 74  VAL A O     1 
ATOM   489  C  CB    . VAL A 1 74  ? 14.455  7.453   -7.243  1.00 38.30  ? 74  VAL A CB    1 
ATOM   490  C  CG1   . VAL A 1 74  ? 15.920  7.873   -7.371  1.00 48.03  ? 74  VAL A CG1   1 
ATOM   491  C  CG2   . VAL A 1 74  ? 13.604  8.136   -8.291  1.00 35.25  ? 74  VAL A CG2   1 
ATOM   492  N  N     . LEU A 1 75  ? 15.171  5.182   -5.190  1.00 31.98  ? 75  LEU A N     1 
ATOM   493  C  CA    . LEU A 1 75  ? 16.095  4.444   -4.337  1.00 32.68  ? 75  LEU A CA    1 
ATOM   494  C  C     . LEU A 1 75  ? 16.070  2.950   -4.638  1.00 35.08  ? 75  LEU A C     1 
ATOM   495  O  O     . LEU A 1 75  ? 17.108  2.288   -4.580  1.00 37.53  ? 75  LEU A O     1 
ATOM   496  C  CB    . LEU A 1 75  ? 15.776  4.694   -2.864  1.00 25.78  ? 75  LEU A CB    1 
ATOM   497  C  CG    . LEU A 1 75  ? 15.954  6.144   -2.433  1.00 38.74  ? 75  LEU A CG    1 
ATOM   498  C  CD1   . LEU A 1 75  ? 15.439  6.364   -1.013  1.00 31.20  ? 75  LEU A CD1   1 
ATOM   499  C  CD2   . LEU A 1 75  ? 17.417  6.531   -2.565  1.00 32.11  ? 75  LEU A CD2   1 
ATOM   500  N  N     . ALA A 1 76  ? 14.892  2.385   -4.919  1.00 37.61  ? 76  ALA A N     1 
ATOM   501  C  CA    . ALA A 1 76  ? 14.838  0.965   -5.268  1.00 36.84  ? 76  ALA A CA    1 
ATOM   502  C  C     . ALA A 1 76  ? 15.567  0.693   -6.580  1.00 31.02  ? 76  ALA A C     1 
ATOM   503  O  O     . ALA A 1 76  ? 16.278  -0.307  -6.703  1.00 35.24  ? 76  ALA A O     1 
ATOM   504  C  CB    . ALA A 1 76  ? 13.389  0.481   -5.355  1.00 29.68  ? 76  ALA A CB    1 
ATOM   505  N  N     . ALA A 1 77  ? 15.417  1.586   -7.562  1.00 31.18  ? 77  ALA A N     1 
ATOM   506  C  CA    . ALA A 1 77  ? 16.101  1.418   -8.836  1.00 34.43  ? 77  ALA A CA    1 
ATOM   507  C  C     . ALA A 1 77  ? 17.618  1.545   -8.676  1.00 42.02  ? 77  ALA A C     1 
ATOM   508  O  O     . ALA A 1 77  ? 18.374  0.800   -9.306  1.00 43.39  ? 77  ALA A O     1 
ATOM   509  C  CB    . ALA A 1 77  ? 15.564  2.432   -9.846  1.00 30.69  ? 77  ALA A CB    1 
ATOM   510  N  N     . LEU A 1 78  ? 18.082  2.469   -7.828  1.00 37.97  ? 78  LEU A N     1 
ATOM   511  C  CA    . LEU A 1 78  ? 19.520  2.630   -7.638  1.00 38.11  ? 78  LEU A CA    1 
ATOM   512  C  C     . LEU A 1 78  ? 20.100  1.501   -6.800  1.00 45.18  ? 78  LEU A C     1 
ATOM   513  O  O     . LEU A 1 78  ? 21.207  1.026   -7.074  1.00 48.87  ? 78  LEU A O     1 
ATOM   514  C  CB    . LEU A 1 78  ? 19.823  3.973   -6.985  1.00 36.47  ? 78  LEU A CB    1 
ATOM   515  C  CG    . LEU A 1 78  ? 19.526  5.136   -7.912  1.00 39.81  ? 78  LEU A CG    1 
ATOM   516  C  CD1   . LEU A 1 78  ? 19.619  6.439   -7.147  1.00 36.66  ? 78  LEU A CD1   1 
ATOM   517  C  CD2   . LEU A 1 78  ? 20.483  5.100   -9.077  1.00 39.71  ? 78  LEU A CD2   1 
ATOM   518  N  N     . ALA A 1 79  ? 19.372  1.058   -5.772  1.00 40.68  ? 79  ALA A N     1 
ATOM   519  C  CA    . ALA A 1 79  ? 19.871  -0.031  -4.938  1.00 40.78  ? 79  ALA A CA    1 
ATOM   520  C  C     . ALA A 1 79  ? 20.000  -1.332  -5.725  1.00 48.22  ? 79  ALA A C     1 
ATOM   521  O  O     . ALA A 1 79  ? 20.940  -2.102  -5.508  1.00 52.15  ? 79  ALA A O     1 
ATOM   522  C  CB    . ALA A 1 79  ? 18.954  -0.236  -3.733  1.00 40.29  ? 79  ALA A CB    1 
ATOM   523  N  N     . SER A 1 80  ? 19.060  -1.602  -6.630  1.00 49.61  ? 80  SER A N     1 
ATOM   524  C  CA    . SER A 1 80  ? 18.988  -2.882  -7.323  1.00 38.12  ? 80  SER A CA    1 
ATOM   525  C  C     . SER A 1 80  ? 19.657  -2.875  -8.686  1.00 41.46  ? 80  SER A C     1 
ATOM   526  O  O     . SER A 1 80  ? 19.786  -3.939  -9.295  1.00 39.21  ? 80  SER A O     1 
ATOM   527  C  CB    . SER A 1 80  ? 17.527  -3.289  -7.523  1.00 42.18  ? 80  SER A CB    1 
ATOM   528  O  OG    . SER A 1 80  ? 16.974  -2.553  -8.604  1.00 37.07  ? 80  SER A OG    1 
ATOM   529  N  N     . GLY A 1 81  ? 20.052  -1.713  -9.199  1.00 45.31  ? 81  GLY A N     1 
ATOM   530  C  CA    . GLY A 1 81  ? 20.508  -1.650  -10.569 1.00 41.54  ? 81  GLY A CA    1 
ATOM   531  C  C     . GLY A 1 81  ? 19.432  -1.821  -11.622 1.00 43.95  ? 81  GLY A C     1 
ATOM   532  O  O     . GLY A 1 81  ? 19.754  -1.808  -12.815 1.00 55.39  ? 81  GLY A O     1 
ATOM   533  N  N     . ASN A 1 82  ? 18.166  -1.957  -11.236 1.00 44.58  ? 82  ASN A N     1 
ATOM   534  C  CA    . ASN A 1 82  ? 17.079  -2.169  -12.185 1.00 34.00  ? 82  ASN A CA    1 
ATOM   535  C  C     . ASN A 1 82  ? 16.347  -0.844  -12.353 1.00 42.47  ? 82  ASN A C     1 
ATOM   536  O  O     . ASN A 1 82  ? 15.481  -0.486  -11.548 1.00 46.20  ? 82  ASN A O     1 
ATOM   537  C  CB    . ASN A 1 82  ? 16.152  -3.285  -11.710 1.00 33.55  ? 82  ASN A CB    1 
ATOM   538  C  CG    . ASN A 1 82  ? 14.983  -3.519  -12.653 1.00 39.87  ? 82  ASN A CG    1 
ATOM   539  O  OD1   . ASN A 1 82  ? 14.695  -2.703  -13.524 1.00 41.00  ? 82  ASN A OD1   1 
ATOM   540  N  ND2   . ASN A 1 82  ? 14.300  -4.644  -12.481 1.00 42.87  ? 82  ASN A ND2   1 
ATOM   541  N  N     . MET A 1 83  ? 16.677  -0.130  -13.426 1.00 36.80  ? 83  MET A N     1 
ATOM   542  C  CA    . MET A 1 83  ? 16.082  1.174   -13.654 1.00 38.79  ? 83  MET A CA    1 
ATOM   543  C  C     . MET A 1 83  ? 14.577  1.106   -13.879 1.00 42.89  ? 83  MET A C     1 
ATOM   544  O  O     . MET A 1 83  ? 13.890  2.121   -13.700 1.00 38.35  ? 83  MET A O     1 
ATOM   545  C  CB    . MET A 1 83  ? 16.768  1.849   -14.835 1.00 30.65  ? 83  MET A CB    1 
ATOM   546  C  CG    . MET A 1 83  ? 18.191  2.317   -14.503 1.00 52.63  ? 83  MET A CG    1 
ATOM   547  S  SD    . MET A 1 83  ? 18.272  3.642   -13.265 1.00 74.05  ? 83  MET A SD    1 
ATOM   548  C  CE    . MET A 1 83  ? 19.131  2.832   -11.918 1.00 44.02  ? 83  MET A CE    1 
ATOM   549  N  N     . LEU A 1 84  ? 14.042  -0.053  -14.267 1.00 34.88  ? 84  LEU A N     1 
ATOM   550  C  CA    . LEU A 1 84  ? 12.598  -0.142  -14.452 1.00 37.73  ? 84  LEU A CA    1 
ATOM   551  C  C     . LEU A 1 84  ? 11.843  0.089   -13.149 1.00 34.88  ? 84  LEU A C     1 
ATOM   552  O  O     . LEU A 1 84  ? 10.686  0.520   -13.186 1.00 40.10  ? 84  LEU A O     1 
ATOM   553  C  CB    . LEU A 1 84  ? 12.239  -1.496  -15.057 1.00 46.42  ? 84  LEU A CB    1 
ATOM   554  C  CG    . LEU A 1 84  ? 12.187  -1.498  -16.584 1.00 40.80  ? 84  LEU A CG    1 
ATOM   555  C  CD1   . LEU A 1 84  ? 11.627  -2.820  -17.107 1.00 46.12  ? 84  LEU A CD1   1 
ATOM   556  C  CD2   . LEU A 1 84  ? 11.347  -0.334  -17.069 1.00 42.99  ? 84  LEU A CD2   1 
ATOM   557  N  N     . LEU A 1 85  ? 12.491  -0.143  -12.000 1.00 35.53  ? 85  LEU A N     1 
ATOM   558  C  CA    . LEU A 1 85  ? 11.887  0.173   -10.705 1.00 31.43  ? 85  LEU A CA    1 
ATOM   559  C  C     . LEU A 1 85  ? 11.523  1.647   -10.572 1.00 39.66  ? 85  LEU A C     1 
ATOM   560  O  O     . LEU A 1 85  ? 10.575  1.983   -9.851  1.00 37.99  ? 85  LEU A O     1 
ATOM   561  C  CB    . LEU A 1 85  ? 12.823  -0.222  -9.560  1.00 33.23  ? 85  LEU A CB    1 
ATOM   562  C  CG    . LEU A 1 85  ? 13.195  -1.710  -9.474  1.00 44.50  ? 85  LEU A CG    1 
ATOM   563  C  CD1   . LEU A 1 85  ? 13.625  -2.109  -8.051  1.00 34.15  ? 85  LEU A CD1   1 
ATOM   564  C  CD2   . LEU A 1 85  ? 12.032  -2.581  -9.973  1.00 45.78  ? 85  LEU A CD2   1 
ATOM   565  N  N     . ALA A 1 86  ? 12.266  2.550   -11.217 1.00 33.72  ? 86  ALA A N     1 
ATOM   566  C  CA    . ALA A 1 86  ? 11.881  3.950   -11.128 1.00 35.22  ? 86  ALA A CA    1 
ATOM   567  C  C     . ALA A 1 86  ? 10.630  4.232   -11.937 1.00 35.84  ? 86  ALA A C     1 
ATOM   568  O  O     . ALA A 1 86  ? 9.896   5.172   -11.622 1.00 34.73  ? 86  ALA A O     1 
ATOM   569  C  CB    . ALA A 1 86  ? 13.019  4.861   -11.584 1.00 40.20  ? 86  ALA A CB    1 
ATOM   570  N  N     . VAL A 1 87  ? 10.382  3.439   -12.970 1.00 38.78  ? 87  VAL A N     1 
ATOM   571  C  CA    . VAL A 1 87  ? 9.190   3.592   -13.788 1.00 39.97  ? 87  VAL A CA    1 
ATOM   572  C  C     . VAL A 1 87  ? 7.995   2.871   -13.174 1.00 37.85  ? 87  VAL A C     1 
ATOM   573  O  O     . VAL A 1 87  ? 6.876   3.371   -13.224 1.00 34.39  ? 87  VAL A O     1 
ATOM   574  C  CB    . VAL A 1 87  ? 9.499   3.077   -15.208 1.00 49.57  ? 87  VAL A CB    1 
ATOM   575  C  CG1   . VAL A 1 87  ? 8.223   3.003   -16.069 1.00 43.73  ? 87  VAL A CG1   1 
ATOM   576  C  CG2   . VAL A 1 87  ? 10.558  3.954   -15.852 1.00 46.77  ? 87  VAL A CG2   1 
ATOM   577  N  N     . HIS A 1 88  ? 8.223   1.698   -12.577 1.00 34.31  ? 88  HIS A N     1 
ATOM   578  C  CA    . HIS A 1 88  ? 7.144   0.873   -12.042 1.00 32.43  ? 88  HIS A CA    1 
ATOM   579  C  C     . HIS A 1 88  ? 6.657   1.341   -10.671 1.00 37.07  ? 88  HIS A C     1 
ATOM   580  O  O     . HIS A 1 88  ? 5.467   1.180   -10.345 1.00 33.72  ? 88  HIS A O     1 
ATOM   581  C  CB    . HIS A 1 88  ? 7.619   -0.571  -11.927 1.00 31.86  ? 88  HIS A CB    1 
ATOM   582  C  CG    . HIS A 1 88  ? 7.803   -1.254  -13.242 1.00 40.48  ? 88  HIS A CG    1 
ATOM   583  N  ND1   . HIS A 1 88  ? 8.509   -2.431  -13.376 1.00 37.37  ? 88  HIS A ND1   1 
ATOM   584  C  CD2   . HIS A 1 88  ? 7.359   -0.934  -14.482 1.00 34.20  ? 88  HIS A CD2   1 
ATOM   585  C  CE1   . HIS A 1 88  ? 8.501   -2.801  -14.644 1.00 39.53  ? 88  HIS A CE1   1 
ATOM   586  N  NE2   . HIS A 1 88  ? 7.802   -1.916  -15.334 1.00 39.67  ? 88  HIS A NE2   1 
ATOM   587  N  N     . SER A 1 89  ? 7.563   1.874   -9.844  1.00 31.74  ? 89  SER A N     1 
ATOM   588  C  CA    . SER A 1 89  ? 7.208   2.166   -8.458  1.00 25.23  ? 89  SER A CA    1 
ATOM   589  C  C     . SER A 1 89  ? 6.081   3.182   -8.332  1.00 35.45  ? 89  SER A C     1 
ATOM   590  O  O     . SER A 1 89  ? 5.265   3.037   -7.404  1.00 35.80  ? 89  SER A O     1 
ATOM   591  C  CB    . SER A 1 89  ? 8.443   2.628   -7.680  1.00 34.07  ? 89  SER A CB    1 
ATOM   592  O  OG    . SER A 1 89  ? 9.407   1.580   -7.596  1.00 41.53  ? 89  SER A OG    1 
ATOM   593  N  N     . PRO A 1 90  ? 5.965   4.205   -9.189  1.00 35.43  ? 90  PRO A N     1 
ATOM   594  C  CA    . PRO A 1 90  ? 4.763   5.053   -9.111  1.00 32.03  ? 90  PRO A CA    1 
ATOM   595  C  C     . PRO A 1 90  ? 3.465   4.274   -9.288  1.00 37.28  ? 90  PRO A C     1 
ATOM   596  O  O     . PRO A 1 90  ? 2.528   4.462   -8.499  1.00 35.20  ? 90  PRO A O     1 
ATOM   597  C  CB    . PRO A 1 90  ? 4.979   6.079   -10.239 1.00 33.31  ? 90  PRO A CB    1 
ATOM   598  C  CG    . PRO A 1 90  ? 6.482   6.141   -10.408 1.00 34.94  ? 90  PRO A CG    1 
ATOM   599  C  CD    . PRO A 1 90  ? 6.947   4.727   -10.167 1.00 33.03  ? 90  PRO A CD    1 
ATOM   600  N  N     . ALA A 1 91  ? 3.383   3.402   -10.304 1.00 32.14  ? 91  ALA A N     1 
ATOM   601  C  CA    . ALA A 1 91  ? 2.173   2.603   -10.485 1.00 35.80  ? 91  ALA A CA    1 
ATOM   602  C  C     . ALA A 1 91  ? 1.921   1.701   -9.279  1.00 32.11  ? 91  ALA A C     1 
ATOM   603  O  O     . ALA A 1 91  ? 0.775   1.560   -8.836  1.00 23.93  ? 91  ALA A O     1 
ATOM   604  C  CB    . ALA A 1 91  ? 2.270   1.768   -11.765 1.00 26.75  ? 91  ALA A CB    1 
ATOM   605  N  N     . ILE A 1 92  ? 2.983   1.089   -8.734  1.00 25.72  ? 92  ILE A N     1 
ATOM   606  C  CA    . ILE A 1 92  ? 2.834   0.224   -7.565  1.00 26.59  ? 92  ILE A CA    1 
ATOM   607  C  C     . ILE A 1 92  ? 2.373   1.032   -6.357  1.00 36.18  ? 92  ILE A C     1 
ATOM   608  O  O     . ILE A 1 92  ? 1.494   0.595   -5.599  1.00 32.03  ? 92  ILE A O     1 
ATOM   609  C  CB    . ILE A 1 92  ? 4.150   -0.528  -7.276  1.00 38.23  ? 92  ILE A CB    1 
ATOM   610  C  CG1   . ILE A 1 92  ? 4.502   -1.469  -8.442  1.00 36.62  ? 92  ILE A CG1   1 
ATOM   611  C  CG2   . ILE A 1 92  ? 4.069   -1.320  -5.971  1.00 32.78  ? 92  ILE A CG2   1 
ATOM   612  C  CD1   . ILE A 1 92  ? 5.617   -2.462  -8.143  1.00 27.52  ? 92  ILE A CD1   1 
ATOM   613  N  N     . ALA A 1 93  ? 2.960   2.220   -6.160  1.00 30.32  ? 93  ALA A N     1 
ATOM   614  C  CA    . ALA A 1 93  ? 2.478   3.129   -5.125  1.00 27.88  ? 93  ALA A CA    1 
ATOM   615  C  C     . ALA A 1 93  ? 0.985   3.395   -5.273  1.00 28.30  ? 93  ALA A C     1 
ATOM   616  O  O     . ALA A 1 93  ? 0.250   3.406   -4.278  1.00 26.34  ? 93  ALA A O     1 
ATOM   617  C  CB    . ALA A 1 93  ? 3.250   4.451   -5.179  1.00 29.46  ? 93  ALA A CB    1 
ATOM   618  N  N     . LEU A 1 94  ? 0.527   3.633   -6.509  1.00 27.98  ? 94  LEU A N     1 
ATOM   619  C  CA    . LEU A 1 94  ? -0.901  3.843   -6.749  1.00 34.81  ? 94  LEU A CA    1 
ATOM   620  C  C     . LEU A 1 94  ? -1.715  2.620   -6.343  1.00 30.40  ? 94  LEU A C     1 
ATOM   621  O  O     . LEU A 1 94  ? -2.772  2.752   -5.718  1.00 32.59  ? 94  LEU A O     1 
ATOM   622  C  CB    . LEU A 1 94  ? -1.158  4.192   -8.218  1.00 28.94  ? 94  LEU A CB    1 
ATOM   623  C  CG    . LEU A 1 94  ? -0.718  5.616   -8.567  1.00 35.88  ? 94  LEU A CG    1 
ATOM   624  C  CD1   . LEU A 1 94  ? -0.934  5.939   -10.033 1.00 37.93  ? 94  LEU A CD1   1 
ATOM   625  C  CD2   . LEU A 1 94  ? -1.427  6.637   -7.675  1.00 36.80  ? 94  LEU A CD2   1 
ATOM   626  N  N     . GLY A 1 95  ? -1.237  1.424   -6.680  1.00 27.29  ? 95  GLY A N     1 
ATOM   627  C  CA    . GLY A 1 95  ? -1.935  0.225   -6.244  1.00 32.97  ? 95  GLY A CA    1 
ATOM   628  C  C     . GLY A 1 95  ? -1.981  0.095   -4.732  1.00 34.05  ? 95  GLY A C     1 
ATOM   629  O  O     . GLY A 1 95  ? -2.988  -0.331  -4.162  1.00 33.59  ? 95  GLY A O     1 
ATOM   630  N  N     . ALA A 1 96  ? -0.891  0.450   -4.060  1.00 29.30  ? 96  ALA A N     1 
ATOM   631  C  CA    . ALA A 1 96  ? -0.922  0.428   -2.609  1.00 29.14  ? 96  ALA A CA    1 
ATOM   632  C  C     . ALA A 1 96  ? -1.954  1.412   -2.084  1.00 30.34  ? 96  ALA A C     1 
ATOM   633  O  O     . ALA A 1 96  ? -2.715  1.090   -1.166  1.00 34.38  ? 96  ALA A O     1 
ATOM   634  C  CB    . ALA A 1 96  ? 0.460   0.747   -2.042  1.00 29.47  ? 96  ALA A CB    1 
ATOM   635  N  N     . LEU A 1 97  ? -2.010  2.611   -2.674  1.00 28.78  ? 97  LEU A N     1 
ATOM   636  C  CA    . LEU A 1 97  ? -2.956  3.620   -2.205  1.00 34.49  ? 97  LEU A CA    1 
ATOM   637  C  C     . LEU A 1 97  ? -4.395  3.220   -2.529  1.00 38.22  ? 97  LEU A C     1 
ATOM   638  O  O     . LEU A 1 97  ? -5.303  3.435   -1.716  1.00 41.92  ? 97  LEU A O     1 
ATOM   639  C  CB    . LEU A 1 97  ? -2.618  4.980   -2.816  1.00 28.45  ? 97  LEU A CB    1 
ATOM   640  C  CG    . LEU A 1 97  ? -1.286  5.576   -2.346  1.00 38.61  ? 97  LEU A CG    1 
ATOM   641  C  CD1   . LEU A 1 97  ? -0.823  6.759   -3.232  1.00 37.63  ? 97  LEU A CD1   1 
ATOM   642  C  CD2   . LEU A 1 97  ? -1.314  5.959   -0.863  1.00 34.21  ? 97  LEU A CD2   1 
ATOM   643  N  N     . ALA A 1 98  ? -4.617  2.630   -3.710  1.00 26.81  ? 98  ALA A N     1 
ATOM   644  C  CA    . ALA A 1 98  ? -5.954  2.195   -4.097  1.00 30.29  ? 98  ALA A CA    1 
ATOM   645  C  C     . ALA A 1 98  ? -6.435  1.057   -3.206  1.00 38.60  ? 98  ALA A C     1 
ATOM   646  O  O     . ALA A 1 98  ? -7.601  1.040   -2.784  1.00 33.02  ? 98  ALA A O     1 
ATOM   647  C  CB    . ALA A 1 98  ? -5.957  1.770   -5.572  1.00 21.49  ? 98  ALA A CB    1 
ATOM   648  N  N     . GLY A 1 99  ? -5.539  0.111   -2.893  1.00 31.59  ? 99  GLY A N     1 
ATOM   649  C  CA    . GLY A 1 99  ? -5.907  -1.007  -2.039  1.00 29.49  ? 99  GLY A CA    1 
ATOM   650  C  C     . GLY A 1 99  ? -6.228  -0.582  -0.615  1.00 39.22  ? 99  GLY A C     1 
ATOM   651  O  O     . GLY A 1 99  ? -7.126  -1.137  0.022   1.00 36.42  ? 99  GLY A O     1 
ATOM   652  N  N     . ASP A 1 100 ? -5.502  0.402   -0.094  1.00 33.30  ? 100 ASP A N     1 
ATOM   653  C  CA    . ASP A 1 100 ? -5.829  0.929   1.223   1.00 34.01  ? 100 ASP A CA    1 
ATOM   654  C  C     . ASP A 1 100 ? -7.197  1.609   1.219   1.00 37.97  ? 100 ASP A C     1 
ATOM   655  O  O     . ASP A 1 100 ? -7.980  1.459   2.166   1.00 32.44  ? 100 ASP A O     1 
ATOM   656  C  CB    . ASP A 1 100 ? -4.735  1.892   1.670   1.00 32.49  ? 100 ASP A CB    1 
ATOM   657  C  CG    . ASP A 1 100 ? -5.062  2.586   2.962   1.00 43.91  ? 100 ASP A CG    1 
ATOM   658  O  OD1   . ASP A 1 100 ? -5.234  1.908   3.998   1.00 48.09  ? 100 ASP A OD1   1 
ATOM   659  O  OD2   . ASP A 1 100 ? -5.135  3.832   2.937   1.00 57.12  ? 100 ASP A OD2   1 
ATOM   660  N  N     . MET A 1 101 ? -7.507  2.351   0.160   1.00 33.69  ? 101 MET A N     1 
ATOM   661  C  CA    . MET A 1 101 ? -8.843  2.923   0.044   1.00 42.16  ? 101 MET A CA    1 
ATOM   662  C  C     . MET A 1 101 ? -9.903  1.842   -0.149  1.00 35.73  ? 101 MET A C     1 
ATOM   663  O  O     . MET A 1 101 ? -10.991 1.927   0.429   1.00 35.03  ? 101 MET A O     1 
ATOM   664  C  CB    . MET A 1 101 ? -8.876  3.935   -1.098  1.00 36.39  ? 101 MET A CB    1 
ATOM   665  C  CG    . MET A 1 101 ? -8.152  5.221   -0.740  1.00 40.65  ? 101 MET A CG    1 
ATOM   666  S  SD    . MET A 1 101 ? -8.487  6.484   -1.958  1.00 42.88  ? 101 MET A SD    1 
ATOM   667  C  CE    . MET A 1 101 ? -7.563  5.797   -3.332  1.00 37.70  ? 101 MET A CE    1 
ATOM   668  N  N     . ALA A 1 102 ? -9.610  0.819   -0.956  1.00 34.39  ? 102 ALA A N     1 
ATOM   669  C  CA    . ALA A 1 102 ? -10.571 -0.269  -1.117  1.00 38.10  ? 102 ALA A CA    1 
ATOM   670  C  C     . ALA A 1 102 ? -10.855 -0.946  0.221   1.00 36.44  ? 102 ALA A C     1 
ATOM   671  O  O     . ALA A 1 102 ? -11.993 -1.350  0.494   1.00 35.53  ? 102 ALA A O     1 
ATOM   672  C  CB    . ALA A 1 102 ? -10.061 -1.277  -2.151  1.00 26.80  ? 102 ALA A CB    1 
ATOM   673  N  N     . GLY A 1 103 ? -9.840  -1.039  1.082   1.00 33.36  ? 103 GLY A N     1 
ATOM   674  C  CA    . GLY A 1 103 ? -10.045 -1.605  2.403   1.00 35.15  ? 103 GLY A CA    1 
ATOM   675  C  C     . GLY A 1 103 ? -10.918 -0.727  3.284   1.00 38.25  ? 103 GLY A C     1 
ATOM   676  O  O     . GLY A 1 103 ? -11.775 -1.227  4.011   1.00 36.08  ? 103 GLY A O     1 
ATOM   677  N  N     . SER A 1 104 ? -10.693 0.592   3.248   1.00 38.99  ? 104 SER A N     1 
ATOM   678  C  CA    . SER A 1 104 ? -11.557 1.527   3.963   1.00 35.19  ? 104 SER A CA    1 
ATOM   679  C  C     . SER A 1 104 ? -12.982 1.476   3.437   1.00 32.64  ? 104 SER A C     1 
ATOM   680  O  O     . SER A 1 104 ? -13.947 1.532   4.217   1.00 29.48  ? 104 SER A O     1 
ATOM   681  C  CB    . SER A 1 104 ? -11.008 2.947   3.847   1.00 29.39  ? 104 SER A CB    1 
ATOM   682  O  OG    . SER A 1 104 ? -10.073 3.159   4.857   1.00 35.76  ? 104 SER A OG    1 
ATOM   683  N  N     . PHE A 1 105 ? -13.134 1.384   2.117   1.00 29.89  ? 105 PHE A N     1 
ATOM   684  C  CA    . PHE A 1 105 ? -14.456 1.188   1.533   1.00 34.76  ? 105 PHE A CA    1 
ATOM   685  C  C     . PHE A 1 105 ? -15.152 -0.021  2.142   1.00 38.98  ? 105 PHE A C     1 
ATOM   686  O  O     . PHE A 1 105 ? -16.324 0.052   2.536   1.00 40.92  ? 105 PHE A O     1 
ATOM   687  C  CB    . PHE A 1 105 ? -14.348 1.016   0.020   1.00 32.30  ? 105 PHE A CB    1 
ATOM   688  C  CG    . PHE A 1 105 ? -15.655 0.701   -0.633  1.00 36.07  ? 105 PHE A CG    1 
ATOM   689  C  CD1   . PHE A 1 105 ? -16.629 1.685   -0.768  1.00 36.73  ? 105 PHE A CD1   1 
ATOM   690  C  CD2   . PHE A 1 105 ? -15.926 -0.581  -1.092  1.00 35.39  ? 105 PHE A CD2   1 
ATOM   691  C  CE1   . PHE A 1 105 ? -17.850 1.399   -1.369  1.00 35.41  ? 105 PHE A CE1   1 
ATOM   692  C  CE2   . PHE A 1 105 ? -17.136 -0.878  -1.695  1.00 35.45  ? 105 PHE A CE2   1 
ATOM   693  C  CZ    . PHE A 1 105 ? -18.109 0.106   -1.823  1.00 35.08  ? 105 PHE A CZ    1 
ATOM   694  N  N     . VAL A 1 106 ? -14.443 -1.152  2.221   1.00 37.42  ? 106 VAL A N     1 
ATOM   695  C  CA    . VAL A 1 106 ? -15.049 -2.369  2.740   1.00 29.57  ? 106 VAL A CA    1 
ATOM   696  C  C     . VAL A 1 106 ? -15.389 -2.204  4.216   1.00 32.35  ? 106 VAL A C     1 
ATOM   697  O  O     . VAL A 1 106 ? -16.453 -2.644  4.668   1.00 34.35  ? 106 VAL A O     1 
ATOM   698  C  CB    . VAL A 1 106 ? -14.127 -3.577  2.465   1.00 41.67  ? 106 VAL A CB    1 
ATOM   699  C  CG1   . VAL A 1 106 ? -14.462 -4.761  3.358   1.00 33.09  ? 106 VAL A CG1   1 
ATOM   700  C  CG2   . VAL A 1 106 ? -14.233 -3.997  0.989   1.00 31.28  ? 106 VAL A CG2   1 
ATOM   701  N  N     . LYS A 1 107 ? -14.541 -1.506  4.977   1.00 29.03  ? 107 LYS A N     1 
ATOM   702  C  CA    . LYS A 1 107 ? -14.834 -1.308  6.396   1.00 32.13  ? 107 LYS A CA    1 
ATOM   703  C  C     . LYS A 1 107 ? -16.100 -0.484  6.595   1.00 38.26  ? 107 LYS A C     1 
ATOM   704  O  O     . LYS A 1 107 ? -16.918 -0.790  7.475   1.00 36.75  ? 107 LYS A O     1 
ATOM   705  C  CB    . LYS A 1 107 ? -13.661 -0.634  7.110   1.00 33.51  ? 107 LYS A CB    1 
ATOM   706  C  CG    . LYS A 1 107 ? -12.410 -1.481  7.236   1.00 36.51  ? 107 LYS A CG    1 
ATOM   707  C  CD    . LYS A 1 107 ? -11.271 -0.669  7.783   1.00 35.19  ? 107 LYS A CD    1 
ATOM   708  C  CE    . LYS A 1 107 ? -11.378 -0.517  9.283   1.00 38.25  ? 107 LYS A CE    1 
ATOM   709  N  NZ    . LYS A 1 107 ? -10.189 0.188   9.820   1.00 36.14  ? 107 LYS A NZ    1 
ATOM   710  N  N     . ARG A 1 108 ? -16.273 0.571   5.794   1.00 38.26  ? 108 ARG A N     1 
ATOM   711  C  CA    . ARG A 1 108 ? -17.463 1.405   5.928   1.00 37.62  ? 108 ARG A CA    1 
ATOM   712  C  C     . ARG A 1 108 ? -18.724 0.612   5.595   1.00 36.46  ? 108 ARG A C     1 
ATOM   713  O  O     . ARG A 1 108 ? -19.719 0.695   6.320   1.00 38.49  ? 108 ARG A O     1 
ATOM   714  C  CB    . ARG A 1 108 ? -17.358 2.651   5.036   1.00 33.18  ? 108 ARG A CB    1 
ATOM   715  C  CG    . ARG A 1 108 ? -16.221 3.645   5.362   1.00 32.67  ? 108 ARG A CG    1 
ATOM   716  C  CD    . ARG A 1 108 ? -16.213 4.182   6.801   1.00 31.03  ? 108 ARG A CD    1 
ATOM   717  N  NE    . ARG A 1 108 ? -15.445 3.346   7.728   1.00 37.34  ? 108 ARG A NE    1 
ATOM   718  C  CZ    . ARG A 1 108 ? -14.114 3.277   7.764   1.00 40.21  ? 108 ARG A CZ    1 
ATOM   719  N  NH1   . ARG A 1 108 ? -13.382 3.989   6.916   1.00 32.47  ? 108 ARG A NH1   1 
ATOM   720  N  NH2   . ARG A 1 108 ? -13.512 2.485   8.643   1.00 37.68  ? 108 ARG A NH2   1 
ATOM   721  N  N     . ARG A 1 109 ? -18.702 -0.159  4.503   1.00 33.89  ? 109 ARG A N     1 
ATOM   722  C  CA    . ARG A 1 109 ? -19.871 -0.949  4.127   1.00 35.44  ? 109 ARG A CA    1 
ATOM   723  C  C     . ARG A 1 109 ? -20.242 -1.963  5.203   1.00 46.20  ? 109 ARG A C     1 
ATOM   724  O  O     . ARG A 1 109 ? -21.402 -2.385  5.281   1.00 50.62  ? 109 ARG A O     1 
ATOM   725  C  CB    . ARG A 1 109 ? -19.632 -1.673  2.798   1.00 30.56  ? 109 ARG A CB    1 
ATOM   726  C  CG    . ARG A 1 109 ? -19.257 -0.755  1.652   1.00 43.02  ? 109 ARG A CG    1 
ATOM   727  C  CD    . ARG A 1 109 ? -20.412 0.116   1.146   1.00 38.64  ? 109 ARG A CD    1 
ATOM   728  N  NE    . ARG A 1 109 ? -20.797 1.228   2.031   1.00 44.70  ? 109 ARG A NE    1 
ATOM   729  C  CZ    . ARG A 1 109 ? -20.060 2.314   2.286   1.00 42.13  ? 109 ARG A CZ    1 
ATOM   730  N  NH1   . ARG A 1 109 ? -18.856 2.461   1.745   1.00 36.93  ? 109 ARG A NH1   1 
ATOM   731  N  NH2   . ARG A 1 109 ? -20.528 3.258   3.101   1.00 36.60  ? 109 ARG A NH2   1 
ATOM   732  N  N     . LEU A 1 110 ? -19.286 -2.363  6.037   1.00 45.00  ? 110 LEU A N     1 
ATOM   733  C  CA    . LEU A 1 110 ? -19.550 -3.306  7.113   1.00 42.10  ? 110 LEU A CA    1 
ATOM   734  C  C     . LEU A 1 110 ? -19.939 -2.618  8.416   1.00 44.10  ? 110 LEU A C     1 
ATOM   735  O  O     . LEU A 1 110 ? -20.077 -3.294  9.445   1.00 40.96  ? 110 LEU A O     1 
ATOM   736  C  CB    . LEU A 1 110 ? -18.322 -4.181  7.339   1.00 39.14  ? 110 LEU A CB    1 
ATOM   737  C  CG    . LEU A 1 110 ? -17.967 -5.106  6.186   1.00 37.82  ? 110 LEU A CG    1 
ATOM   738  C  CD1   . LEU A 1 110 ? -16.652 -5.774  6.501   1.00 37.95  ? 110 LEU A CD1   1 
ATOM   739  C  CD2   . LEU A 1 110 ? -19.059 -6.141  5.970   1.00 35.27  ? 110 LEU A CD2   1 
ATOM   740  N  N     . GLY A 1 111 ? -20.098 -1.296  8.401   1.00 39.98  ? 111 GLY A N     1 
ATOM   741  C  CA    . GLY A 1 111 ? -20.365 -0.555  9.613   1.00 35.56  ? 111 GLY A CA    1 
ATOM   742  C  C     . GLY A 1 111 ? -19.194 -0.382  10.553  1.00 36.75  ? 111 GLY A C     1 
ATOM   743  O  O     . GLY A 1 111 ? -19.400 -0.040  11.720  1.00 43.92  ? 111 GLY A O     1 
ATOM   744  N  N     . ILE A 1 112 ? -17.966 -0.580  10.093  1.00 35.64  ? 112 ILE A N     1 
ATOM   745  C  CA    . ILE A 1 112 ? -16.799 -0.356  10.940  1.00 36.82  ? 112 ILE A CA    1 
ATOM   746  C  C     . ILE A 1 112 ? -16.405 1.112   10.854  1.00 40.49  ? 112 ILE A C     1 
ATOM   747  O  O     . ILE A 1 112 ? -16.020 1.593   9.783   1.00 45.21  ? 112 ILE A O     1 
ATOM   748  C  CB    . ILE A 1 112 ? -15.633 -1.257  10.529  1.00 40.52  ? 112 ILE A CB    1 
ATOM   749  C  CG1   . ILE A 1 112 ? -16.021 -2.747  10.578  1.00 42.30  ? 112 ILE A CG1   1 
ATOM   750  C  CG2   . ILE A 1 112 ? -14.492 -1.018  11.431  1.00 42.65  ? 112 ILE A CG2   1 
ATOM   751  C  CD1   . ILE A 1 112 ? -14.962 -3.680  9.928   1.00 35.98  ? 112 ILE A CD1   1 
ATOM   752  N  N     . GLU A 1 113 ? -16.483 1.823   11.980  1.00 42.45  ? 113 GLU A N     1 
ATOM   753  C  CA    . GLU A 1 113 ? -16.212 3.254   11.943  1.00 50.83  ? 113 GLU A CA    1 
ATOM   754  C  C     . GLU A 1 113 ? -14.745 3.552   11.683  1.00 48.03  ? 113 GLU A C     1 
ATOM   755  O  O     . GLU A 1 113 ? -13.857 2.740   11.956  1.00 47.12  ? 113 GLU A O     1 
ATOM   756  C  CB    . GLU A 1 113 ? -16.660 3.948   13.228  1.00 52.28  ? 113 GLU A CB    1 
ATOM   757  C  CG    . GLU A 1 113 ? -18.171 3.872   13.424  1.00 69.57  ? 113 GLU A CG    1 
ATOM   758  C  CD    . GLU A 1 113 ? -18.633 4.089   14.850  1.00 86.97  ? 113 GLU A CD    1 
ATOM   759  O  OE1   . GLU A 1 113 ? -19.861 4.020   15.070  1.00 99.00  ? 113 GLU A OE1   1 
ATOM   760  O  OE2   . GLU A 1 113 ? -17.800 4.350   15.740  1.00 97.00  ? 113 GLU A OE2   1 
ATOM   761  N  N     . ARG A 1 114 ? -14.511 4.755   11.166  1.00 44.68  ? 114 ARG A N     1 
ATOM   762  C  CA    . ARG A 1 114 ? -13.193 5.170   10.717  1.00 42.49  ? 114 ARG A CA    1 
ATOM   763  C  C     . ARG A 1 114 ? -12.172 5.027   11.843  1.00 42.47  ? 114 ARG A C     1 
ATOM   764  O  O     . ARG A 1 114 ? -12.427 5.408   12.990  1.00 41.12  ? 114 ARG A O     1 
ATOM   765  C  CB    . ARG A 1 114 ? -13.287 6.614   10.213  1.00 42.30  ? 114 ARG A CB    1 
ATOM   766  C  CG    . ARG A 1 114 ? -11.969 7.293   9.953   1.00 49.08  ? 114 ARG A CG    1 
ATOM   767  C  CD    . ARG A 1 114 ? -11.447 8.003   11.166  1.00 49.84  ? 114 ARG A CD    1 
ATOM   768  N  NE    . ARG A 1 114 ? -10.162 8.619   10.881  1.00 56.74  ? 114 ARG A NE    1 
ATOM   769  C  CZ    . ARG A 1 114 ? -9.960  9.929   10.823  1.00 52.86  ? 114 ARG A CZ    1 
ATOM   770  N  NH1   . ARG A 1 114 ? -10.959 10.766  11.047  1.00 51.14  ? 114 ARG A NH1   1 
ATOM   771  N  NH2   . ARG A 1 114 ? -8.748  10.394  10.548  1.00 59.71  ? 114 ARG A NH2   1 
ATOM   772  N  N     . GLY A 1 115 ? -11.057 4.401   11.577  1.00 46.88  ? 115 GLY A N     1 
ATOM   773  C  CA    . GLY A 1 115 ? -10.096 4.203   12.626  1.00 42.89  ? 115 GLY A CA    1 
ATOM   774  C  C     . GLY A 1 115 ? -10.203 2.959   13.494  1.00 43.00  ? 115 GLY A C     1 
ATOM   775  O  O     . GLY A 1 115 ? -9.238  2.606   14.096  1.00 46.68  ? 115 GLY A O     1 
ATOM   776  N  N     . ARG A 1 116 ? -11.352 2.307   13.572  1.00 38.96  ? 116 ARG A N     1 
ATOM   777  C  CA    . ARG A 1 116 ? -11.502 1.105   14.389  1.00 46.50  ? 116 ARG A CA    1 
ATOM   778  C  C     . ARG A 1 116 ? -10.737 -0.005  13.715  1.00 46.49  ? 116 ARG A C     1 
ATOM   779  O  O     . ARG A 1 116 ? -10.684 -0.061  12.529  1.00 39.61  ? 116 ARG A O     1 
ATOM   780  C  CB    . ARG A 1 116 ? -12.957 0.754   14.611  1.00 46.62  ? 116 ARG A CB    1 
ATOM   781  C  CG    . ARG A 1 116 ? -13.378 0.811   16.055  1.00 60.82  ? 116 ARG A CG    1 
ATOM   782  C  CD    . ARG A 1 116 ? -13.311 2.208   16.654  1.00 67.64  ? 116 ARG A CD    1 
ATOM   783  N  NE    . ARG A 1 116 ? -12.126 2.418   17.491  1.00 72.83  ? 116 ARG A NE    1 
ATOM   784  C  CZ    . ARG A 1 116 ? -11.566 1.503   18.289  1.00 72.58  ? 116 ARG A CZ    1 
ATOM   785  N  NH1   . ARG A 1 116 ? -12.067 0.279   18.395  1.00 69.80  ? 116 ARG A NH1   1 
ATOM   786  N  NH2   . ARG A 1 116 ? -10.493 1.821   18.990  1.00 69.60  ? 116 ARG A NH2   1 
ATOM   787  N  N     . PRO A 1 117 ? -10.120 -0.880  14.479  1.00 48.43  ? 117 PRO A N     1 
ATOM   788  C  CA    . PRO A 1 117 ? -9.229  -1.891  13.873  1.00 52.93  ? 117 PRO A CA    1 
ATOM   789  C  C     . PRO A 1 117 ? -9.978  -2.972  13.104  1.00 49.97  ? 117 PRO A C     1 
ATOM   790  O  O     . PRO A 1 117 ? -10.956 -3.536  13.595  1.00 50.51  ? 117 PRO A O     1 
ATOM   791  C  CB    . PRO A 1 117 ? -8.496  -2.487  15.081  1.00 42.97  ? 117 PRO A CB    1 
ATOM   792  C  CG    . PRO A 1 117 ? -9.443  -2.251  16.240  1.00 44.52  ? 117 PRO A CG    1 
ATOM   793  C  CD    . PRO A 1 117 ? -10.149 -0.966  15.950  1.00 41.37  ? 117 PRO A CD    1 
ATOM   794  N  N     . ALA A 1 118 ? -9.508  -3.251  11.887  1.00 47.03  ? 118 ALA A N     1 
ATOM   795  C  CA    . ALA A 1 118 ? -9.852  -4.465  11.145  1.00 43.71  ? 118 ALA A CA    1 
ATOM   796  C  C     . ALA A 1 118 ? -8.559  -5.249  10.975  1.00 42.68  ? 118 ALA A C     1 
ATOM   797  O  O     . ALA A 1 118 ? -7.851  -5.077  9.970   1.00 39.35  ? 118 ALA A O     1 
ATOM   798  C  CB    . ALA A 1 118 ? -10.481 -4.141  9.794   1.00 36.91  ? 118 ALA A CB    1 
ATOM   799  N  N     . PRO A 1 119 ? -8.198  -6.105  11.935  1.00 45.89  ? 119 PRO A N     1 
ATOM   800  C  CA    . PRO A 1 119 ? -6.894  -6.777  11.860  1.00 48.52  ? 119 PRO A CA    1 
ATOM   801  C  C     . PRO A 1 119 ? -6.806  -7.646  10.612  1.00 47.43  ? 119 PRO A C     1 
ATOM   802  O  O     . PRO A 1 119 ? -7.816  -8.135  10.096  1.00 49.45  ? 119 PRO A O     1 
ATOM   803  C  CB    . PRO A 1 119 ? -6.856  -7.618  13.141  1.00 40.08  ? 119 PRO A CB    1 
ATOM   804  C  CG    . PRO A 1 119 ? -8.277  -7.929  13.397  1.00 41.16  ? 119 PRO A CG    1 
ATOM   805  C  CD    . PRO A 1 119 ? -9.041  -6.681  12.993  1.00 43.34  ? 119 PRO A CD    1 
ATOM   806  N  N     . LEU A 1 120 ? -5.579  -7.809  10.121  1.00 41.14  ? 120 LEU A N     1 
ATOM   807  C  CA    . LEU A 1 120 ? -5.305  -8.411  8.819   1.00 47.46  ? 120 LEU A CA    1 
ATOM   808  C  C     . LEU A 1 120 ? -5.656  -7.446  7.690   1.00 42.15  ? 120 LEU A C     1 
ATOM   809  O  O     . LEU A 1 120 ? -4.759  -7.011  6.967   1.00 39.84  ? 120 LEU A O     1 
ATOM   810  C  CB    . LEU A 1 120 ? -6.036  -9.744  8.642   1.00 36.99  ? 120 LEU A CB    1 
ATOM   811  C  CG    . LEU A 1 120 ? -5.495  -10.923 9.451   1.00 51.18  ? 120 LEU A CG    1 
ATOM   812  C  CD1   . LEU A 1 120 ? -5.981  -12.229 8.820   1.00 47.12  ? 120 LEU A CD1   1 
ATOM   813  C  CD2   . LEU A 1 120 ? -3.947  -10.901 9.604   1.00 38.42  ? 120 LEU A CD2   1 
ATOM   814  N  N     . LEU A 1 121 ? -6.937  -7.090  7.533   1.00 39.73  ? 121 LEU A N     1 
ATOM   815  C  CA    . LEU A 1 121 ? -7.319  -6.202  6.435   1.00 36.48  ? 121 LEU A CA    1 
ATOM   816  C  C     . LEU A 1 121 ? -6.588  -4.862  6.510   1.00 41.31  ? 121 LEU A C     1 
ATOM   817  O  O     . LEU A 1 121 ? -6.090  -4.367  5.491   1.00 39.83  ? 121 LEU A O     1 
ATOM   818  C  CB    . LEU A 1 121 ? -8.834  -5.984  6.424   1.00 36.66  ? 121 LEU A CB    1 
ATOM   819  C  CG    . LEU A 1 121 ? -9.387  -5.035  5.345   1.00 44.87  ? 121 LEU A CG    1 
ATOM   820  C  CD1   . LEU A 1 121 ? -9.088  -5.552  3.921   1.00 47.53  ? 121 LEU A CD1   1 
ATOM   821  C  CD2   . LEU A 1 121 ? -10.879 -4.773  5.509   1.00 43.01  ? 121 LEU A CD2   1 
ATOM   822  N  N     . ASP A 1 122 ? -6.512  -4.260  7.709   1.00 36.29  ? 122 ASP A N     1 
ATOM   823  C  CA    . ASP A 1 122 ? -5.815  -2.983  7.877   1.00 40.30  ? 122 ASP A CA    1 
ATOM   824  C  C     . ASP A 1 122 ? -4.341  -3.082  7.494   1.00 43.52  ? 122 ASP A C     1 
ATOM   825  O  O     . ASP A 1 122 ? -3.735  -2.088  7.086   1.00 40.60  ? 122 ASP A O     1 
ATOM   826  C  CB    . ASP A 1 122 ? -5.910  -2.504  9.331   1.00 37.72  ? 122 ASP A CB    1 
ATOM   827  C  CG    . ASP A 1 122 ? -7.254  -1.859  9.667   1.00 48.95  ? 122 ASP A CG    1 
ATOM   828  O  OD1   . ASP A 1 122 ? -8.021  -1.545  8.731   1.00 43.22  ? 122 ASP A OD1   1 
ATOM   829  O  OD2   . ASP A 1 122 ? -7.548  -1.696  10.881  1.00 45.78  ? 122 ASP A OD2   1 
ATOM   830  N  N     . GLN A 1 123 ? -3.733  -4.251  7.650   1.00 38.30  ? 123 GLN A N     1 
ATOM   831  C  CA    . GLN A 1 123 ? -2.306  -4.358  7.397   1.00 40.45  ? 123 GLN A CA    1 
ATOM   832  C  C     . GLN A 1 123 ? -1.991  -4.844  5.988   1.00 39.80  ? 123 GLN A C     1 
ATOM   833  O  O     . GLN A 1 123 ? -0.876  -4.632  5.515   1.00 46.24  ? 123 GLN A O     1 
ATOM   834  C  CB    . GLN A 1 123 ? -1.649  -5.298  8.411   1.00 42.88  ? 123 GLN A CB    1 
ATOM   835  C  CG    . GLN A 1 123 ? -1.683  -4.828  9.858   1.00 48.40  ? 123 GLN A CG    1 
ATOM   836  C  CD    . GLN A 1 123 ? -3.033  -5.054  10.533  1.00 56.03  ? 123 GLN A CD    1 
ATOM   837  O  OE1   . GLN A 1 123 ? -3.769  -5.994  10.203  1.00 51.46  ? 123 GLN A OE1   1 
ATOM   838  N  NE2   . GLN A 1 123 ? -3.365  -4.183  11.485  1.00 56.14  ? 123 GLN A NE2   1 
ATOM   839  N  N     . LEU A 1 124 ? -2.941  -5.461  5.294   1.00 35.25  ? 124 LEU A N     1 
ATOM   840  C  CA    . LEU A 1 124 ? -2.639  -6.146  4.051   1.00 37.33  ? 124 LEU A CA    1 
ATOM   841  C  C     . LEU A 1 124 ? -3.306  -5.545  2.817   1.00 45.21  ? 124 LEU A C     1 
ATOM   842  O  O     . LEU A 1 124 ? -2.886  -5.866  1.697   1.00 41.85  ? 124 LEU A O     1 
ATOM   843  C  CB    . LEU A 1 124 ? -3.017  -7.627  4.176   1.00 37.65  ? 124 LEU A CB    1 
ATOM   844  C  CG    . LEU A 1 124 ? -2.088  -8.407  5.112   1.00 44.05  ? 124 LEU A CG    1 
ATOM   845  C  CD1   . LEU A 1 124 ? -2.402  -9.892  5.074   1.00 38.66  ? 124 LEU A CD1   1 
ATOM   846  C  CD2   . LEU A 1 124 ? -0.616  -8.155  4.761   1.00 44.62  ? 124 LEU A CD2   1 
ATOM   847  N  N     . ASP A 1 125 ? -4.299  -4.659  2.983   1.00 38.62  ? 125 ASP A N     1 
ATOM   848  C  CA    . ASP A 1 125 ? -5.042  -4.129  1.838   1.00 29.77  ? 125 ASP A CA    1 
ATOM   849  C  C     . ASP A 1 125 ? -4.123  -3.427  0.843   1.00 29.12  ? 125 ASP A C     1 
ATOM   850  O  O     . ASP A 1 125 ? -4.272  -3.590  -0.370  1.00 34.96  ? 125 ASP A O     1 
ATOM   851  C  CB    . ASP A 1 125 ? -6.130  -3.169  2.327   1.00 33.08  ? 125 ASP A CB    1 
ATOM   852  C  CG    . ASP A 1 125 ? -5.592  -2.098  3.311   1.00 45.45  ? 125 ASP A CG    1 
ATOM   853  O  OD1   . ASP A 1 125 ? -4.361  -2.036  3.576   1.00 45.70  ? 125 ASP A OD1   1 
ATOM   854  O  OD2   . ASP A 1 125 ? -6.405  -1.302  3.824   1.00 47.57  ? 125 ASP A OD2   1 
ATOM   855  N  N     . PHE A 1 126 ? -3.189  -2.625  1.336   1.00 29.30  ? 126 PHE A N     1 
ATOM   856  C  CA    . PHE A 1 126 ? -2.259  -1.935  0.451   1.00 33.46  ? 126 PHE A CA    1 
ATOM   857  C  C     . PHE A 1 126 ? -1.303  -2.921  -0.216  1.00 35.10  ? 126 PHE A C     1 
ATOM   858  O  O     . PHE A 1 126 ? -0.897  -2.710  -1.366  1.00 31.57  ? 126 PHE A O     1 
ATOM   859  C  CB    . PHE A 1 126 ? -1.468  -0.877  1.238   1.00 29.85  ? 126 PHE A CB    1 
ATOM   860  C  CG    . PHE A 1 126 ? -0.287  -1.443  1.941   1.00 34.72  ? 126 PHE A CG    1 
ATOM   861  C  CD1   . PHE A 1 126 ? -0.423  -2.004  3.195   1.00 35.88  ? 126 PHE A CD1   1 
ATOM   862  C  CD2   . PHE A 1 126 ? 0.956   -1.497  1.317   1.00 36.46  ? 126 PHE A CD2   1 
ATOM   863  C  CE1   . PHE A 1 126 ? 0.670   -2.576  3.832   1.00 33.03  ? 126 PHE A CE1   1 
ATOM   864  C  CE2   . PHE A 1 126 ? 2.037   -2.083  1.951   1.00 37.08  ? 126 PHE A CE2   1 
ATOM   865  C  CZ    . PHE A 1 126 ? 1.885   -2.609  3.219   1.00 32.48  ? 126 PHE A CZ    1 
ATOM   866  N  N     . TYR A 1 127 ? -0.918  -3.978  0.505   1.00 26.82  ? 127 TYR A N     1 
ATOM   867  C  CA    . TYR A 1 127 ? -0.036  -4.994  -0.058  1.00 30.06  ? 127 TYR A CA    1 
ATOM   868  C  C     . TYR A 1 127 ? -0.697  -5.715  -1.222  1.00 34.45  ? 127 TYR A C     1 
ATOM   869  O  O     . TYR A 1 127 ? -0.038  -6.008  -2.229  1.00 35.60  ? 127 TYR A O     1 
ATOM   870  C  CB    . TYR A 1 127 ? 0.372   -5.987  1.030   1.00 32.29  ? 127 TYR A CB    1 
ATOM   871  C  CG    . TYR A 1 127 ? 1.075   -7.223  0.524   1.00 38.20  ? 127 TYR A CG    1 
ATOM   872  C  CD1   . TYR A 1 127 ? 2.388   -7.164  0.082   1.00 42.30  ? 127 TYR A CD1   1 
ATOM   873  C  CD2   . TYR A 1 127 ? 0.427   -8.458  0.491   1.00 39.38  ? 127 TYR A CD2   1 
ATOM   874  C  CE1   . TYR A 1 127 ? 3.038   -8.295  -0.381  1.00 36.08  ? 127 TYR A CE1   1 
ATOM   875  C  CE2   . TYR A 1 127 ? 1.073   -9.593  0.027   1.00 39.21  ? 127 TYR A CE2   1 
ATOM   876  C  CZ    . TYR A 1 127 ? 2.380   -9.497  -0.414  1.00 41.31  ? 127 TYR A CZ    1 
ATOM   877  O  OH    . TYR A 1 127 ? 3.047   -10.613 -0.882  1.00 43.61  ? 127 TYR A OH    1 
ATOM   878  N  N     . LEU A 1 128 ? -2.001  -5.991  -1.104  1.00 34.02  ? 128 LEU A N     1 
ATOM   879  C  CA    . LEU A 1 128 ? -2.760  -6.701  -2.132  1.00 34.77  ? 128 LEU A CA    1 
ATOM   880  C  C     . LEU A 1 128 ? -2.991  -5.835  -3.366  1.00 33.61  ? 128 LEU A C     1 
ATOM   881  O  O     . LEU A 1 128 ? -2.921  -6.333  -4.496  1.00 37.44  ? 128 LEU A O     1 
ATOM   882  C  CB    . LEU A 1 128 ? -4.101  -7.169  -1.544  1.00 41.99  ? 128 LEU A CB    1 
ATOM   883  C  CG    . LEU A 1 128 ? -4.048  -8.248  -0.447  1.00 45.23  ? 128 LEU A CG    1 
ATOM   884  C  CD1   . LEU A 1 128 ? -5.378  -8.408  0.295   1.00 40.75  ? 128 LEU A CD1   1 
ATOM   885  C  CD2   . LEU A 1 128 ? -3.597  -9.590  -1.041  1.00 36.67  ? 128 LEU A CD2   1 
ATOM   886  N  N     . GLY A 1 129 ? -3.283  -4.547  -3.179  1.00 29.08  ? 129 GLY A N     1 
ATOM   887  C  CA    . GLY A 1 129 ? -3.337  -3.647  -4.322  1.00 33.22  ? 129 GLY A CA    1 
ATOM   888  C  C     . GLY A 1 129 ? -1.998  -3.534  -5.038  1.00 31.60  ? 129 GLY A C     1 
ATOM   889  O  O     . GLY A 1 129 ? -1.925  -3.595  -6.268  1.00 29.71  ? 129 GLY A O     1 
ATOM   890  N  N     . ALA A 1 130 ? -0.919  -3.360  -4.276  1.00 27.17  ? 130 ALA A N     1 
ATOM   891  C  CA    . ALA A 1 130 ? 0.405   -3.240  -4.877  1.00 33.87  ? 130 ALA A CA    1 
ATOM   892  C  C     . ALA A 1 130 ? 0.802   -4.532  -5.583  1.00 31.55  ? 130 ALA A C     1 
ATOM   893  O  O     . ALA A 1 130 ? 1.292   -4.509  -6.721  1.00 32.43  ? 130 ALA A O     1 
ATOM   894  C  CB    . ALA A 1 130 ? 1.434   -2.868  -3.808  1.00 30.27  ? 130 ALA A CB    1 
ATOM   895  N  N     . LEU A 1 131 ? 0.568   -5.668  -4.926  1.00 29.54  ? 131 LEU A N     1 
ATOM   896  C  CA    . LEU A 1 131 ? 0.795   -6.971  -5.547  1.00 34.71  ? 131 LEU A CA    1 
ATOM   897  C  C     . LEU A 1 131 ? 0.011   -7.129  -6.850  1.00 33.12  ? 131 LEU A C     1 
ATOM   898  O  O     . LEU A 1 131 ? 0.552   -7.632  -7.845  1.00 32.11  ? 131 LEU A O     1 
ATOM   899  C  CB    . LEU A 1 131 ? 0.424   -8.081  -4.563  1.00 28.98  ? 131 LEU A CB    1 
ATOM   900  C  CG    . LEU A 1 131 ? 0.562   -9.515  -5.060  1.00 38.23  ? 131 LEU A CG    1 
ATOM   901  C  CD1   . LEU A 1 131 ? 2.022   -9.947  -5.004  1.00 31.05  ? 131 LEU A CD1   1 
ATOM   902  C  CD2   . LEU A 1 131 ? -0.285  -10.417 -4.193  1.00 41.76  ? 131 LEU A CD2   1 
ATOM   903  N  N     . ALA A 1 132 ? -1.266  -6.716  -6.863  1.00 31.31  ? 132 ALA A N     1 
ATOM   904  C  CA    . ALA A 1 132 ? -2.063  -6.803  -8.084  1.00 26.90  ? 132 ALA A CA    1 
ATOM   905  C  C     . ALA A 1 132 ? -1.440  -5.988  -9.202  1.00 31.56  ? 132 ALA A C     1 
ATOM   906  O  O     . ALA A 1 132 ? -1.389  -6.444  -10.350 1.00 36.07  ? 132 ALA A O     1 
ATOM   907  C  CB    . ALA A 1 132 ? -3.504  -6.337  -7.837  1.00 21.39  ? 132 ALA A CB    1 
ATOM   908  N  N     . VAL A 1 133 ? -0.964  -4.778  -8.886  1.00 30.93  ? 133 VAL A N     1 
ATOM   909  C  CA    . VAL A 1 133 ? -0.379  -3.908  -9.907  1.00 28.60  ? 133 VAL A CA    1 
ATOM   910  C  C     . VAL A 1 133 ? 0.936   -4.482  -10.413 1.00 28.53  ? 133 VAL A C     1 
ATOM   911  O  O     . VAL A 1 133 ? 1.208   -4.479  -11.620 1.00 35.25  ? 133 VAL A O     1 
ATOM   912  C  CB    . VAL A 1 133 ? -0.206  -2.475  -9.357  1.00 35.39  ? 133 VAL A CB    1 
ATOM   913  C  CG1   . VAL A 1 133 ? 0.642   -1.625  -10.285 1.00 31.37  ? 133 VAL A CG1   1 
ATOM   914  C  CG2   . VAL A 1 133 ? -1.558  -1.819  -9.173  1.00 26.35  ? 133 VAL A CG2   1 
ATOM   915  N  N     . SER A 1 134 ? 1.772   -4.992  -9.514  1.00 28.42  ? 134 SER A N     1 
ATOM   916  C  CA    . SER A 1 134 ? 3.017   -5.597  -9.972  1.00 30.29  ? 134 SER A CA    1 
ATOM   917  C  C     . SER A 1 134 ? 2.746   -6.745  -10.953 1.00 30.12  ? 134 SER A C     1 
ATOM   918  O  O     . SER A 1 134 ? 3.474   -6.912  -11.935 1.00 35.09  ? 134 SER A O     1 
ATOM   919  C  CB    . SER A 1 134 ? 3.846   -6.067  -8.774  1.00 24.78  ? 134 SER A CB    1 
ATOM   920  O  OG    . SER A 1 134 ? 3.418   -7.323  -8.298  1.00 28.67  ? 134 SER A OG    1 
ATOM   921  N  N     . ILE A 1 135 ? 1.685   -7.526  -10.721 1.00 33.30  ? 135 ILE A N     1 
ATOM   922  C  CA    . ILE A 1 135 ? 1.326   -8.603  -11.648 1.00 29.52  ? 135 ILE A CA    1 
ATOM   923  C  C     . ILE A 1 135 ? 0.773   -8.034  -12.951 1.00 30.90  ? 135 ILE A C     1 
ATOM   924  O  O     . ILE A 1 135 ? 1.147   -8.475  -14.038 1.00 31.82  ? 135 ILE A O     1 
ATOM   925  C  CB    . ILE A 1 135 ? 0.324   -9.564  -10.983 1.00 38.32  ? 135 ILE A CB    1 
ATOM   926  C  CG1   . ILE A 1 135 ? 1.023   -10.374 -9.877  1.00 32.91  ? 135 ILE A CG1   1 
ATOM   927  C  CG2   . ILE A 1 135 ? -0.360  -10.443 -12.043 1.00 26.89  ? 135 ILE A CG2   1 
ATOM   928  C  CD1   . ILE A 1 135 ? 0.076   -11.189 -9.011  1.00 34.20  ? 135 ILE A CD1   1 
ATOM   929  N  N     . ALA A 1 136 ? -0.095  -7.021  -12.873 1.00 32.93  ? 136 ALA A N     1 
ATOM   930  C  CA    . ALA A 1 136 ? -0.486  -6.324  -14.093 1.00 28.95  ? 136 ALA A CA    1 
ATOM   931  C  C     . ALA A 1 136 ? 0.722   -5.742  -14.844 1.00 42.32  ? 136 ALA A C     1 
ATOM   932  O  O     . ALA A 1 136 ? 0.678   -5.600  -16.073 1.00 36.33  ? 136 ALA A O     1 
ATOM   933  C  CB    . ALA A 1 136 ? -1.487  -5.228  -13.763 1.00 26.91  ? 136 ALA A CB    1 
ATOM   934  N  N     . LEU A 1 137 ? 1.805   -5.402  -14.137 1.00 36.48  ? 137 LEU A N     1 
ATOM   935  C  CA    . LEU A 1 137 ? 2.976   -4.867  -14.816 1.00 30.07  ? 137 LEU A CA    1 
ATOM   936  C  C     . LEU A 1 137 ? 3.802   -5.946  -15.502 1.00 39.74  ? 137 LEU A C     1 
ATOM   937  O  O     . LEU A 1 137 ? 4.697   -5.611  -16.283 1.00 41.83  ? 137 LEU A O     1 
ATOM   938  C  CB    . LEU A 1 137 ? 3.864   -4.098  -13.831 1.00 36.69  ? 137 LEU A CB    1 
ATOM   939  C  CG    . LEU A 1 137 ? 3.386   -2.722  -13.344 1.00 38.69  ? 137 LEU A CG    1 
ATOM   940  C  CD1   . LEU A 1 137 ? 4.375   -2.160  -12.337 1.00 32.12  ? 137 LEU A CD1   1 
ATOM   941  C  CD2   . LEU A 1 137 ? 3.170   -1.727  -14.492 1.00 34.21  ? 137 LEU A CD2   1 
ATOM   942  N  N     . GLY A 1 138 ? 3.547   -7.223  -15.224 1.00 36.14  ? 138 GLY A N     1 
ATOM   943  C  CA    . GLY A 1 138 ? 4.320   -8.289  -15.826 1.00 27.44  ? 138 GLY A CA    1 
ATOM   944  C  C     . GLY A 1 138 ? 5.176   -9.097  -14.877 1.00 28.62  ? 138 GLY A C     1 
ATOM   945  O  O     . GLY A 1 138 ? 5.862   -10.013 -15.335 1.00 31.14  ? 138 GLY A O     1 
ATOM   946  N  N     . TYR A 1 139 ? 5.170   -8.802  -13.578 1.00 24.80  ? 139 TYR A N     1 
ATOM   947  C  CA    . TYR A 1 139 ? 5.918   -9.593  -12.609 1.00 24.64  ? 139 TYR A CA    1 
ATOM   948  C  C     . TYR A 1 139 ? 5.194   -10.895 -12.289 1.00 29.92  ? 139 TYR A C     1 
ATOM   949  O  O     . TYR A 1 139 ? 3.971   -10.929 -12.140 1.00 31.46  ? 139 TYR A O     1 
ATOM   950  C  CB    . TYR A 1 139 ? 6.126   -8.803  -11.303 1.00 32.12  ? 139 TYR A CB    1 
ATOM   951  C  CG    . TYR A 1 139 ? 7.065   -7.631  -11.438 1.00 28.90  ? 139 TYR A CG    1 
ATOM   952  C  CD1   . TYR A 1 139 ? 8.436   -7.795  -11.274 1.00 29.58  ? 139 TYR A CD1   1 
ATOM   953  C  CD2   . TYR A 1 139 ? 6.586   -6.367  -11.758 1.00 23.71  ? 139 TYR A CD2   1 
ATOM   954  C  CE1   . TYR A 1 139 ? 9.299   -6.723  -11.409 1.00 28.74  ? 139 TYR A CE1   1 
ATOM   955  C  CE2   . TYR A 1 139 ? 7.437   -5.311  -11.909 1.00 24.67  ? 139 TYR A CE2   1 
ATOM   956  C  CZ    . TYR A 1 139 ? 8.787   -5.491  -11.735 1.00 26.18  ? 139 TYR A CZ    1 
ATOM   957  O  OH    . TYR A 1 139 ? 9.618   -4.419  -11.884 1.00 35.03  ? 139 TYR A OH    1 
ATOM   958  N  N     . THR A 1 140 ? 5.954   -11.964 -12.129 1.00 27.87  ? 140 THR A N     1 
ATOM   959  C  CA    . THR A 1 140 ? 5.409   -13.213 -11.629 1.00 24.50  ? 140 THR A CA    1 
ATOM   960  C  C     . THR A 1 140 ? 5.932   -13.433 -10.221 1.00 28.71  ? 140 THR A C     1 
ATOM   961  O  O     . THR A 1 140 ? 7.143   -13.368 -9.992  1.00 30.45  ? 140 THR A O     1 
ATOM   962  C  CB    . THR A 1 140 ? 5.781   -14.395 -12.528 1.00 31.07  ? 140 THR A CB    1 
ATOM   963  O  OG1   . THR A 1 140 ? 5.046   -14.303 -13.755 1.00 30.36  ? 140 THR A OG1   1 
ATOM   964  C  CG2   . THR A 1 140 ? 5.465   -15.743 -11.837 1.00 24.58  ? 140 THR A CG2   1 
ATOM   965  N  N     . TRP A 1 141 ? 5.021   -13.680 -9.283  1.00 29.38  ? 141 TRP A N     1 
ATOM   966  C  CA    . TRP A 1 141 ? 5.382   -14.011 -7.912  1.00 29.54  ? 141 TRP A CA    1 
ATOM   967  C  C     . TRP A 1 141 ? 5.309   -15.518 -7.725  1.00 29.40  ? 141 TRP A C     1 
ATOM   968  O  O     . TRP A 1 141 ? 4.424   -16.169 -8.274  1.00 34.76  ? 141 TRP A O     1 
ATOM   969  C  CB    . TRP A 1 141 ? 4.441   -13.329 -6.916  1.00 29.61  ? 141 TRP A CB    1 
ATOM   970  C  CG    . TRP A 1 141 ? 4.658   -11.853 -6.798  1.00 31.93  ? 141 TRP A CG    1 
ATOM   971  C  CD1   . TRP A 1 141 ? 4.440   -10.919 -7.760  1.00 31.65  ? 141 TRP A CD1   1 
ATOM   972  C  CD2   . TRP A 1 141 ? 5.163   -11.147 -5.662  1.00 27.22  ? 141 TRP A CD2   1 
ATOM   973  N  NE1   . TRP A 1 141 ? 4.772   -9.677  -7.299  1.00 28.34  ? 141 TRP A NE1   1 
ATOM   974  C  CE2   . TRP A 1 141 ? 5.220   -9.786  -6.011  1.00 32.39  ? 141 TRP A CE2   1 
ATOM   975  C  CE3   . TRP A 1 141 ? 5.562   -11.531 -4.380  1.00 31.41  ? 141 TRP A CE3   1 
ATOM   976  C  CZ2   . TRP A 1 141 ? 5.644   -8.799  -5.120  1.00 27.34  ? 141 TRP A CZ2   1 
ATOM   977  C  CZ3   . TRP A 1 141 ? 5.988   -10.552 -3.498  1.00 30.70  ? 141 TRP A CZ3   1 
ATOM   978  C  CH2   . TRP A 1 141 ? 6.027   -9.205  -3.874  1.00 28.88  ? 141 TRP A CH2   1 
ATOM   979  N  N     . THR A 1 142 ? 6.232   -16.069 -6.967  1.00 29.89  ? 142 THR A N     1 
ATOM   980  C  CA    . THR A 1 142 ? 5.902   -17.392 -6.465  1.00 32.37  ? 142 THR A CA    1 
ATOM   981  C  C     . THR A 1 142 ? 4.922   -17.265 -5.299  1.00 38.74  ? 142 THR A C     1 
ATOM   982  O  O     . THR A 1 142 ? 4.959   -16.280 -4.547  1.00 33.39  ? 142 THR A O     1 
ATOM   983  C  CB    . THR A 1 142 ? 7.145   -18.149 -6.006  1.00 24.14  ? 142 THR A CB    1 
ATOM   984  O  OG1   . THR A 1 142 ? 7.720   -17.467 -4.891  1.00 32.42  ? 142 THR A OG1   1 
ATOM   985  C  CG2   . THR A 1 142 ? 8.168   -18.233 -7.146  1.00 34.11  ? 142 THR A CG2   1 
ATOM   986  N  N     . PRO A 1 143 ? 4.023   -18.241 -5.151  1.00 35.31  ? 143 PRO A N     1 
ATOM   987  C  CA    . PRO A 1 143 ? 3.084   -18.192 -4.021  1.00 28.85  ? 143 PRO A CA    1 
ATOM   988  C  C     . PRO A 1 143 ? 3.785   -18.120 -2.685  1.00 32.24  ? 143 PRO A C     1 
ATOM   989  O  O     . PRO A 1 143 ? 3.327   -17.398 -1.797  1.00 36.89  ? 143 PRO A O     1 
ATOM   990  C  CB    . PRO A 1 143 ? 2.279   -19.493 -4.178  1.00 34.56  ? 143 PRO A CB    1 
ATOM   991  C  CG    . PRO A 1 143 ? 2.397   -19.838 -5.632  1.00 40.59  ? 143 PRO A CG    1 
ATOM   992  C  CD    . PRO A 1 143 ? 3.769   -19.381 -6.053  1.00 33.84  ? 143 PRO A CD    1 
ATOM   993  N  N     . ARG A 1 144 ? 4.897   -18.844 -2.519  1.00 38.16  ? 144 ARG A N     1 
ATOM   994  C  CA    . ARG A 1 144 ? 5.601   -18.837 -1.240  1.00 37.97  ? 144 ARG A CA    1 
ATOM   995  C  C     . ARG A 1 144 ? 6.118   -17.446 -0.899  1.00 40.88  ? 144 ARG A C     1 
ATOM   996  O  O     . ARG A 1 144 ? 5.977   -16.983 0.238   1.00 43.04  ? 144 ARG A O     1 
ATOM   997  C  CB    . ARG A 1 144 ? 6.757   -19.837 -1.262  1.00 42.81  ? 144 ARG A CB    1 
ATOM   998  C  CG    . ARG A 1 144 ? 7.626   -19.739 -0.020  1.00 47.92  ? 144 ARG A CG    1 
ATOM   999  C  CD    . ARG A 1 144 ? 8.747   -20.764 0.045   1.00 54.46  ? 144 ARG A CD    1 
ATOM   1000 N  NE    . ARG A 1 144 ? 8.253   -22.148 0.021   1.00 73.98  ? 144 ARG A NE    1 
ATOM   1001 C  CZ    . ARG A 1 144 ? 7.849   -22.845 1.088   1.00 68.39  ? 144 ARG A CZ    1 
ATOM   1002 N  NH1   . ARG A 1 144 ? 7.820   -22.300 2.303   1.00 72.08  ? 144 ARG A NH1   1 
ATOM   1003 N  NH2   . ARG A 1 144 ? 7.436   -24.091 0.928   1.00 49.29  ? 144 ARG A NH2   1 
ATOM   1004 N  N     . VAL A 1 145 ? 6.706   -16.756 -1.876  1.00 32.40  ? 145 VAL A N     1 
ATOM   1005 C  CA    . VAL A 1 145 ? 7.245   -15.437 -1.586  1.00 36.18  ? 145 VAL A CA    1 
ATOM   1006 C  C     . VAL A 1 145 ? 6.117   -14.418 -1.453  1.00 32.04  ? 145 VAL A C     1 
ATOM   1007 O  O     . VAL A 1 145 ? 6.257   -13.423 -0.736  1.00 37.52  ? 145 VAL A O     1 
ATOM   1008 C  CB    . VAL A 1 145 ? 8.297   -15.082 -2.658  1.00 32.76  ? 145 VAL A CB    1 
ATOM   1009 C  CG1   . VAL A 1 145 ? 8.654   -13.627 -2.658  1.00 28.69  ? 145 VAL A CG1   1 
ATOM   1010 C  CG2   . VAL A 1 145 ? 9.558   -15.910 -2.408  1.00 31.70  ? 145 VAL A CG2   1 
ATOM   1011 N  N     . ALA A 1 146 ? 4.972   -14.659 -2.094  1.00 29.79  ? 146 ALA A N     1 
ATOM   1012 C  CA    . ALA A 1 146 ? 3.814   -13.796 -1.878  1.00 31.12  ? 146 ALA A CA    1 
ATOM   1013 C  C     . ALA A 1 146 ? 3.283   -13.935 -0.455  1.00 33.31  ? 146 ALA A C     1 
ATOM   1014 O  O     . ALA A 1 146 ? 2.859   -12.949 0.155   1.00 38.03  ? 146 ALA A O     1 
ATOM   1015 C  CB    . ALA A 1 146 ? 2.715   -14.117 -2.889  1.00 29.51  ? 146 ALA A CB    1 
ATOM   1016 N  N     . VAL A 1 147 ? 3.307   -15.145 0.092   1.00 30.19  ? 147 VAL A N     1 
ATOM   1017 C  CA    . VAL A 1 147 ? 2.922   -15.342 1.483   1.00 33.96  ? 147 VAL A CA    1 
ATOM   1018 C  C     . VAL A 1 147 ? 3.974   -14.759 2.425   1.00 38.55  ? 147 VAL A C     1 
ATOM   1019 O  O     . VAL A 1 147 ? 3.644   -14.063 3.392   1.00 37.09  ? 147 VAL A O     1 
ATOM   1020 C  CB    . VAL A 1 147 ? 2.685   -16.837 1.755   1.00 39.88  ? 147 VAL A CB    1 
ATOM   1021 C  CG1   . VAL A 1 147 ? 2.451   -17.079 3.246   1.00 41.75  ? 147 VAL A CG1   1 
ATOM   1022 C  CG2   . VAL A 1 147 ? 1.512   -17.343 0.916   1.00 31.15  ? 147 VAL A CG2   1 
ATOM   1023 N  N     . GLU A 1 148 ? 5.257   -15.031 2.158   1.00 37.78  ? 148 GLU A N     1 
ATOM   1024 C  CA    . GLU A 1 148 ? 6.319   -14.524 3.027   1.00 43.59  ? 148 GLU A CA    1 
ATOM   1025 C  C     . GLU A 1 148 ? 6.258   -13.008 3.152   1.00 34.52  ? 148 GLU A C     1 
ATOM   1026 O  O     . GLU A 1 148 ? 6.288   -12.472 4.257   1.00 40.40  ? 148 GLU A O     1 
ATOM   1027 C  CB    . GLU A 1 148 ? 7.691   -14.959 2.507   1.00 37.52  ? 148 GLU A CB    1 
ATOM   1028 C  CG    . GLU A 1 148 ? 7.959   -16.437 2.697   1.00 41.59  ? 148 GLU A CG    1 
ATOM   1029 C  CD    . GLU A 1 148 ? 9.229   -16.899 2.014   1.00 51.40  ? 148 GLU A CD    1 
ATOM   1030 O  OE1   . GLU A 1 148 ? 9.942   -16.058 1.416   1.00 62.36  ? 148 GLU A OE1   1 
ATOM   1031 O  OE2   . GLU A 1 148 ? 9.521   -18.111 2.081   1.00 57.98  ? 148 GLU A OE2   1 
ATOM   1032 N  N     . ALA A 1 149 ? 6.174   -12.305 2.022   1.00 34.48  ? 149 ALA A N     1 
ATOM   1033 C  CA    . ALA A 1 149 ? 6.082   -10.847 2.056   1.00 43.89  ? 149 ALA A CA    1 
ATOM   1034 C  C     . ALA A 1 149 ? 4.879   -10.374 2.870   1.00 42.37  ? 149 ALA A C     1 
ATOM   1035 O  O     . ALA A 1 149 ? 4.988   -9.419  3.650   1.00 42.71  ? 149 ALA A O     1 
ATOM   1036 C  CB    . ALA A 1 149 ? 6.017   -10.292 0.633   1.00 36.17  ? 149 ALA A CB    1 
ATOM   1037 N  N     . ALA A 1 150 ? 3.724   -11.033 2.710   1.00 41.51  ? 150 ALA A N     1 
ATOM   1038 C  CA    . ALA A 1 150 ? 2.557   -10.671 3.513   1.00 44.78  ? 150 ALA A CA    1 
ATOM   1039 C  C     . ALA A 1 150 ? 2.845   -10.827 5.000   1.00 42.41  ? 150 ALA A C     1 
ATOM   1040 O  O     . ALA A 1 150 ? 2.496   -9.953  5.802   1.00 38.94  ? 150 ALA A O     1 
ATOM   1041 C  CB    . ALA A 1 150 ? 1.346   -11.512 3.114   1.00 35.32  ? 150 ALA A CB    1 
ATOM   1042 N  N     . ALA A 1 151 ? 3.493   -11.932 5.383   1.00 45.99  ? 151 ALA A N     1 
ATOM   1043 C  CA    . ALA A 1 151 ? 3.857   -12.141 6.778   1.00 38.84  ? 151 ALA A CA    1 
ATOM   1044 C  C     . ALA A 1 151 ? 4.952   -11.182 7.215   1.00 45.30  ? 151 ALA A C     1 
ATOM   1045 O  O     . ALA A 1 151 ? 5.033   -10.830 8.399   1.00 48.07  ? 151 ALA A O     1 
ATOM   1046 C  CB    . ALA A 1 151 ? 4.304   -13.586 6.998   1.00 34.26  ? 151 ALA A CB    1 
ATOM   1047 N  N     . ALA A 1 152 ? 5.804   -10.753 6.284   1.00 40.98  ? 152 ALA A N     1 
ATOM   1048 C  CA    . ALA A 1 152 ? 6.797   -9.742  6.624   1.00 41.00  ? 152 ALA A CA    1 
ATOM   1049 C  C     . ALA A 1 152 ? 6.138   -8.396  6.850   1.00 46.01  ? 152 ALA A C     1 
ATOM   1050 O  O     . ALA A 1 152 ? 6.609   -7.607  7.676   1.00 49.27  ? 152 ALA A O     1 
ATOM   1051 C  CB    . ALA A 1 152 ? 7.857   -9.642  5.531   1.00 38.83  ? 152 ALA A CB    1 
ATOM   1052 N  N     A VAL A 1 153 ? 5.051   -8.111  6.130   0.48 46.23  ? 153 VAL A N     1 
ATOM   1053 N  N     B VAL A 1 153 ? 5.052   -8.111  6.131   0.52 46.63  ? 153 VAL A N     1 
ATOM   1054 C  CA    A VAL A 1 153 ? 4.290   -6.896  6.403   0.48 46.69  ? 153 VAL A CA    1 
ATOM   1055 C  CA    B VAL A 1 153 ? 4.291   -6.896  6.403   0.52 47.84  ? 153 VAL A CA    1 
ATOM   1056 C  C     A VAL A 1 153 ? 3.692   -6.957  7.801   0.48 49.66  ? 153 VAL A C     1 
ATOM   1057 C  C     B VAL A 1 153 ? 3.693   -6.958  7.801   0.52 49.88  ? 153 VAL A C     1 
ATOM   1058 O  O     A VAL A 1 153 ? 3.791   -6.003  8.582   0.48 49.34  ? 153 VAL A O     1 
ATOM   1059 O  O     B VAL A 1 153 ? 3.794   -6.005  8.584   0.52 49.51  ? 153 VAL A O     1 
ATOM   1060 C  CB    A VAL A 1 153 ? 3.204   -6.686  5.333   0.48 45.03  ? 153 VAL A CB    1 
ATOM   1061 C  CB    B VAL A 1 153 ? 3.205   -6.685  5.334   0.52 44.19  ? 153 VAL A CB    1 
ATOM   1062 C  CG1   A VAL A 1 153 ? 2.233   -5.606  5.782   0.48 48.19  ? 153 VAL A CG1   1 
ATOM   1063 C  CG1   B VAL A 1 153 ? 2.233   -5.607  5.786   0.52 48.17  ? 153 VAL A CG1   1 
ATOM   1064 C  CG2   A VAL A 1 153 ? 3.835   -6.304  4.011   0.48 42.62  ? 153 VAL A CG2   1 
ATOM   1065 C  CG2   B VAL A 1 153 ? 3.834   -6.299  4.013   0.52 44.27  ? 153 VAL A CG2   1 
ATOM   1066 N  N     . LEU A 1 154 ? 3.063   -8.087  8.136   1.00 47.49  ? 154 LEU A N     1 
ATOM   1067 C  CA    . LEU A 1 154 ? 2.533   -8.274  9.482   1.00 49.83  ? 154 LEU A CA    1 
ATOM   1068 C  C     . LEU A 1 154 ? 3.625   -8.103  10.528  1.00 58.64  ? 154 LEU A C     1 
ATOM   1069 O  O     . LEU A 1 154 ? 3.464   -7.347  11.490  1.00 60.98  ? 154 LEU A O     1 
ATOM   1070 C  CB    . LEU A 1 154 ? 1.882   -9.649  9.610   1.00 43.50  ? 154 LEU A CB    1 
ATOM   1071 C  CG    . LEU A 1 154 ? 0.691   -9.879  8.686   1.00 46.84  ? 154 LEU A CG    1 
ATOM   1072 C  CD1   . LEU A 1 154 ? 0.179   -11.298 8.842   1.00 38.96  ? 154 LEU A CD1   1 
ATOM   1073 C  CD2   . LEU A 1 154 ? -0.394  -8.854  8.991   1.00 41.79  ? 154 LEU A CD2   1 
ATOM   1074 N  N     . LEU A 1 155 ? 4.766   -8.770  10.330  1.00 53.74  ? 155 LEU A N     1 
ATOM   1075 C  CA    . LEU A 1 155 ? 5.833   -8.718  11.323  1.00 53.90  ? 155 LEU A CA    1 
ATOM   1076 C  C     . LEU A 1 155 ? 6.342   -7.300  11.529  1.00 63.39  ? 155 LEU A C     1 
ATOM   1077 O  O     . LEU A 1 155 ? 6.673   -6.920  12.654  1.00 75.87  ? 155 LEU A O     1 
ATOM   1078 C  CB    . LEU A 1 155 ? 6.980   -9.644  10.924  1.00 54.42  ? 155 LEU A CB    1 
ATOM   1079 C  CG    . LEU A 1 155 ? 6.672   -11.124 11.125  1.00 60.23  ? 155 LEU A CG    1 
ATOM   1080 C  CD1   . LEU A 1 155 ? 7.752   -11.986 10.491  1.00 59.95  ? 155 LEU A CD1   1 
ATOM   1081 C  CD2   . LEU A 1 155 ? 6.533   -11.406 12.613  1.00 62.91  ? 155 LEU A CD2   1 
ATOM   1082 N  N     . LEU A 1 156 ? 6.392   -6.494  10.469  1.00 55.29  ? 156 LEU A N     1 
ATOM   1083 C  CA    . LEU A 1 156 ? 6.917   -5.144  10.630  1.00 61.56  ? 156 LEU A CA    1 
ATOM   1084 C  C     . LEU A 1 156 ? 5.884   -4.231  11.296  1.00 75.29  ? 156 LEU A C     1 
ATOM   1085 O  O     . LEU A 1 156 ? 6.234   -3.377  12.115  1.00 78.76  ? 156 LEU A O     1 
ATOM   1086 C  CB    . LEU A 1 156 ? 7.347   -4.592  9.273   1.00 55.83  ? 156 LEU A CB    1 
ATOM   1087 C  CG    . LEU A 1 156 ? 7.464   -3.068  9.182   1.00 68.25  ? 156 LEU A CG    1 
ATOM   1088 C  CD1   . LEU A 1 156 ? 8.590   -2.649  10.125  1.00 68.89  ? 156 LEU A CD1   1 
ATOM   1089 C  CD2   . LEU A 1 156 ? 7.755   -2.589  7.758   1.00 63.33  ? 156 LEU A CD2   1 
ATOM   1090 N  N     . HIS A 1 157 ? 4.608   -4.395  10.956  1.00 71.23  ? 157 HIS A N     1 
ATOM   1091 C  CA    . HIS A 1 157 ? 3.554   -3.661  11.647  1.00 72.60  ? 157 HIS A CA    1 
ATOM   1092 C  C     . HIS A 1 157 ? 3.553   -3.974  13.138  1.00 79.58  ? 157 HIS A C     1 
ATOM   1093 O  O     . HIS A 1 157 ? 3.524   -3.062  13.974  1.00 78.19  ? 157 HIS A O     1 
ATOM   1094 C  CB    . HIS A 1 157 ? 2.196   -3.974  11.018  1.00 70.42  ? 157 HIS A CB    1 
ATOM   1095 C  CG    . HIS A 1 157 ? 1.845   -3.067  9.882   1.00 73.66  ? 157 HIS A CG    1 
ATOM   1096 N  ND1   . HIS A 1 157 ? 0.883   -2.089  9.993   1.00 80.51  ? 157 HIS A ND1   1 
ATOM   1097 C  CD2   . HIS A 1 157 ? 2.321   -2.988  8.615   1.00 74.46  ? 157 HIS A CD2   1 
ATOM   1098 C  CE1   . HIS A 1 157 ? 0.783   -1.442  8.844   1.00 82.07  ? 157 HIS A CE1   1 
ATOM   1099 N  NE2   . HIS A 1 157 ? 1.643   -1.969  7.991   1.00 76.52  ? 157 HIS A NE2   1 
ATOM   1100 N  N     . LEU A 1 158 ? 3.593   -5.261  13.492  1.00 72.65  ? 158 LEU A N     1 
ATOM   1101 C  CA    . LEU A 1 158 ? 3.807   -5.584  14.896  1.00 81.13  ? 158 LEU A CA    1 
ATOM   1102 C  C     . LEU A 1 158 ? 5.210   -5.203  15.349  1.00 91.49  ? 158 LEU A C     1 
ATOM   1103 O  O     . LEU A 1 158 ? 5.423   -4.973  16.543  1.00 94.18  ? 158 LEU A O     1 
ATOM   1104 C  CB    . LEU A 1 158 ? 3.532   -7.060  15.187  1.00 81.05  ? 158 LEU A CB    1 
ATOM   1105 C  CG    . LEU A 1 158 ? 2.051   -7.473  15.208  1.00 86.43  ? 158 LEU A CG    1 
ATOM   1106 C  CD1   . LEU A 1 158 ? 1.433   -7.643  13.818  1.00 82.44  ? 158 LEU A CD1   1 
ATOM   1107 C  CD2   . LEU A 1 158 ? 1.841   -8.712  16.075  1.00 90.41  ? 158 LEU A CD2   1 
ATOM   1108 N  N     . ALA A 1 159 ? 6.174   -5.098  14.429  1.00 80.35  ? 159 ALA A N     1 
ATOM   1109 C  CA    . ALA A 1 159 ? 7.471   -4.565  14.828  1.00 81.61  ? 159 ALA A CA    1 
ATOM   1110 C  C     . ALA A 1 159 ? 7.385   -3.067  15.080  1.00 89.65  ? 159 ALA A C     1 
ATOM   1111 O  O     . ALA A 1 159 ? 8.046   -2.547  15.984  1.00 99.56  ? 159 ALA A O     1 
ATOM   1112 C  CB    . ALA A 1 159 ? 8.541   -4.870  13.778  1.00 81.64  ? 159 ALA A CB    1 
ATOM   1113 N  N     . ALA A 1 160 ? 6.581   -2.354  14.291  1.00 87.62  ? 160 ALA A N     1 
ATOM   1114 C  CA    . ALA A 1 160 ? 6.427   -0.924  14.535  1.00 90.24  ? 160 ALA A CA    1 
ATOM   1115 C  C     . ALA A 1 160 ? 5.804   -0.668  15.901  1.00 98.20  ? 160 ALA A C     1 
ATOM   1116 O  O     . ALA A 1 160 ? 6.144   0.315   16.571  1.00 101.95 ? 160 ALA A O     1 
ATOM   1117 C  CB    . ALA A 1 160 ? 5.590   -0.282  13.429  1.00 84.33  ? 160 ALA A CB    1 
ATOM   1118 N  N     . ASN A 1 161 ? 4.913   -1.560  16.347  1.00 94.64  ? 161 ASN A N     1 
ATOM   1119 C  CA    . ASN A 1 161 ? 4.187   -1.355  17.595  1.00 91.98  ? 161 ASN A CA    1 
ATOM   1120 C  C     . ASN A 1 161 ? 4.910   -1.908  18.818  1.00 101.08 ? 161 ASN A C     1 
ATOM   1121 O  O     . ASN A 1 161 ? 4.595   -1.494  19.938  1.00 104.05 ? 161 ASN A O     1 
ATOM   1122 C  CB    . ASN A 1 161 ? 2.789   -1.973  17.500  1.00 82.34  ? 161 ASN A CB    1 
ATOM   1123 C  CG    . ASN A 1 161 ? 1.831   -1.111  16.702  1.00 92.72  ? 161 ASN A CG    1 
ATOM   1124 O  OD1   . ASN A 1 161 ? 2.233   -0.112  16.104  1.00 90.64  ? 161 ASN A OD1   1 
ATOM   1125 N  ND2   . ASN A 1 161 ? 0.556   -1.488  16.695  1.00 94.85  ? 161 ASN A ND2   1 
ATOM   1126 N  N     . ILE A 1 162 ? 5.867   -2.828  18.644  1.00 101.70 ? 162 ILE A N     1 
ATOM   1127 C  CA    . ILE A 1 162 ? 6.715   -3.237  19.765  1.00 98.25  ? 162 ILE A CA    1 
ATOM   1128 C  C     . ILE A 1 162 ? 7.813   -2.230  20.062  1.00 102.73 ? 162 ILE A C     1 
ATOM   1129 O  O     . ILE A 1 162 ? 8.578   -2.425  21.014  1.00 100.13 ? 162 ILE A O     1 
ATOM   1130 C  CB    . ILE A 1 162 ? 7.401   -4.602  19.545  1.00 105.36 ? 162 ILE A CB    1 
ATOM   1131 C  CG1   . ILE A 1 162 ? 8.343   -4.549  18.337  1.00 97.16  ? 162 ILE A CG1   1 
ATOM   1132 C  CG2   . ILE A 1 162 ? 6.362   -5.716  19.429  1.00 106.80 ? 162 ILE A CG2   1 
ATOM   1133 C  CD1   . ILE A 1 162 ? 9.044   -5.861  18.030  1.00 97.25  ? 162 ILE A CD1   1 
ATOM   1134 N  N     . THR A 1 163 ? 7.930   -1.167  19.275  1.00 102.56 ? 163 THR A N     1 
ATOM   1135 C  CA    . THR A 1 163 ? 8.894   -0.117  19.583  1.00 106.82 ? 163 THR A CA    1 
ATOM   1136 C  C     . THR A 1 163 ? 8.182   1.176   19.958  1.00 102.55 ? 163 THR A C     1 
ATOM   1137 O  O     . THR A 1 163 ? 7.486   1.236   20.975  1.00 94.47  ? 163 THR A O     1 
ATOM   1138 C  CB    . THR A 1 163 ? 9.874   0.137   18.403  1.00 111.47 ? 163 THR A CB    1 
ATOM   1139 O  OG1   . THR A 1 163 ? 9.286   1.035   17.450  1.00 107.06 ? 163 THR A OG1   1 
ATOM   1140 C  CG2   . THR A 1 163 ? 10.289  -1.174  17.729  1.00 102.69 ? 163 THR A CG2   1 
HETATM 1141 N  N1    . CTP B 2 .   ? -4.317  8.943   5.718   1.00 49.22  ? 201 CTP A N1    1 
HETATM 1142 C  C2    . CTP B 2 .   ? -4.650  9.957   4.823   1.00 49.08  ? 201 CTP A C2    1 
HETATM 1143 N  N3    . CTP B 2 .   ? -4.937  9.683   3.494   1.00 45.54  ? 201 CTP A N3    1 
HETATM 1144 C  C4    . CTP B 2 .   ? -4.832  8.378   3.034   1.00 45.59  ? 201 CTP A C4    1 
HETATM 1145 C  C5    . CTP B 2 .   ? -4.452  7.363   3.920   1.00 44.66  ? 201 CTP A C5    1 
HETATM 1146 C  C6    . CTP B 2 .   ? -4.368  7.632   5.290   1.00 47.45  ? 201 CTP A C6    1 
HETATM 1147 O  O2    . CTP B 2 .   ? -4.697  11.123  5.209   1.00 57.25  ? 201 CTP A O2    1 
HETATM 1148 N  N4    . CTP B 2 .   ? -5.095  8.113   1.756   1.00 40.76  ? 201 CTP A N4    1 
HETATM 1149 C  "C1'" . CTP B 2 .   ? -3.965  9.312   7.123   1.00 55.24  ? 201 CTP A "C1'" 1 
HETATM 1150 C  "C2'" . CTP B 2 .   ? -5.215  9.644   7.923   1.00 60.42  ? 201 CTP A "C2'" 1 
HETATM 1151 O  "O2'" . CTP B 2 .   ? -4.878  10.603  8.900   1.00 56.04  ? 201 CTP A "O2'" 1 
HETATM 1152 C  "C3'" . CTP B 2 .   ? -5.531  8.343   8.612   1.00 54.28  ? 201 CTP A "C3'" 1 
HETATM 1153 C  "C4'" . CTP B 2 .   ? -4.126  7.860   8.950   1.00 62.10  ? 201 CTP A "C4'" 1 
HETATM 1154 O  "O4'" . CTP B 2 .   ? -3.313  8.275   7.855   1.00 52.61  ? 201 CTP A "O4'" 1 
HETATM 1155 O  "O3'" . CTP B 2 .   ? -6.338  8.547   9.741   1.00 56.58  ? 201 CTP A "O3'" 1 
HETATM 1156 C  "C5'" . CTP B 2 .   ? -4.069  6.353   9.205   1.00 58.98  ? 201 CTP A "C5'" 1 
HETATM 1157 O  "O5'" . CTP B 2 .   ? -4.375  5.620   8.038   1.00 60.30  ? 201 CTP A "O5'" 1 
HETATM 1158 P  PA    . CTP B 2 .   ? -5.489  4.466   8.097   1.00 51.64  ? 201 CTP A PA    1 
HETATM 1159 O  O1A   . CTP B 2 .   ? -5.168  3.609   9.302   1.00 42.79  ? 201 CTP A O1A   1 
HETATM 1160 O  O2A   . CTP B 2 .   ? -5.544  3.652   6.820   1.00 57.54  ? 201 CTP A O2A   1 
HETATM 1161 O  O3A   . CTP B 2 .   ? -6.871  5.279   8.281   1.00 54.51  ? 201 CTP A O3A   1 
HETATM 1162 P  PB    . CTP B 2 .   ? -7.887  5.087   9.517   1.00 56.11  ? 201 CTP A PB    1 
HETATM 1163 O  O1B   . CTP B 2 .   ? -7.797  6.315   10.401  1.00 53.29  ? 201 CTP A O1B   1 
HETATM 1164 O  O2B   . CTP B 2 .   ? -7.614  3.852   10.335  1.00 47.81  ? 201 CTP A O2B   1 
HETATM 1165 O  O3B   . CTP B 2 .   ? -9.318  4.988   8.766   1.00 48.74  ? 201 CTP A O3B   1 
HETATM 1166 P  PG    . CTP B 2 .   ? -9.941  3.599   8.204   1.00 36.15  ? 201 CTP A PG    1 
HETATM 1167 O  O1G   . CTP B 2 .   ? -10.852 3.027   9.259   1.00 39.56  ? 201 CTP A O1G   1 
HETATM 1168 O  O2G   . CTP B 2 .   ? -10.654 3.947   6.935   1.00 32.35  ? 201 CTP A O2G   1 
HETATM 1169 O  O3G   . CTP B 2 .   ? -8.863  2.599   7.894   1.00 46.74  ? 201 CTP A O3G   1 
HETATM 1170 MG MG    . MG  C 3 .   ? -6.270  2.242   10.618  1.00 55.17  ? 202 MG  A MG    1 
HETATM 1171 MG MG    . MG  D 3 .   ? 13.907  -13.276 -9.074  1.00 18.53  ? 203 MG  A MG    1 
HETATM 1172 MG MG    . MG  E 3 .   ? -18.909 6.310   8.525   1.00 39.64  ? 204 MG  A MG    1 
HETATM 1173 K  K     . K   F 4 .   ? -4.989  0.937   6.519   1.00 64.36  ? 205 K   A K     1 
HETATM 1174 O  O     . HOH G 5 .   ? -9.899  -8.146  9.631   0.50 42.95  ? 301 HOH A O     1 
HETATM 1175 O  O     . HOH G 5 .   ? -7.044  1.409   8.525   1.00 50.26  ? 302 HOH A O     1 
HETATM 1176 O  O     . HOH G 5 .   ? 5.979   2.939   20.731  1.00 82.49  ? 303 HOH A O     1 
HETATM 1177 O  O     . HOH G 5 .   ? 14.601  -15.352 -10.328 1.00 31.17  ? 304 HOH A O     1 
HETATM 1178 O  O     . HOH G 5 .   ? -23.379 -1.904  3.749   1.00 53.51  ? 305 HOH A O     1 
HETATM 1179 O  O     . HOH G 5 .   ? -2.996  0.515   4.979   1.00 53.02  ? 306 HOH A O     1 
HETATM 1180 O  O     . HOH G 5 .   ? 15.503  -13.763 -8.424  1.00 41.24  ? 307 HOH A O     1 
HETATM 1181 O  O     . HOH G 5 .   ? -7.565  1.068   4.917   1.00 44.14  ? 308 HOH A O     1 
HETATM 1182 O  O     . HOH G 5 .   ? -4.881  5.699   0.703   1.00 45.39  ? 309 HOH A O     1 
HETATM 1183 O  O     . HOH G 5 .   ? 20.712  -6.215  -4.482  1.00 43.57  ? 310 HOH A O     1 
HETATM 1184 O  O     . HOH G 5 .   ? -11.267 6.833   6.220   1.00 37.76  ? 311 HOH A O     1 
HETATM 1185 O  O     . HOH G 5 .   ? -12.463 10.133  1.933   1.00 28.90  ? 312 HOH A O     1 
HETATM 1186 O  O     . HOH G 5 .   ? -5.722  3.750   12.298  1.00 54.23  ? 313 HOH A O     1 
HETATM 1187 O  O     . HOH G 5 .   ? -5.469  -3.522  13.094  1.00 56.30  ? 314 HOH A O     1 
HETATM 1188 O  O     . HOH G 5 .   ? 6.540   -12.680 -15.411 1.00 32.59  ? 315 HOH A O     1 
HETATM 1189 O  O     . HOH G 5 .   ? -8.607  -1.443  5.499   1.00 46.68  ? 316 HOH A O     1 
HETATM 1190 O  O     . HOH G 5 .   ? 11.962  -5.449  -13.745 1.00 41.70  ? 317 HOH A O     1 
HETATM 1191 O  O     . HOH G 5 .   ? -0.621  18.070  4.519   1.00 75.08  ? 318 HOH A O     1 
HETATM 1192 O  O     . HOH G 5 .   ? 7.160   -19.816 -11.850 1.00 33.83  ? 319 HOH A O     1 
HETATM 1193 O  O     . HOH G 5 .   ? -2.477  4.283   4.920   1.00 51.42  ? 320 HOH A O     1 
HETATM 1194 O  O     . HOH G 5 .   ? 12.897  -16.076 0.191   1.00 46.13  ? 321 HOH A O     1 
HETATM 1195 O  O     . HOH G 5 .   ? 3.583   0.514   5.496   1.00 55.74  ? 322 HOH A O     1 
HETATM 1196 O  O     . HOH G 5 .   ? -15.176 9.317   8.729   1.00 43.69  ? 323 HOH A O     1 
HETATM 1197 O  O     . HOH G 5 .   ? -12.648 17.145  0.267   1.00 57.81  ? 324 HOH A O     1 
HETATM 1198 O  O     . HOH G 5 .   ? -4.392  0.998   10.591  1.00 54.40  ? 325 HOH A O     1 
HETATM 1199 O  O     . HOH G 5 .   ? 9.880   -19.472 -4.207  1.00 53.56  ? 326 HOH A O     1 
HETATM 1200 O  O     . HOH G 5 .   ? -1.449  -0.110  7.252   1.00 54.03  ? 327 HOH A O     1 
HETATM 1201 O  O     . HOH G 5 .   ? -17.765 18.482  1.478   1.00 73.88  ? 328 HOH A O     1 
HETATM 1202 O  O     . HOH G 5 .   ? 3.307   15.152  11.466  1.00 71.48  ? 329 HOH A O     1 
HETATM 1203 O  O     . HOH G 5 .   ? 17.838  -7.191  -13.105 1.00 63.02  ? 330 HOH A O     1 
HETATM 1204 O  O     . HOH G 5 .   ? 18.510  -12.599 -11.664 1.00 65.83  ? 331 HOH A O     1 
HETATM 1205 O  O     . HOH G 5 .   ? -7.019  6.300   13.394  1.00 57.15  ? 332 HOH A O     1 
HETATM 1206 O  O     . HOH G 5 .   ? 7.617   -7.636  15.687  1.00 92.08  ? 333 HOH A O     1 
HETATM 1207 O  O     . HOH G 5 .   ? 11.324  -21.405 -6.944  1.00 54.62  ? 334 HOH A O     1 
HETATM 1208 O  O     . HOH G 5 .   ? 5.705   -21.374 -4.442  1.00 32.57  ? 335 HOH A O     1 
HETATM 1209 O  O     . HOH G 5 .   ? -0.249  -2.789  13.014  1.00 60.65  ? 336 HOH A O     1 
HETATM 1210 O  O     . HOH G 5 .   ? 1.568   -6.280  -19.191 1.00 54.27  ? 337 HOH A O     1 
HETATM 1211 O  O     . HOH G 5 .   ? 8.111   0.535   24.162  1.00 72.32  ? 338 HOH A O     1 
HETATM 1212 O  O     . HOH G 5 .   ? 4.822   -2.625  -17.939 1.00 60.28  ? 339 HOH A O     1 
HETATM 1213 O  O     . HOH G 5 .   ? 14.362  -9.293  -18.741 1.00 65.78  ? 340 HOH A O     1 
HETATM 1214 O  O     . HOH G 5 .   ? 2.039   16.989  3.673   1.00 71.05  ? 341 HOH A O     1 
HETATM 1215 O  O     . HOH G 5 .   ? 1.780   -14.584 -10.041 1.00 52.78  ? 342 HOH A O     1 
HETATM 1216 O  O     . HOH G 5 .   ? -3.266  -4.129  14.952  1.00 60.04  ? 343 HOH A O     1 
HETATM 1217 O  O     . HOH G 5 .   ? 14.290  -6.139  -15.656 1.00 62.89  ? 344 HOH A O     1 
HETATM 1218 O  O     . HOH G 5 .   ? 8.754   4.025   22.703  1.00 69.80  ? 345 HOH A O     1 
HETATM 1219 O  O     . HOH G 5 .   ? 17.372  -15.438 -10.355 1.00 48.91  ? 346 HOH A O     1 
HETATM 1220 O  O     . HOH G 5 .   ? -20.465 16.705  3.036   1.00 55.12  ? 347 HOH A O     1 
HETATM 1221 O  O     . HOH G 5 .   ? -0.187  -2.160  -17.186 1.00 58.84  ? 348 HOH A O     1 
HETATM 1222 O  O     . HOH G 5 .   ? 15.671  -18.945 -7.128  1.00 70.01  ? 349 HOH A O     1 
HETATM 1223 O  O     . HOH G 5 .   ? -24.674 0.558   -0.262  1.00 59.20  ? 350 HOH A O     1 
HETATM 1224 O  O     . HOH G 5 .   ? 5.485   -19.826 4.074   1.00 67.17  ? 351 HOH A O     1 
HETATM 1225 O  O     . HOH G 5 .   ? -23.786 -0.374  7.688   1.00 53.50  ? 352 HOH A O     1 
HETATM 1226 O  O     . HOH G 5 .   ? 5.767   11.434  -10.238 1.00 57.06  ? 353 HOH A O     1 
HETATM 1227 O  O     . HOH G 5 .   ? 0.580   17.239  1.553   1.00 68.49  ? 354 HOH A O     1 
HETATM 1228 O  O     . HOH G 5 .   ? -17.035 6.897   8.971   1.00 45.19  ? 355 HOH A O     1 
HETATM 1229 O  O     . HOH G 5 .   ? -30.022 0.168   3.791   1.00 50.50  ? 356 HOH A O     1 
HETATM 1230 O  O     . HOH G 5 .   ? -3.468  -10.028 -6.245  1.00 54.43  ? 357 HOH A O     1 
HETATM 1231 O  O     . HOH G 5 .   ? 13.424  -20.643 -12.672 1.00 58.46  ? 358 HOH A O     1 
HETATM 1232 O  O     . HOH G 5 .   ? 0.641   -15.665 -6.786  1.00 60.02  ? 359 HOH A O     1 
HETATM 1233 O  O     . HOH G 5 .   ? 0.527   1.878   8.948   1.00 56.55  ? 360 HOH A O     1 
HETATM 1234 O  O     . HOH G 5 .   ? -4.114  -8.768  -12.387 1.00 57.94  ? 361 HOH A O     1 
HETATM 1235 O  O     . HOH G 5 .   ? -17.354 -1.109  15.152  1.00 57.39  ? 362 HOH A O     1 
HETATM 1236 O  O     . HOH G 5 .   ? -3.619  -8.441  -14.562 1.00 71.29  ? 363 HOH A O     1 
HETATM 1237 O  O     . HOH G 5 .   ? 11.434  9.034   -11.410 1.00 63.83  ? 364 HOH A O     1 
HETATM 1238 O  O     . HOH G 5 .   ? -5.334  -3.001  -8.756  1.00 59.87  ? 365 HOH A O     1 
HETATM 1239 O  O     . HOH G 5 .   ? 9.001   13.207  -6.574  1.00 55.75  ? 366 HOH A O     1 
HETATM 1240 O  O     . HOH G 5 .   ? 10.887  10.686  -9.236  1.00 59.15  ? 367 HOH A O     1 
HETATM 1241 O  O     . HOH G 5 .   ? -5.928  -1.941  -6.838  1.00 50.07  ? 368 HOH A O     1 
HETATM 1242 O  O     . HOH G 5 .   ? 3.124   16.544  -2.046  1.00 59.69  ? 369 HOH A O     1 
HETATM 1243 O  O     . HOH G 5 .   ? 3.243   -12.901 11.790  1.00 68.17  ? 370 HOH A O     1 
HETATM 1244 O  O     . HOH G 5 .   ? 10.519  12.150  -7.559  1.00 57.02  ? 371 HOH A O     1 
HETATM 1245 O  O     . HOH G 5 .   ? 5.927   0.619   7.306   1.00 70.53  ? 372 HOH A O     1 
HETATM 1246 O  O     . HOH G 5 .   ? -1.482  -0.457  -13.726 1.00 60.70  ? 373 HOH A O     1 
HETATM 1247 O  O     . HOH G 5 .   ? 9.227   9.247   -15.302 1.00 84.92  ? 374 HOH A O     1 
# 
